data_1NYD
# 
_entry.id   1NYD 
# 
_audit_conform.dict_name       mmcif_pdbx.dic 
_audit_conform.dict_version    5.392 
_audit_conform.dict_location   http://mmcif.pdb.org/dictionaries/ascii/mmcif_pdbx.dic 
# 
loop_
_database_2.database_id 
_database_2.database_code 
_database_2.pdbx_database_accession 
_database_2.pdbx_DOI 
PDB   1NYD         pdb_00001nyd 10.2210/pdb1nyd/pdb 
RCSB  RCSB018348   ?            ?                   
WWPDB D_1000018348 ?            ?                   
# 
loop_
_pdbx_audit_revision_history.ordinal 
_pdbx_audit_revision_history.data_content_type 
_pdbx_audit_revision_history.major_revision 
_pdbx_audit_revision_history.minor_revision 
_pdbx_audit_revision_history.revision_date 
1 'Structure model' 1 0 2004-02-24 
2 'Structure model' 1 1 2008-04-29 
3 'Structure model' 1 2 2011-07-13 
4 'Structure model' 1 3 2022-02-23 
5 'Structure model' 1 4 2024-05-22 
# 
_pdbx_audit_revision_details.ordinal             1 
_pdbx_audit_revision_details.revision_ordinal    1 
_pdbx_audit_revision_details.data_content_type   'Structure model' 
_pdbx_audit_revision_details.provider            repository 
_pdbx_audit_revision_details.type                'Initial release' 
_pdbx_audit_revision_details.description         ? 
_pdbx_audit_revision_details.details             ? 
# 
loop_
_pdbx_audit_revision_group.ordinal 
_pdbx_audit_revision_group.revision_ordinal 
_pdbx_audit_revision_group.data_content_type 
_pdbx_audit_revision_group.group 
1 2 'Structure model' 'Version format compliance' 
2 3 'Structure model' 'Version format compliance' 
3 4 'Structure model' 'Data collection'           
4 4 'Structure model' 'Database references'       
5 4 'Structure model' 'Derived calculations'      
6 5 'Structure model' 'Data collection'           
# 
loop_
_pdbx_audit_revision_category.ordinal 
_pdbx_audit_revision_category.revision_ordinal 
_pdbx_audit_revision_category.data_content_type 
_pdbx_audit_revision_category.category 
1 4 'Structure model' database_2            
2 4 'Structure model' pdbx_nmr_software     
3 4 'Structure model' pdbx_struct_assembly  
4 4 'Structure model' pdbx_struct_oper_list 
5 5 'Structure model' chem_comp_atom        
6 5 'Structure model' chem_comp_bond        
# 
loop_
_pdbx_audit_revision_item.ordinal 
_pdbx_audit_revision_item.revision_ordinal 
_pdbx_audit_revision_item.data_content_type 
_pdbx_audit_revision_item.item 
1 4 'Structure model' '_database_2.pdbx_DOI'                
2 4 'Structure model' '_database_2.pdbx_database_accession' 
3 4 'Structure model' '_pdbx_nmr_software.name'             
# 
_pdbx_database_status.status_code                     REL 
_pdbx_database_status.entry_id                        1NYD 
_pdbx_database_status.recvd_initial_deposition_date   2003-02-12 
_pdbx_database_status.deposit_site                    RCSB 
_pdbx_database_status.process_site                    RCSB 
_pdbx_database_status.status_code_mr                  REL 
_pdbx_database_status.SG_entry                        . 
_pdbx_database_status.pdb_format_compatible           Y 
_pdbx_database_status.status_code_sf                  ? 
_pdbx_database_status.status_code_cs                  ? 
_pdbx_database_status.status_code_nmr_data            ? 
_pdbx_database_status.methods_development_category    ? 
# 
_audit_author.name           'Webba da Silva, M.' 
_audit_author.pdbx_ordinal   1 
# 
_citation.id                        primary 
_citation.title                     'Association of DNA quadruplexes through G:C:G:C tetrads. Solution structure of d(GCGGTGGAT).' 
_citation.journal_abbrev            Biochemistry 
_citation.journal_volume            42 
_citation.page_first                14356 
_citation.page_last                 14365 
_citation.year                      2003 
_citation.journal_id_ASTM           BICHAW 
_citation.country                   US 
_citation.journal_id_ISSN           0006-2960 
_citation.journal_id_CSD            0033 
_citation.book_publisher            ? 
_citation.pdbx_database_id_PubMed   14661946 
_citation.pdbx_database_id_DOI      10.1021/bi0355185 
# 
_citation_author.citation_id        primary 
_citation_author.name               'Webba da Silva, M.' 
_citation_author.ordinal            1 
_citation_author.identifier_ORCID   ? 
# 
_entity.id                         1 
_entity.type                       polymer 
_entity.src_method                 syn 
_entity.pdbx_description           "5'-D(*GP*CP*GP*GP*TP*GP*GP*AP*T)-3'" 
_entity.formula_weight             2811.846 
_entity.pdbx_number_of_molecules   4 
_entity.pdbx_ec                    ? 
_entity.pdbx_mutation              ? 
_entity.pdbx_fragment              ? 
_entity.details                    ? 
# 
_entity_poly.entity_id                      1 
_entity_poly.type                           polydeoxyribonucleotide 
_entity_poly.nstd_linkage                   no 
_entity_poly.nstd_monomer                   no 
_entity_poly.pdbx_seq_one_letter_code       '(DG)(DC)(DG)(DG)(DT)(DG)(DG)(DA)(DT)' 
_entity_poly.pdbx_seq_one_letter_code_can   GCGGTGGAT 
_entity_poly.pdbx_strand_id                 A,B,C,D 
_entity_poly.pdbx_target_identifier         ? 
# 
loop_
_entity_poly_seq.entity_id 
_entity_poly_seq.num 
_entity_poly_seq.mon_id 
_entity_poly_seq.hetero 
1 1 DG n 
1 2 DC n 
1 3 DG n 
1 4 DG n 
1 5 DT n 
1 6 DG n 
1 7 DG n 
1 8 DA n 
1 9 DT n 
# 
loop_
_chem_comp.id 
_chem_comp.type 
_chem_comp.mon_nstd_flag 
_chem_comp.name 
_chem_comp.pdbx_synonyms 
_chem_comp.formula 
_chem_comp.formula_weight 
DA 'DNA linking' y "2'-DEOXYADENOSINE-5'-MONOPHOSPHATE" ? 'C10 H14 N5 O6 P' 331.222 
DC 'DNA linking' y "2'-DEOXYCYTIDINE-5'-MONOPHOSPHATE"  ? 'C9 H14 N3 O7 P'  307.197 
DG 'DNA linking' y "2'-DEOXYGUANOSINE-5'-MONOPHOSPHATE" ? 'C10 H14 N5 O7 P' 347.221 
DT 'DNA linking' y "THYMIDINE-5'-MONOPHOSPHATE"         ? 'C10 H15 N2 O8 P' 322.208 
# 
loop_
_pdbx_poly_seq_scheme.asym_id 
_pdbx_poly_seq_scheme.entity_id 
_pdbx_poly_seq_scheme.seq_id 
_pdbx_poly_seq_scheme.mon_id 
_pdbx_poly_seq_scheme.ndb_seq_num 
_pdbx_poly_seq_scheme.pdb_seq_num 
_pdbx_poly_seq_scheme.auth_seq_num 
_pdbx_poly_seq_scheme.pdb_mon_id 
_pdbx_poly_seq_scheme.auth_mon_id 
_pdbx_poly_seq_scheme.pdb_strand_id 
_pdbx_poly_seq_scheme.pdb_ins_code 
_pdbx_poly_seq_scheme.hetero 
A 1 1 DG 1 1 1 DG G A . n 
A 1 2 DC 2 2 2 DC C A . n 
A 1 3 DG 3 3 3 DG G A . n 
A 1 4 DG 4 4 4 DG G A . n 
A 1 5 DT 5 5 5 DT T A . n 
A 1 6 DG 6 6 6 DG G A . n 
A 1 7 DG 7 7 7 DG G A . n 
A 1 8 DA 8 8 8 DA A A . n 
A 1 9 DT 9 9 9 DT T A . n 
B 1 1 DG 1 1 1 DG G B . n 
B 1 2 DC 2 2 2 DC C B . n 
B 1 3 DG 3 3 3 DG G B . n 
B 1 4 DG 4 4 4 DG G B . n 
B 1 5 DT 5 5 5 DT T B . n 
B 1 6 DG 6 6 6 DG G B . n 
B 1 7 DG 7 7 7 DG G B . n 
B 1 8 DA 8 8 8 DA A B . n 
B 1 9 DT 9 9 9 DT T B . n 
C 1 1 DG 1 1 1 DG G C . n 
C 1 2 DC 2 2 2 DC C C . n 
C 1 3 DG 3 3 3 DG G C . n 
C 1 4 DG 4 4 4 DG G C . n 
C 1 5 DT 5 5 5 DT T C . n 
C 1 6 DG 6 6 6 DG G C . n 
C 1 7 DG 7 7 7 DG G C . n 
C 1 8 DA 8 8 8 DA A C . n 
C 1 9 DT 9 9 9 DT T C . n 
D 1 1 DG 1 1 1 DG G D . n 
D 1 2 DC 2 2 2 DC C D . n 
D 1 3 DG 3 3 3 DG G D . n 
D 1 4 DG 4 4 4 DG G D . n 
D 1 5 DT 5 5 5 DT T D . n 
D 1 6 DG 6 6 6 DG G D . n 
D 1 7 DG 7 7 7 DG G D . n 
D 1 8 DA 8 8 8 DA A D . n 
D 1 9 DT 9 9 9 DT T D . n 
# 
_cell.entry_id           1NYD 
_cell.length_a           1.000 
_cell.length_b           1.000 
_cell.length_c           1.000 
_cell.angle_alpha        90.00 
_cell.angle_beta         90.00 
_cell.angle_gamma        90.00 
_cell.Z_PDB              1 
_cell.pdbx_unique_axis   ? 
# 
_symmetry.entry_id                         1NYD 
_symmetry.space_group_name_H-M             'P 1' 
_symmetry.pdbx_full_space_group_name_H-M   ? 
_symmetry.cell_setting                     ? 
_symmetry.Int_Tables_number                1 
# 
_exptl.entry_id          1NYD 
_exptl.method            'SOLUTION NMR' 
_exptl.crystals_number   ? 
# 
_exptl_crystal.id                    1 
_exptl_crystal.density_meas          ? 
_exptl_crystal.density_Matthews      ? 
_exptl_crystal.density_percent_sol   ? 
_exptl_crystal.description           ? 
# 
_diffrn.id                     1 
_diffrn.ambient_temp           ? 
_diffrn.ambient_temp_details   ? 
_diffrn.crystal_id             1 
# 
_diffrn_radiation.diffrn_id                        1 
_diffrn_radiation.wavelength_id                    1 
_diffrn_radiation.pdbx_monochromatic_or_laue_m_l   M 
_diffrn_radiation.monochromator                    ? 
_diffrn_radiation.pdbx_diffrn_protocol             'SINGLE WAVELENGTH' 
_diffrn_radiation.pdbx_scattering_type             ? 
# 
_diffrn_radiation_wavelength.id           1 
_diffrn_radiation_wavelength.wavelength   . 
_diffrn_radiation_wavelength.wt           1.0 
# 
_struct.entry_id                  1NYD 
_struct.title                     'Solution structure of DNA quadruplex GCGGTGGAT' 
_struct.pdbx_model_details        ? 
_struct.pdbx_CASP_flag            ? 
_struct.pdbx_model_type_details   ? 
# 
_struct_keywords.entry_id        1NYD 
_struct_keywords.pdbx_keywords   DNA 
_struct_keywords.text            'quadruplex, parallel quadruplex, molecular propeller topology, double chain reversal, DNA' 
# 
loop_
_struct_asym.id 
_struct_asym.pdbx_blank_PDB_chainid_flag 
_struct_asym.pdbx_modified 
_struct_asym.entity_id 
_struct_asym.details 
A N N 1 ? 
B N N 1 ? 
C N N 1 ? 
D N N 1 ? 
# 
_struct_ref.id                         1 
_struct_ref.entity_id                  1 
_struct_ref.db_name                    PDB 
_struct_ref.db_code                    1NYD 
_struct_ref.pdbx_db_accession          1NYD 
_struct_ref.pdbx_db_isoform            ? 
_struct_ref.pdbx_seq_one_letter_code   ? 
_struct_ref.pdbx_align_begin           ? 
# 
loop_
_struct_ref_seq.align_id 
_struct_ref_seq.ref_id 
_struct_ref_seq.pdbx_PDB_id_code 
_struct_ref_seq.pdbx_strand_id 
_struct_ref_seq.seq_align_beg 
_struct_ref_seq.pdbx_seq_align_beg_ins_code 
_struct_ref_seq.seq_align_end 
_struct_ref_seq.pdbx_seq_align_end_ins_code 
_struct_ref_seq.pdbx_db_accession 
_struct_ref_seq.db_align_beg 
_struct_ref_seq.pdbx_db_align_beg_ins_code 
_struct_ref_seq.db_align_end 
_struct_ref_seq.pdbx_db_align_end_ins_code 
_struct_ref_seq.pdbx_auth_seq_align_beg 
_struct_ref_seq.pdbx_auth_seq_align_end 
1 1 1NYD A 1 ? 9 ? 1NYD 1 ? 9 ? 1 9 
2 1 1NYD B 1 ? 9 ? 1NYD 1 ? 9 ? 1 9 
3 1 1NYD C 1 ? 9 ? 1NYD 1 ? 9 ? 1 9 
4 1 1NYD D 1 ? 9 ? 1NYD 1 ? 9 ? 1 9 
# 
_pdbx_struct_assembly.id                   1 
_pdbx_struct_assembly.details              author_defined_assembly 
_pdbx_struct_assembly.method_details       ? 
_pdbx_struct_assembly.oligomeric_details   tetrameric 
_pdbx_struct_assembly.oligomeric_count     4 
# 
_pdbx_struct_assembly_gen.assembly_id       1 
_pdbx_struct_assembly_gen.oper_expression   1 
_pdbx_struct_assembly_gen.asym_id_list      A,B,C,D 
# 
_pdbx_struct_oper_list.id                   1 
_pdbx_struct_oper_list.type                 'identity operation' 
_pdbx_struct_oper_list.name                 1_555 
_pdbx_struct_oper_list.symmetry_operation   x,y,z 
_pdbx_struct_oper_list.matrix[1][1]         1.0000000000 
_pdbx_struct_oper_list.matrix[1][2]         0.0000000000 
_pdbx_struct_oper_list.matrix[1][3]         0.0000000000 
_pdbx_struct_oper_list.vector[1]            0.0000000000 
_pdbx_struct_oper_list.matrix[2][1]         0.0000000000 
_pdbx_struct_oper_list.matrix[2][2]         1.0000000000 
_pdbx_struct_oper_list.matrix[2][3]         0.0000000000 
_pdbx_struct_oper_list.vector[2]            0.0000000000 
_pdbx_struct_oper_list.matrix[3][1]         0.0000000000 
_pdbx_struct_oper_list.matrix[3][2]         0.0000000000 
_pdbx_struct_oper_list.matrix[3][3]         1.0000000000 
_pdbx_struct_oper_list.vector[3]            0.0000000000 
# 
_struct_biol.id                    1 
_struct_biol.pdbx_parent_biol_id   ? 
_struct_biol.details               ? 
# 
loop_
_struct_conn.id 
_struct_conn.conn_type_id 
_struct_conn.pdbx_leaving_atom_flag 
_struct_conn.pdbx_PDB_id 
_struct_conn.ptnr1_label_asym_id 
_struct_conn.ptnr1_label_comp_id 
_struct_conn.ptnr1_label_seq_id 
_struct_conn.ptnr1_label_atom_id 
_struct_conn.pdbx_ptnr1_label_alt_id 
_struct_conn.pdbx_ptnr1_PDB_ins_code 
_struct_conn.pdbx_ptnr1_standard_comp_id 
_struct_conn.ptnr1_symmetry 
_struct_conn.ptnr2_label_asym_id 
_struct_conn.ptnr2_label_comp_id 
_struct_conn.ptnr2_label_seq_id 
_struct_conn.ptnr2_label_atom_id 
_struct_conn.pdbx_ptnr2_label_alt_id 
_struct_conn.pdbx_ptnr2_PDB_ins_code 
_struct_conn.ptnr1_auth_asym_id 
_struct_conn.ptnr1_auth_comp_id 
_struct_conn.ptnr1_auth_seq_id 
_struct_conn.ptnr2_auth_asym_id 
_struct_conn.ptnr2_auth_comp_id 
_struct_conn.ptnr2_auth_seq_id 
_struct_conn.ptnr2_symmetry 
_struct_conn.pdbx_ptnr3_label_atom_id 
_struct_conn.pdbx_ptnr3_label_seq_id 
_struct_conn.pdbx_ptnr3_label_comp_id 
_struct_conn.pdbx_ptnr3_label_asym_id 
_struct_conn.pdbx_ptnr3_label_alt_id 
_struct_conn.pdbx_ptnr3_PDB_ins_code 
_struct_conn.details 
_struct_conn.pdbx_dist_value 
_struct_conn.pdbx_value_order 
_struct_conn.pdbx_role 
hydrog1  hydrog ? ? A DG 1 N1 ? ? ? 1_555 C DC 2 N3 ? ? A DG 1 C DC 2 1_555 ? ? ? ? ? ? WATSON-CRICK ? ? ? 
hydrog2  hydrog ? ? A DG 1 N2 ? ? ? 1_555 C DC 2 O2 ? ? A DG 1 C DC 2 1_555 ? ? ? ? ? ? WATSON-CRICK ? ? ? 
hydrog3  hydrog ? ? A DG 1 O6 ? ? ? 1_555 C DC 2 N4 ? ? A DG 1 C DC 2 1_555 ? ? ? ? ? ? WATSON-CRICK ? ? ? 
hydrog4  hydrog ? ? A DG 1 O6 ? ? ? 1_555 D DC 2 N4 ? ? A DG 1 D DC 2 1_555 ? ? ? ? ? ? 'DG-DC PAIR' ? ? ? 
hydrog5  hydrog ? ? A DC 2 N3 ? ? ? 1_555 C DG 1 N1 ? ? A DC 2 C DG 1 1_555 ? ? ? ? ? ? WATSON-CRICK ? ? ? 
hydrog6  hydrog ? ? A DC 2 N4 ? ? ? 1_555 C DG 1 O6 ? ? A DC 2 C DG 1 1_555 ? ? ? ? ? ? WATSON-CRICK ? ? ? 
hydrog7  hydrog ? ? A DC 2 O2 ? ? ? 1_555 C DG 1 N2 ? ? A DC 2 C DG 1 1_555 ? ? ? ? ? ? WATSON-CRICK ? ? ? 
hydrog8  hydrog ? ? A DC 2 N4 ? ? ? 1_555 D DG 1 O6 ? ? A DC 2 D DG 1 1_555 ? ? ? ? ? ? 'DC-DG PAIR' ? ? ? 
hydrog9  hydrog ? ? A DG 3 N1 ? ? ? 1_555 A DG 6 O6 ? ? A DG 3 A DG 6 1_555 ? ? ? ? ? ? TYPE_6_PAIR  ? ? ? 
hydrog10 hydrog ? ? A DG 3 N2 ? ? ? 1_555 A DG 6 N7 ? ? A DG 3 A DG 6 1_555 ? ? ? ? ? ? TYPE_6_PAIR  ? ? ? 
hydrog11 hydrog ? ? A DG 3 N7 ? ? ? 1_555 B DG 6 N2 ? ? A DG 3 B DG 6 1_555 ? ? ? ? ? ? TYPE_6_PAIR  ? ? ? 
hydrog12 hydrog ? ? A DG 3 O6 ? ? ? 1_555 B DG 6 N1 ? ? A DG 3 B DG 6 1_555 ? ? ? ? ? ? TYPE_6_PAIR  ? ? ? 
hydrog13 hydrog ? ? A DG 4 N1 ? ? ? 1_555 A DG 7 O6 ? ? A DG 4 A DG 7 1_555 ? ? ? ? ? ? TYPE_6_PAIR  ? ? ? 
hydrog14 hydrog ? ? A DG 4 N2 ? ? ? 1_555 A DG 7 N7 ? ? A DG 4 A DG 7 1_555 ? ? ? ? ? ? TYPE_6_PAIR  ? ? ? 
hydrog15 hydrog ? ? A DG 4 N7 ? ? ? 1_555 B DG 7 N2 ? ? A DG 4 B DG 7 1_555 ? ? ? ? ? ? TYPE_6_PAIR  ? ? ? 
hydrog16 hydrog ? ? A DG 4 O6 ? ? ? 1_555 B DG 7 N1 ? ? A DG 4 B DG 7 1_555 ? ? ? ? ? ? TYPE_6_PAIR  ? ? ? 
hydrog17 hydrog ? ? A DG 6 N1 ? ? ? 1_555 B DG 3 O6 ? ? A DG 6 B DG 3 1_555 ? ? ? ? ? ? TYPE_6_PAIR  ? ? ? 
hydrog18 hydrog ? ? A DG 6 N2 ? ? ? 1_555 B DG 3 N7 ? ? A DG 6 B DG 3 1_555 ? ? ? ? ? ? TYPE_6_PAIR  ? ? ? 
hydrog19 hydrog ? ? A DG 7 N1 ? ? ? 1_555 B DG 4 O6 ? ? A DG 7 B DG 4 1_555 ? ? ? ? ? ? TYPE_6_PAIR  ? ? ? 
hydrog20 hydrog ? ? A DG 7 N2 ? ? ? 1_555 B DG 4 N7 ? ? A DG 7 B DG 4 1_555 ? ? ? ? ? ? TYPE_6_PAIR  ? ? ? 
hydrog21 hydrog ? ? A DA 8 N1 ? ? ? 1_555 B DA 8 N6 ? ? A DA 8 B DA 8 1_555 ? ? ? ? ? ? TYPE_1_PAIR  ? ? ? 
hydrog22 hydrog ? ? A DA 8 N6 ? ? ? 1_555 B DA 8 N1 ? ? A DA 8 B DA 8 1_555 ? ? ? ? ? ? TYPE_1_PAIR  ? ? ? 
hydrog23 hydrog ? ? B DG 1 O6 ? ? ? 1_555 C DC 2 N4 ? ? B DG 1 C DC 2 1_555 ? ? ? ? ? ? 'DG-DC PAIR' ? ? ? 
hydrog24 hydrog ? ? B DG 1 N1 ? ? ? 1_555 D DC 2 N3 ? ? B DG 1 D DC 2 1_555 ? ? ? ? ? ? WATSON-CRICK ? ? ? 
hydrog25 hydrog ? ? B DG 1 N2 ? ? ? 1_555 D DC 2 O2 ? ? B DG 1 D DC 2 1_555 ? ? ? ? ? ? WATSON-CRICK ? ? ? 
hydrog26 hydrog ? ? B DG 1 O6 ? ? ? 1_555 D DC 2 N4 ? ? B DG 1 D DC 2 1_555 ? ? ? ? ? ? WATSON-CRICK ? ? ? 
hydrog27 hydrog ? ? B DC 2 N4 ? ? ? 1_555 C DG 1 O6 ? ? B DC 2 C DG 1 1_555 ? ? ? ? ? ? 'DC-DG PAIR' ? ? ? 
hydrog28 hydrog ? ? B DC 2 N3 ? ? ? 1_555 D DG 1 N1 ? ? B DC 2 D DG 1 1_555 ? ? ? ? ? ? WATSON-CRICK ? ? ? 
hydrog29 hydrog ? ? B DC 2 N4 ? ? ? 1_555 D DG 1 O6 ? ? B DC 2 D DG 1 1_555 ? ? ? ? ? ? WATSON-CRICK ? ? ? 
hydrog30 hydrog ? ? B DC 2 O2 ? ? ? 1_555 D DG 1 N2 ? ? B DC 2 D DG 1 1_555 ? ? ? ? ? ? WATSON-CRICK ? ? ? 
hydrog31 hydrog ? ? B DG 3 N1 ? ? ? 1_555 B DG 6 O6 ? ? B DG 3 B DG 6 1_555 ? ? ? ? ? ? TYPE_6_PAIR  ? ? ? 
hydrog32 hydrog ? ? B DG 3 N2 ? ? ? 1_555 B DG 6 N7 ? ? B DG 3 B DG 6 1_555 ? ? ? ? ? ? TYPE_6_PAIR  ? ? ? 
hydrog33 hydrog ? ? B DG 4 N1 ? ? ? 1_555 B DG 7 O6 ? ? B DG 4 B DG 7 1_555 ? ? ? ? ? ? TYPE_6_PAIR  ? ? ? 
hydrog34 hydrog ? ? B DG 4 N2 ? ? ? 1_555 B DG 7 N7 ? ? B DG 4 B DG 7 1_555 ? ? ? ? ? ? TYPE_6_PAIR  ? ? ? 
hydrog35 hydrog ? ? C DG 3 N1 ? ? ? 1_555 C DG 6 O6 ? ? C DG 3 C DG 6 1_555 ? ? ? ? ? ? TYPE_6_PAIR  ? ? ? 
hydrog36 hydrog ? ? C DG 3 N2 ? ? ? 1_555 C DG 6 N7 ? ? C DG 3 C DG 6 1_555 ? ? ? ? ? ? TYPE_6_PAIR  ? ? ? 
hydrog37 hydrog ? ? C DG 3 N7 ? ? ? 1_555 D DG 6 N2 ? ? C DG 3 D DG 6 1_555 ? ? ? ? ? ? TYPE_6_PAIR  ? ? ? 
hydrog38 hydrog ? ? C DG 3 O6 ? ? ? 1_555 D DG 6 N1 ? ? C DG 3 D DG 6 1_555 ? ? ? ? ? ? TYPE_6_PAIR  ? ? ? 
hydrog39 hydrog ? ? C DG 4 N1 ? ? ? 1_555 C DG 7 O6 ? ? C DG 4 C DG 7 1_555 ? ? ? ? ? ? TYPE_6_PAIR  ? ? ? 
hydrog40 hydrog ? ? C DG 4 N2 ? ? ? 1_555 C DG 7 N7 ? ? C DG 4 C DG 7 1_555 ? ? ? ? ? ? TYPE_6_PAIR  ? ? ? 
hydrog41 hydrog ? ? C DG 4 N7 ? ? ? 1_555 D DG 7 N2 ? ? C DG 4 D DG 7 1_555 ? ? ? ? ? ? TYPE_6_PAIR  ? ? ? 
hydrog42 hydrog ? ? C DG 4 O6 ? ? ? 1_555 D DG 7 N1 ? ? C DG 4 D DG 7 1_555 ? ? ? ? ? ? TYPE_6_PAIR  ? ? ? 
hydrog43 hydrog ? ? C DG 6 N1 ? ? ? 1_555 D DG 3 O6 ? ? C DG 6 D DG 3 1_555 ? ? ? ? ? ? TYPE_6_PAIR  ? ? ? 
hydrog44 hydrog ? ? C DG 6 N2 ? ? ? 1_555 D DG 3 N7 ? ? C DG 6 D DG 3 1_555 ? ? ? ? ? ? TYPE_6_PAIR  ? ? ? 
hydrog45 hydrog ? ? C DG 7 N1 ? ? ? 1_555 D DG 4 O6 ? ? C DG 7 D DG 4 1_555 ? ? ? ? ? ? TYPE_6_PAIR  ? ? ? 
hydrog46 hydrog ? ? C DG 7 N2 ? ? ? 1_555 D DG 4 N7 ? ? C DG 7 D DG 4 1_555 ? ? ? ? ? ? TYPE_6_PAIR  ? ? ? 
hydrog47 hydrog ? ? C DA 8 N1 ? ? ? 1_555 D DA 8 N6 ? ? C DA 8 D DA 8 1_555 ? ? ? ? ? ? TYPE_1_PAIR  ? ? ? 
hydrog48 hydrog ? ? C DA 8 N6 ? ? ? 1_555 D DA 8 N1 ? ? C DA 8 D DA 8 1_555 ? ? ? ? ? ? TYPE_1_PAIR  ? ? ? 
hydrog49 hydrog ? ? D DG 3 N1 ? ? ? 1_555 D DG 6 O6 ? ? D DG 3 D DG 6 1_555 ? ? ? ? ? ? TYPE_6_PAIR  ? ? ? 
hydrog50 hydrog ? ? D DG 3 N2 ? ? ? 1_555 D DG 6 N7 ? ? D DG 3 D DG 6 1_555 ? ? ? ? ? ? TYPE_6_PAIR  ? ? ? 
hydrog51 hydrog ? ? D DG 4 N1 ? ? ? 1_555 D DG 7 O6 ? ? D DG 4 D DG 7 1_555 ? ? ? ? ? ? TYPE_6_PAIR  ? ? ? 
hydrog52 hydrog ? ? D DG 4 N2 ? ? ? 1_555 D DG 7 N7 ? ? D DG 4 D DG 7 1_555 ? ? ? ? ? ? TYPE_6_PAIR  ? ? ? 
# 
_struct_conn_type.id          hydrog 
_struct_conn_type.criteria    ? 
_struct_conn_type.reference   ? 
# 
loop_
_pdbx_validate_rmsd_bond.id 
_pdbx_validate_rmsd_bond.PDB_model_num 
_pdbx_validate_rmsd_bond.auth_atom_id_1 
_pdbx_validate_rmsd_bond.auth_asym_id_1 
_pdbx_validate_rmsd_bond.auth_comp_id_1 
_pdbx_validate_rmsd_bond.auth_seq_id_1 
_pdbx_validate_rmsd_bond.PDB_ins_code_1 
_pdbx_validate_rmsd_bond.label_alt_id_1 
_pdbx_validate_rmsd_bond.auth_atom_id_2 
_pdbx_validate_rmsd_bond.auth_asym_id_2 
_pdbx_validate_rmsd_bond.auth_comp_id_2 
_pdbx_validate_rmsd_bond.auth_seq_id_2 
_pdbx_validate_rmsd_bond.PDB_ins_code_2 
_pdbx_validate_rmsd_bond.label_alt_id_2 
_pdbx_validate_rmsd_bond.bond_value 
_pdbx_validate_rmsd_bond.bond_target_value 
_pdbx_validate_rmsd_bond.bond_deviation 
_pdbx_validate_rmsd_bond.bond_standard_deviation 
_pdbx_validate_rmsd_bond.linker_flag 
1 1 C5 B DT 5 ? ? C7 B DT 5 ? ? 1.532 1.496 0.036  0.006 N 
2 1 C6 D DG 4 ? ? N1 D DG 4 ? ? 1.349 1.391 -0.042 0.007 N 
# 
loop_
_pdbx_validate_rmsd_angle.id 
_pdbx_validate_rmsd_angle.PDB_model_num 
_pdbx_validate_rmsd_angle.auth_atom_id_1 
_pdbx_validate_rmsd_angle.auth_asym_id_1 
_pdbx_validate_rmsd_angle.auth_comp_id_1 
_pdbx_validate_rmsd_angle.auth_seq_id_1 
_pdbx_validate_rmsd_angle.PDB_ins_code_1 
_pdbx_validate_rmsd_angle.label_alt_id_1 
_pdbx_validate_rmsd_angle.auth_atom_id_2 
_pdbx_validate_rmsd_angle.auth_asym_id_2 
_pdbx_validate_rmsd_angle.auth_comp_id_2 
_pdbx_validate_rmsd_angle.auth_seq_id_2 
_pdbx_validate_rmsd_angle.PDB_ins_code_2 
_pdbx_validate_rmsd_angle.label_alt_id_2 
_pdbx_validate_rmsd_angle.auth_atom_id_3 
_pdbx_validate_rmsd_angle.auth_asym_id_3 
_pdbx_validate_rmsd_angle.auth_comp_id_3 
_pdbx_validate_rmsd_angle.auth_seq_id_3 
_pdbx_validate_rmsd_angle.PDB_ins_code_3 
_pdbx_validate_rmsd_angle.label_alt_id_3 
_pdbx_validate_rmsd_angle.angle_value 
_pdbx_validate_rmsd_angle.angle_target_value 
_pdbx_validate_rmsd_angle.angle_deviation 
_pdbx_validate_rmsd_angle.angle_standard_deviation 
_pdbx_validate_rmsd_angle.linker_flag 
1  1 N9    A DG 1 ? ? "C1'" A DG 1 ? ? "C2'" A DG 1 ? ? 122.95 114.30 8.65  1.40 N 
2  1 "O4'" A DG 1 ? ? "C1'" A DG 1 ? ? N9    A DG 1 ? ? 114.76 108.30 6.46  0.30 N 
3  1 "C4'" A DC 2 ? ? "C3'" A DC 2 ? ? "C2'" A DC 2 ? ? 97.56  102.20 -4.64 0.70 N 
4  1 N1    A DC 2 ? ? "C1'" A DC 2 ? ? "C2'" A DC 2 ? ? 125.71 114.30 11.41 1.40 N 
5  1 N1    A DC 2 ? ? C2    A DC 2 ? ? O2    A DC 2 ? ? 123.12 118.90 4.22  0.60 N 
6  1 "C3'" A DC 2 ? ? "O3'" A DC 2 ? ? P     A DG 3 ? ? 131.33 119.70 11.63 1.20 Y 
7  1 "C4'" A DG 3 ? ? "C3'" A DG 3 ? ? "C2'" A DG 3 ? ? 97.08  102.20 -5.12 0.70 N 
8  1 "O4'" A DG 3 ? ? "C1'" A DG 3 ? ? N9    A DG 3 ? ? 117.47 108.30 9.17  0.30 N 
9  1 "C3'" A DG 4 ? ? "C2'" A DG 4 ? ? "C1'" A DG 4 ? ? 96.77  102.40 -5.63 0.80 N 
10 1 "O4'" A DG 4 ? ? "C1'" A DG 4 ? ? N9    A DG 4 ? ? 110.49 108.30 2.19  0.30 N 
11 1 "O4'" A DT 5 ? ? "C1'" A DT 5 ? ? "C2'" A DT 5 ? ? 97.24  105.90 -8.66 0.80 N 
12 1 "O4'" A DT 5 ? ? "C1'" A DT 5 ? ? N1    A DT 5 ? ? 113.50 108.30 5.20  0.30 N 
13 1 "C4'" A DG 6 ? ? "C3'" A DG 6 ? ? "C2'" A DG 6 ? ? 96.34  102.20 -5.86 0.70 N 
14 1 "O4'" A DG 6 ? ? "C1'" A DG 6 ? ? "C2'" A DG 6 ? ? 97.29  105.90 -8.61 0.80 N 
15 1 "O4'" A DG 6 ? ? "C1'" A DG 6 ? ? N9    A DG 6 ? ? 112.58 108.30 4.28  0.30 N 
16 1 "O4'" A DG 7 ? ? "C1'" A DG 7 ? ? "C2'" A DG 7 ? ? 100.56 105.90 -5.34 0.80 N 
17 1 "C3'" A DG 7 ? ? "O3'" A DG 7 ? ? P     A DA 8 ? ? 129.03 119.70 9.33  1.20 Y 
18 1 "C4'" A DA 8 ? ? "C3'" A DA 8 ? ? "C2'" A DA 8 ? ? 97.75  102.20 -4.45 0.70 N 
19 1 "C3'" A DA 8 ? ? "C2'" A DA 8 ? ? "C1'" A DA 8 ? ? 97.50  102.40 -4.90 0.80 N 
20 1 "O4'" A DA 8 ? ? "C1'" A DA 8 ? ? N9    A DA 8 ? ? 111.66 108.30 3.36  0.30 N 
21 1 "O4'" A DT 9 ? ? "C4'" A DT 9 ? ? "C3'" A DT 9 ? ? 102.07 104.50 -2.43 0.40 N 
22 1 "C4'" A DT 9 ? ? "C3'" A DT 9 ? ? "C2'" A DT 9 ? ? 97.68  102.20 -4.52 0.70 N 
23 1 "O4'" A DT 9 ? ? "C1'" A DT 9 ? ? N1    A DT 9 ? ? 110.39 108.30 2.09  0.30 N 
24 1 C6    A DT 9 ? ? C5    A DT 9 ? ? C7    A DT 9 ? ? 117.41 122.90 -5.49 0.60 N 
25 1 N9    B DG 1 ? ? "C1'" B DG 1 ? ? "C2'" B DG 1 ? ? 122.90 114.30 8.60  1.40 N 
26 1 "O4'" B DG 1 ? ? "C1'" B DG 1 ? ? N9    B DG 1 ? ? 114.77 108.30 6.47  0.30 N 
27 1 "C4'" B DC 2 ? ? "C3'" B DC 2 ? ? "C2'" B DC 2 ? ? 97.48  102.20 -4.72 0.70 N 
28 1 N1    B DC 2 ? ? "C1'" B DC 2 ? ? "C2'" B DC 2 ? ? 125.74 114.30 11.44 1.40 N 
29 1 N1    B DC 2 ? ? C2    B DC 2 ? ? O2    B DC 2 ? ? 123.09 118.90 4.19  0.60 N 
30 1 "C3'" B DC 2 ? ? "O3'" B DC 2 ? ? P     B DG 3 ? ? 131.34 119.70 11.64 1.20 Y 
31 1 "C4'" B DG 3 ? ? "C3'" B DG 3 ? ? "C2'" B DG 3 ? ? 97.25  102.20 -4.95 0.70 N 
32 1 "O4'" B DG 3 ? ? "C1'" B DG 3 ? ? N9    B DG 3 ? ? 117.50 108.30 9.20  0.30 N 
33 1 "C3'" B DG 4 ? ? "C2'" B DG 4 ? ? "C1'" B DG 4 ? ? 96.64  102.40 -5.76 0.80 N 
34 1 "O4'" B DG 4 ? ? "C1'" B DG 4 ? ? N9    B DG 4 ? ? 110.40 108.30 2.10  0.30 N 
35 1 "O4'" B DT 5 ? ? "C1'" B DT 5 ? ? "C2'" B DT 5 ? ? 97.26  105.90 -8.64 0.80 N 
36 1 "O4'" B DT 5 ? ? "C1'" B DT 5 ? ? N1    B DT 5 ? ? 113.57 108.30 5.27  0.30 N 
37 1 "C4'" B DG 6 ? ? "C3'" B DG 6 ? ? "C2'" B DG 6 ? ? 96.54  102.20 -5.66 0.70 N 
38 1 "O4'" B DG 6 ? ? "C1'" B DG 6 ? ? "C2'" B DG 6 ? ? 97.34  105.90 -8.56 0.80 N 
39 1 "O4'" B DG 6 ? ? "C1'" B DG 6 ? ? N9    B DG 6 ? ? 112.62 108.30 4.32  0.30 N 
40 1 "O4'" B DG 7 ? ? "C1'" B DG 7 ? ? "C2'" B DG 7 ? ? 100.28 105.90 -5.62 0.80 N 
41 1 "C3'" B DG 7 ? ? "O3'" B DG 7 ? ? P     B DA 8 ? ? 129.04 119.70 9.34  1.20 Y 
42 1 "C4'" B DA 8 ? ? "C3'" B DA 8 ? ? "C2'" B DA 8 ? ? 97.77  102.20 -4.43 0.70 N 
43 1 "C3'" B DA 8 ? ? "C2'" B DA 8 ? ? "C1'" B DA 8 ? ? 97.47  102.40 -4.93 0.80 N 
44 1 "O4'" B DA 8 ? ? "C1'" B DA 8 ? ? N9    B DA 8 ? ? 111.45 108.30 3.15  0.30 N 
45 1 "O4'" B DT 9 ? ? "C4'" B DT 9 ? ? "C3'" B DT 9 ? ? 102.06 104.50 -2.44 0.40 N 
46 1 "C4'" B DT 9 ? ? "C3'" B DT 9 ? ? "C2'" B DT 9 ? ? 97.96  102.20 -4.24 0.70 N 
47 1 "O4'" B DT 9 ? ? "C1'" B DT 9 ? ? N1    B DT 9 ? ? 110.18 108.30 1.88  0.30 N 
48 1 C6    B DT 9 ? ? C5    B DT 9 ? ? C7    B DT 9 ? ? 117.40 122.90 -5.50 0.60 N 
49 1 N9    C DG 1 ? ? "C1'" C DG 1 ? ? "C2'" C DG 1 ? ? 122.93 114.30 8.63  1.40 N 
50 1 "O4'" C DG 1 ? ? "C1'" C DG 1 ? ? N9    C DG 1 ? ? 114.80 108.30 6.50  0.30 N 
51 1 "C4'" C DC 2 ? ? "C3'" C DC 2 ? ? "C2'" C DC 2 ? ? 97.51  102.20 -4.69 0.70 N 
52 1 N1    C DC 2 ? ? "C1'" C DC 2 ? ? "C2'" C DC 2 ? ? 125.75 114.30 11.45 1.40 N 
53 1 N1    C DC 2 ? ? C2    C DC 2 ? ? O2    C DC 2 ? ? 123.08 118.90 4.18  0.60 N 
54 1 "C3'" C DC 2 ? ? "O3'" C DC 2 ? ? P     C DG 3 ? ? 131.29 119.70 11.59 1.20 Y 
55 1 "C4'" C DG 3 ? ? "C3'" C DG 3 ? ? "C2'" C DG 3 ? ? 97.24  102.20 -4.96 0.70 N 
56 1 "O4'" C DG 3 ? ? "C1'" C DG 3 ? ? N9    C DG 3 ? ? 117.46 108.30 9.16  0.30 N 
57 1 "C3'" C DG 4 ? ? "C2'" C DG 4 ? ? "C1'" C DG 4 ? ? 96.68  102.40 -5.72 0.80 N 
58 1 "O4'" C DG 4 ? ? "C1'" C DG 4 ? ? N9    C DG 4 ? ? 110.41 108.30 2.11  0.30 N 
59 1 "O4'" C DT 5 ? ? "C1'" C DT 5 ? ? "C2'" C DT 5 ? ? 97.22  105.90 -8.68 0.80 N 
60 1 "O4'" C DT 5 ? ? "C1'" C DT 5 ? ? N1    C DT 5 ? ? 113.53 108.30 5.23  0.30 N 
61 1 "C4'" C DG 6 ? ? "C3'" C DG 6 ? ? "C2'" C DG 6 ? ? 96.53  102.20 -5.67 0.70 N 
62 1 "O4'" C DG 6 ? ? "C1'" C DG 6 ? ? "C2'" C DG 6 ? ? 97.39  105.90 -8.51 0.80 N 
63 1 "O4'" C DG 6 ? ? "C1'" C DG 6 ? ? N9    C DG 6 ? ? 112.59 108.30 4.29  0.30 N 
64 1 "O4'" C DG 7 ? ? "C1'" C DG 7 ? ? "C2'" C DG 7 ? ? 100.31 105.90 -5.59 0.80 N 
65 1 "C3'" C DG 7 ? ? "O3'" C DG 7 ? ? P     C DA 8 ? ? 129.07 119.70 9.37  1.20 Y 
66 1 "C4'" C DA 8 ? ? "C3'" C DA 8 ? ? "C2'" C DA 8 ? ? 97.73  102.20 -4.47 0.70 N 
67 1 "C3'" C DA 8 ? ? "C2'" C DA 8 ? ? "C1'" C DA 8 ? ? 97.50  102.40 -4.90 0.80 N 
68 1 "O4'" C DA 8 ? ? "C1'" C DA 8 ? ? N9    C DA 8 ? ? 111.43 108.30 3.13  0.30 N 
69 1 "O4'" C DT 9 ? ? "C4'" C DT 9 ? ? "C3'" C DT 9 ? ? 102.05 104.50 -2.45 0.40 N 
70 1 "C4'" C DT 9 ? ? "C3'" C DT 9 ? ? "C2'" C DT 9 ? ? 97.92  102.20 -4.28 0.70 N 
71 1 "O4'" C DT 9 ? ? "C1'" C DT 9 ? ? N1    C DT 9 ? ? 110.17 108.30 1.87  0.30 N 
72 1 C6    C DT 9 ? ? C5    C DT 9 ? ? C7    C DT 9 ? ? 117.44 122.90 -5.46 0.60 N 
73 1 N9    D DG 1 ? ? "C1'" D DG 1 ? ? "C2'" D DG 1 ? ? 122.84 114.30 8.54  1.40 N 
74 1 "O4'" D DG 1 ? ? "C1'" D DG 1 ? ? N9    D DG 1 ? ? 114.80 108.30 6.50  0.30 N 
75 1 "C4'" D DC 2 ? ? "C3'" D DC 2 ? ? "C2'" D DC 2 ? ? 97.50  102.20 -4.70 0.70 N 
76 1 N1    D DC 2 ? ? "C1'" D DC 2 ? ? "C2'" D DC 2 ? ? 125.80 114.30 11.50 1.40 N 
77 1 N1    D DC 2 ? ? C2    D DC 2 ? ? O2    D DC 2 ? ? 123.16 118.90 4.26  0.60 N 
78 1 "C3'" D DC 2 ? ? "O3'" D DC 2 ? ? P     D DG 3 ? ? 131.35 119.70 11.65 1.20 Y 
79 1 "C4'" D DG 3 ? ? "C3'" D DG 3 ? ? "C2'" D DG 3 ? ? 97.21  102.20 -4.99 0.70 N 
80 1 "O4'" D DG 3 ? ? "C1'" D DG 3 ? ? N9    D DG 3 ? ? 117.46 108.30 9.16  0.30 N 
81 1 "C3'" D DG 4 ? ? "C2'" D DG 4 ? ? "C1'" D DG 4 ? ? 96.67  102.40 -5.73 0.80 N 
82 1 "O4'" D DG 4 ? ? "C1'" D DG 4 ? ? N9    D DG 4 ? ? 110.44 108.30 2.14  0.30 N 
83 1 "O4'" D DT 5 ? ? "C1'" D DT 5 ? ? "C2'" D DT 5 ? ? 97.22  105.90 -8.68 0.80 N 
84 1 "O4'" D DT 5 ? ? "C1'" D DT 5 ? ? N1    D DT 5 ? ? 113.53 108.30 5.23  0.30 N 
85 1 "C4'" D DG 6 ? ? "C3'" D DG 6 ? ? "C2'" D DG 6 ? ? 96.52  102.20 -5.68 0.70 N 
86 1 "O4'" D DG 6 ? ? "C1'" D DG 6 ? ? "C2'" D DG 6 ? ? 97.34  105.90 -8.56 0.80 N 
87 1 "O4'" D DG 6 ? ? "C1'" D DG 6 ? ? N9    D DG 6 ? ? 112.63 108.30 4.33  0.30 N 
88 1 "O4'" D DG 7 ? ? "C1'" D DG 7 ? ? "C2'" D DG 7 ? ? 100.25 105.90 -5.65 0.80 N 
89 1 "C3'" D DG 7 ? ? "O3'" D DG 7 ? ? P     D DA 8 ? ? 129.06 119.70 9.36  1.20 Y 
90 1 "C4'" D DA 8 ? ? "C3'" D DA 8 ? ? "C2'" D DA 8 ? ? 97.72  102.20 -4.48 0.70 N 
91 1 "C3'" D DA 8 ? ? "C2'" D DA 8 ? ? "C1'" D DA 8 ? ? 97.50  102.40 -4.90 0.80 N 
92 1 "O4'" D DA 8 ? ? "C1'" D DA 8 ? ? N9    D DA 8 ? ? 111.42 108.30 3.12  0.30 N 
93 1 "O4'" D DT 9 ? ? "C4'" D DT 9 ? ? "C3'" D DT 9 ? ? 102.09 104.50 -2.41 0.40 N 
94 1 "C4'" D DT 9 ? ? "C3'" D DT 9 ? ? "C2'" D DT 9 ? ? 97.92  102.20 -4.28 0.70 N 
95 1 "O4'" D DT 9 ? ? "C1'" D DT 9 ? ? N1    D DT 9 ? ? 110.24 108.30 1.94  0.30 N 
96 1 C6    D DT 9 ? ? C5    D DT 9 ? ? C7    D DT 9 ? ? 117.38 122.90 -5.52 0.60 N 
# 
_pdbx_nmr_ensemble.entry_id                             1NYD 
_pdbx_nmr_ensemble.conformers_calculated_total_number   ? 
_pdbx_nmr_ensemble.conformers_submitted_total_number    1 
_pdbx_nmr_ensemble.conformer_selection_criteria         ? 
# 
loop_
_pdbx_nmr_sample_details.solution_id 
_pdbx_nmr_sample_details.contents 
_pdbx_nmr_sample_details.solvent_system 
1 '4 mM sample in 100 mM NaCl, 2 mM phosphate' '99.9% D2O'       
2 '4 mM sample in 100 mM NaCl, 2 mM phosphate' '90% H2O/10% D2O' 
# 
loop_
_pdbx_nmr_exptl_sample_conditions.conditions_id 
_pdbx_nmr_exptl_sample_conditions.temperature 
_pdbx_nmr_exptl_sample_conditions.pressure 
_pdbx_nmr_exptl_sample_conditions.pH 
_pdbx_nmr_exptl_sample_conditions.ionic_strength 
_pdbx_nmr_exptl_sample_conditions.pressure_units 
_pdbx_nmr_exptl_sample_conditions.temperature_units 
1 293 1 6.6 '100 mM NaCl' atm K 
2 273 1 6.6 '100 mM NaCl' atm K 
# 
loop_
_pdbx_nmr_exptl.experiment_id 
_pdbx_nmr_exptl.solution_id 
_pdbx_nmr_exptl.conditions_id 
_pdbx_nmr_exptl.type 
1 1 1 '2D NOESY'     
2 1 1 '2D TOCSY'     
3 1 1 DQF-COSY       
4 1 1 '(1H,13C)HSQC' 
5 2 2 '(1H,15N)HSQC' 
6 2 2 JR-HMBC        
# 
_pdbx_nmr_details.entry_id   1NYD 
_pdbx_nmr_details.text       
;Structure determined using homo- and heteronuclear techniques with explicit correlations between exchangeable and non-exchangeable signals.
;
# 
_pdbx_nmr_refine.entry_id           1NYD 
_pdbx_nmr_refine.method             'distance geometry, simulated annealing, molecular dynamics' 
_pdbx_nmr_refine.details            ? 
_pdbx_nmr_refine.software_ordinal   1 
# 
loop_
_pdbx_nmr_software.name 
_pdbx_nmr_software.version 
_pdbx_nmr_software.classification 
_pdbx_nmr_software.authors 
_pdbx_nmr_software.ordinal 
Felix        1998 processing      MSI      1 
X-PLOR       3.1  refinement      Brunger  2 
'Insight II' 2000 'data analysis' Accelrys 3 
# 
loop_
_chem_comp_atom.comp_id 
_chem_comp_atom.atom_id 
_chem_comp_atom.type_symbol 
_chem_comp_atom.pdbx_aromatic_flag 
_chem_comp_atom.pdbx_stereo_config 
_chem_comp_atom.pdbx_ordinal 
DA OP3    O N N 1   
DA P      P N N 2   
DA OP1    O N N 3   
DA OP2    O N N 4   
DA "O5'"  O N N 5   
DA "C5'"  C N N 6   
DA "C4'"  C N R 7   
DA "O4'"  O N N 8   
DA "C3'"  C N S 9   
DA "O3'"  O N N 10  
DA "C2'"  C N N 11  
DA "C1'"  C N R 12  
DA N9     N Y N 13  
DA C8     C Y N 14  
DA N7     N Y N 15  
DA C5     C Y N 16  
DA C6     C Y N 17  
DA N6     N N N 18  
DA N1     N Y N 19  
DA C2     C Y N 20  
DA N3     N Y N 21  
DA C4     C Y N 22  
DA HOP3   H N N 23  
DA HOP2   H N N 24  
DA "H5'"  H N N 25  
DA "H5''" H N N 26  
DA "H4'"  H N N 27  
DA "H3'"  H N N 28  
DA "HO3'" H N N 29  
DA "H2'"  H N N 30  
DA "H2''" H N N 31  
DA "H1'"  H N N 32  
DA H8     H N N 33  
DA H61    H N N 34  
DA H62    H N N 35  
DA H2     H N N 36  
DC OP3    O N N 37  
DC P      P N N 38  
DC OP1    O N N 39  
DC OP2    O N N 40  
DC "O5'"  O N N 41  
DC "C5'"  C N N 42  
DC "C4'"  C N R 43  
DC "O4'"  O N N 44  
DC "C3'"  C N S 45  
DC "O3'"  O N N 46  
DC "C2'"  C N N 47  
DC "C1'"  C N R 48  
DC N1     N N N 49  
DC C2     C N N 50  
DC O2     O N N 51  
DC N3     N N N 52  
DC C4     C N N 53  
DC N4     N N N 54  
DC C5     C N N 55  
DC C6     C N N 56  
DC HOP3   H N N 57  
DC HOP2   H N N 58  
DC "H5'"  H N N 59  
DC "H5''" H N N 60  
DC "H4'"  H N N 61  
DC "H3'"  H N N 62  
DC "HO3'" H N N 63  
DC "H2'"  H N N 64  
DC "H2''" H N N 65  
DC "H1'"  H N N 66  
DC H41    H N N 67  
DC H42    H N N 68  
DC H5     H N N 69  
DC H6     H N N 70  
DG OP3    O N N 71  
DG P      P N N 72  
DG OP1    O N N 73  
DG OP2    O N N 74  
DG "O5'"  O N N 75  
DG "C5'"  C N N 76  
DG "C4'"  C N R 77  
DG "O4'"  O N N 78  
DG "C3'"  C N S 79  
DG "O3'"  O N N 80  
DG "C2'"  C N N 81  
DG "C1'"  C N R 82  
DG N9     N Y N 83  
DG C8     C Y N 84  
DG N7     N Y N 85  
DG C5     C Y N 86  
DG C6     C N N 87  
DG O6     O N N 88  
DG N1     N N N 89  
DG C2     C N N 90  
DG N2     N N N 91  
DG N3     N N N 92  
DG C4     C Y N 93  
DG HOP3   H N N 94  
DG HOP2   H N N 95  
DG "H5'"  H N N 96  
DG "H5''" H N N 97  
DG "H4'"  H N N 98  
DG "H3'"  H N N 99  
DG "HO3'" H N N 100 
DG "H2'"  H N N 101 
DG "H2''" H N N 102 
DG "H1'"  H N N 103 
DG H8     H N N 104 
DG H1     H N N 105 
DG H21    H N N 106 
DG H22    H N N 107 
DT OP3    O N N 108 
DT P      P N N 109 
DT OP1    O N N 110 
DT OP2    O N N 111 
DT "O5'"  O N N 112 
DT "C5'"  C N N 113 
DT "C4'"  C N R 114 
DT "O4'"  O N N 115 
DT "C3'"  C N S 116 
DT "O3'"  O N N 117 
DT "C2'"  C N N 118 
DT "C1'"  C N R 119 
DT N1     N N N 120 
DT C2     C N N 121 
DT O2     O N N 122 
DT N3     N N N 123 
DT C4     C N N 124 
DT O4     O N N 125 
DT C5     C N N 126 
DT C7     C N N 127 
DT C6     C N N 128 
DT HOP3   H N N 129 
DT HOP2   H N N 130 
DT "H5'"  H N N 131 
DT "H5''" H N N 132 
DT "H4'"  H N N 133 
DT "H3'"  H N N 134 
DT "HO3'" H N N 135 
DT "H2'"  H N N 136 
DT "H2''" H N N 137 
DT "H1'"  H N N 138 
DT H3     H N N 139 
DT H71    H N N 140 
DT H72    H N N 141 
DT H73    H N N 142 
DT H6     H N N 143 
# 
loop_
_chem_comp_bond.comp_id 
_chem_comp_bond.atom_id_1 
_chem_comp_bond.atom_id_2 
_chem_comp_bond.value_order 
_chem_comp_bond.pdbx_aromatic_flag 
_chem_comp_bond.pdbx_stereo_config 
_chem_comp_bond.pdbx_ordinal 
DA OP3   P      sing N N 1   
DA OP3   HOP3   sing N N 2   
DA P     OP1    doub N N 3   
DA P     OP2    sing N N 4   
DA P     "O5'"  sing N N 5   
DA OP2   HOP2   sing N N 6   
DA "O5'" "C5'"  sing N N 7   
DA "C5'" "C4'"  sing N N 8   
DA "C5'" "H5'"  sing N N 9   
DA "C5'" "H5''" sing N N 10  
DA "C4'" "O4'"  sing N N 11  
DA "C4'" "C3'"  sing N N 12  
DA "C4'" "H4'"  sing N N 13  
DA "O4'" "C1'"  sing N N 14  
DA "C3'" "O3'"  sing N N 15  
DA "C3'" "C2'"  sing N N 16  
DA "C3'" "H3'"  sing N N 17  
DA "O3'" "HO3'" sing N N 18  
DA "C2'" "C1'"  sing N N 19  
DA "C2'" "H2'"  sing N N 20  
DA "C2'" "H2''" sing N N 21  
DA "C1'" N9     sing N N 22  
DA "C1'" "H1'"  sing N N 23  
DA N9    C8     sing Y N 24  
DA N9    C4     sing Y N 25  
DA C8    N7     doub Y N 26  
DA C8    H8     sing N N 27  
DA N7    C5     sing Y N 28  
DA C5    C6     sing Y N 29  
DA C5    C4     doub Y N 30  
DA C6    N6     sing N N 31  
DA C6    N1     doub Y N 32  
DA N6    H61    sing N N 33  
DA N6    H62    sing N N 34  
DA N1    C2     sing Y N 35  
DA C2    N3     doub Y N 36  
DA C2    H2     sing N N 37  
DA N3    C4     sing Y N 38  
DC OP3   P      sing N N 39  
DC OP3   HOP3   sing N N 40  
DC P     OP1    doub N N 41  
DC P     OP2    sing N N 42  
DC P     "O5'"  sing N N 43  
DC OP2   HOP2   sing N N 44  
DC "O5'" "C5'"  sing N N 45  
DC "C5'" "C4'"  sing N N 46  
DC "C5'" "H5'"  sing N N 47  
DC "C5'" "H5''" sing N N 48  
DC "C4'" "O4'"  sing N N 49  
DC "C4'" "C3'"  sing N N 50  
DC "C4'" "H4'"  sing N N 51  
DC "O4'" "C1'"  sing N N 52  
DC "C3'" "O3'"  sing N N 53  
DC "C3'" "C2'"  sing N N 54  
DC "C3'" "H3'"  sing N N 55  
DC "O3'" "HO3'" sing N N 56  
DC "C2'" "C1'"  sing N N 57  
DC "C2'" "H2'"  sing N N 58  
DC "C2'" "H2''" sing N N 59  
DC "C1'" N1     sing N N 60  
DC "C1'" "H1'"  sing N N 61  
DC N1    C2     sing N N 62  
DC N1    C6     sing N N 63  
DC C2    O2     doub N N 64  
DC C2    N3     sing N N 65  
DC N3    C4     doub N N 66  
DC C4    N4     sing N N 67  
DC C4    C5     sing N N 68  
DC N4    H41    sing N N 69  
DC N4    H42    sing N N 70  
DC C5    C6     doub N N 71  
DC C5    H5     sing N N 72  
DC C6    H6     sing N N 73  
DG OP3   P      sing N N 74  
DG OP3   HOP3   sing N N 75  
DG P     OP1    doub N N 76  
DG P     OP2    sing N N 77  
DG P     "O5'"  sing N N 78  
DG OP2   HOP2   sing N N 79  
DG "O5'" "C5'"  sing N N 80  
DG "C5'" "C4'"  sing N N 81  
DG "C5'" "H5'"  sing N N 82  
DG "C5'" "H5''" sing N N 83  
DG "C4'" "O4'"  sing N N 84  
DG "C4'" "C3'"  sing N N 85  
DG "C4'" "H4'"  sing N N 86  
DG "O4'" "C1'"  sing N N 87  
DG "C3'" "O3'"  sing N N 88  
DG "C3'" "C2'"  sing N N 89  
DG "C3'" "H3'"  sing N N 90  
DG "O3'" "HO3'" sing N N 91  
DG "C2'" "C1'"  sing N N 92  
DG "C2'" "H2'"  sing N N 93  
DG "C2'" "H2''" sing N N 94  
DG "C1'" N9     sing N N 95  
DG "C1'" "H1'"  sing N N 96  
DG N9    C8     sing Y N 97  
DG N9    C4     sing Y N 98  
DG C8    N7     doub Y N 99  
DG C8    H8     sing N N 100 
DG N7    C5     sing Y N 101 
DG C5    C6     sing N N 102 
DG C5    C4     doub Y N 103 
DG C6    O6     doub N N 104 
DG C6    N1     sing N N 105 
DG N1    C2     sing N N 106 
DG N1    H1     sing N N 107 
DG C2    N2     sing N N 108 
DG C2    N3     doub N N 109 
DG N2    H21    sing N N 110 
DG N2    H22    sing N N 111 
DG N3    C4     sing N N 112 
DT OP3   P      sing N N 113 
DT OP3   HOP3   sing N N 114 
DT P     OP1    doub N N 115 
DT P     OP2    sing N N 116 
DT P     "O5'"  sing N N 117 
DT OP2   HOP2   sing N N 118 
DT "O5'" "C5'"  sing N N 119 
DT "C5'" "C4'"  sing N N 120 
DT "C5'" "H5'"  sing N N 121 
DT "C5'" "H5''" sing N N 122 
DT "C4'" "O4'"  sing N N 123 
DT "C4'" "C3'"  sing N N 124 
DT "C4'" "H4'"  sing N N 125 
DT "O4'" "C1'"  sing N N 126 
DT "C3'" "O3'"  sing N N 127 
DT "C3'" "C2'"  sing N N 128 
DT "C3'" "H3'"  sing N N 129 
DT "O3'" "HO3'" sing N N 130 
DT "C2'" "C1'"  sing N N 131 
DT "C2'" "H2'"  sing N N 132 
DT "C2'" "H2''" sing N N 133 
DT "C1'" N1     sing N N 134 
DT "C1'" "H1'"  sing N N 135 
DT N1    C2     sing N N 136 
DT N1    C6     sing N N 137 
DT C2    O2     doub N N 138 
DT C2    N3     sing N N 139 
DT N3    C4     sing N N 140 
DT N3    H3     sing N N 141 
DT C4    O4     doub N N 142 
DT C4    C5     sing N N 143 
DT C5    C7     sing N N 144 
DT C5    C6     doub N N 145 
DT C7    H71    sing N N 146 
DT C7    H72    sing N N 147 
DT C7    H73    sing N N 148 
DT C6    H6     sing N N 149 
# 
_ndb_struct_conf_na.entry_id   1NYD 
_ndb_struct_conf_na.feature    'quadruple helix' 
# 
loop_
_pdbx_nmr_spectrometer.spectrometer_id 
_pdbx_nmr_spectrometer.type 
_pdbx_nmr_spectrometer.manufacturer 
_pdbx_nmr_spectrometer.model 
_pdbx_nmr_spectrometer.field_strength 
1 ? Varian UNITY 400 
2 ? Varian INOVA 500 
3 ? Varian INOVA 600 
# 
_atom_sites.entry_id                    1NYD 
_atom_sites.fract_transf_matrix[1][1]   1.000000 
_atom_sites.fract_transf_matrix[1][2]   0.000000 
_atom_sites.fract_transf_matrix[1][3]   0.000000 
_atom_sites.fract_transf_matrix[2][1]   0.000000 
_atom_sites.fract_transf_matrix[2][2]   1.000000 
_atom_sites.fract_transf_matrix[2][3]   0.000000 
_atom_sites.fract_transf_matrix[3][1]   0.000000 
_atom_sites.fract_transf_matrix[3][2]   0.000000 
_atom_sites.fract_transf_matrix[3][3]   1.000000 
_atom_sites.fract_transf_vector[1]      0.00000 
_atom_sites.fract_transf_vector[2]      0.00000 
_atom_sites.fract_transf_vector[3]      0.00000 
# 
loop_
_atom_type.symbol 
C 
H 
N 
O 
P 
# 
loop_
_atom_site.group_PDB 
_atom_site.id 
_atom_site.type_symbol 
_atom_site.label_atom_id 
_atom_site.label_alt_id 
_atom_site.label_comp_id 
_atom_site.label_asym_id 
_atom_site.label_entity_id 
_atom_site.label_seq_id 
_atom_site.pdbx_PDB_ins_code 
_atom_site.Cartn_x 
_atom_site.Cartn_y 
_atom_site.Cartn_z 
_atom_site.occupancy 
_atom_site.B_iso_or_equiv 
_atom_site.pdbx_formal_charge 
_atom_site.auth_seq_id 
_atom_site.auth_comp_id 
_atom_site.auth_asym_id 
_atom_site.auth_atom_id 
_atom_site.pdbx_PDB_model_num 
ATOM 1    O "O5'"  . DG A 1 1 ? 5.436   7.168   1.765   1.00 0.14 ? 1 DG A "O5'"  1 
ATOM 2    C "C5'"  . DG A 1 1 ? 6.087   5.891   1.802   1.00 0.12 ? 1 DG A "C5'"  1 
ATOM 3    C "C4'"  . DG A 1 1 ? 5.989   5.256   3.194   1.00 0.11 ? 1 DG A "C4'"  1 
ATOM 4    O "O4'"  . DG A 1 1 ? 4.681   5.351   3.784   1.00 0.11 ? 1 DG A "O4'"  1 
ATOM 5    C "C3'"  . DG A 1 1 ? 6.423   3.804   3.434   1.00 0.10 ? 1 DG A "C3'"  1 
ATOM 6    O "O3'"  . DG A 1 1 ? 7.813   3.512   3.564   1.00 0.11 ? 1 DG A "O3'"  1 
ATOM 7    C "C2'"  . DG A 1 1 ? 5.767   3.545   4.772   1.00 0.11 ? 1 DG A "C2'"  1 
ATOM 8    C "C1'"  . DG A 1 1 ? 4.390   4.119   4.444   1.00 0.11 ? 1 DG A "C1'"  1 
ATOM 9    N N9     . DG A 1 1 ? 3.316   3.322   3.819   1.00 0.10 ? 1 DG A N9     1 
ATOM 10   C C8     . DG A 1 1 ? 2.050   3.730   3.527   1.00 0.10 ? 1 DG A C8     1 
ATOM 11   N N7     . DG A 1 1 ? 1.286   2.818   3.043   1.00 0.10 ? 1 DG A N7     1 
ATOM 12   C C5     . DG A 1 1 ? 2.097   1.698   2.991   1.00 0.10 ? 1 DG A C5     1 
ATOM 13   C C6     . DG A 1 1 ? 1.812   0.382   2.544   1.00 0.10 ? 1 DG A C6     1 
ATOM 14   O O6     . DG A 1 1 ? 0.767   -0.079  2.101   1.00 0.10 ? 1 DG A O6     1 
ATOM 15   N N1     . DG A 1 1 ? 2.898   -0.443  2.658   1.00 0.09 ? 1 DG A N1     1 
ATOM 16   C C2     . DG A 1 1 ? 4.114   -0.054  3.146   1.00 0.09 ? 1 DG A C2     1 
ATOM 17   N N2     . DG A 1 1 ? 5.048   -0.982  3.204   1.00 0.10 ? 1 DG A N2     1 
ATOM 18   N N3     . DG A 1 1 ? 4.401   1.172   3.566   1.00 0.10 ? 1 DG A N3     1 
ATOM 19   C C4     . DG A 1 1 ? 3.345   1.999   3.461   1.00 0.09 ? 1 DG A C4     1 
ATOM 20   H "H5'"  . DG A 1 1 ? 7.146   6.025   1.585   1.00 0.16 ? 1 DG A "H5'"  1 
ATOM 21   H "H5''" . DG A 1 1 ? 5.687   5.254   1.012   1.00 0.22 ? 1 DG A "H5''" 1 
ATOM 22   H "H4'"  . DG A 1 1 ? 6.651   5.857   3.817   1.00 0.16 ? 1 DG A "H4'"  1 
ATOM 23   H "H3'"  . DG A 1 1 ? 5.942   3.150   2.707   1.00 0.16 ? 1 DG A "H3'"  1 
ATOM 24   H "H2'"  . DG A 1 1 ? 5.723   2.493   5.052   1.00 0.24 ? 1 DG A "H2'"  1 
ATOM 25   H "H2''" . DG A 1 1 ? 6.263   4.134   5.543   1.00 0.19 ? 1 DG A "H2''" 1 
ATOM 26   H "H1'"  . DG A 1 1 ? 3.964   4.410   5.404   1.00 0.17 ? 1 DG A "H1'"  1 
ATOM 27   H H8     . DG A 1 1 ? 1.598   4.720   3.593   1.00 0.14 ? 1 DG A H8     1 
ATOM 28   H H1     . DG A 1 1 ? 2.757   -1.392  2.342   1.00 0.11 ? 1 DG A H1     1 
ATOM 29   H H21    . DG A 1 1 ? 4.835   -1.939  2.961   1.00 0.12 ? 1 DG A H21    1 
ATOM 30   H H22    . DG A 1 1 ? 5.971   -0.690  3.492   1.00 0.14 ? 1 DG A H22    1 
ATOM 31   H "HO5'" . DG A 1 1 ? 5.577   7.529   0.888   1.00 0.28 ? 1 DG A "HO5'" 1 
ATOM 32   P P      . DC A 1 2 ? 8.532   2.291   2.806   1.00 0.12 ? 2 DC A P      1 
ATOM 33   O OP1    . DC A 1 2 ? 9.980   2.390   3.092   1.00 0.19 ? 2 DC A OP1    1 
ATOM 34   O OP2    . DC A 1 2 ? 8.076   2.308   1.395   1.00 0.16 ? 2 DC A OP2    1 
ATOM 35   O "O5'"  . DC A 1 2 ? 7.964   0.922   3.497   1.00 0.14 ? 2 DC A "O5'"  1 
ATOM 36   C "C5'"  . DC A 1 2 ? 8.725   -0.308  3.517   1.00 0.16 ? 2 DC A "C5'"  1 
ATOM 37   C "C4'"  . DC A 1 2 ? 8.731   -1.110  2.197   1.00 0.14 ? 2 DC A "C4'"  1 
ATOM 38   O "O4'"  . DC A 1 2 ? 7.412   -1.569  1.877   1.00 0.15 ? 2 DC A "O4'"  1 
ATOM 39   C "C3'"  . DC A 1 2 ? 9.191   -0.396  0.924   1.00 0.15 ? 2 DC A "C3'"  1 
ATOM 40   O "O3'"  . DC A 1 2 ? 10.611  -0.178  0.858   1.00 0.19 ? 2 DC A "O3'"  1 
ATOM 41   C "C2'"  . DC A 1 2 ? 8.680   -1.427  -0.080  1.00 0.14 ? 2 DC A "C2'"  1 
ATOM 42   C "C1'"  . DC A 1 2 ? 7.278   -1.724  0.454   1.00 0.13 ? 2 DC A "C1'"  1 
ATOM 43   N N1     . DC A 1 2 ? 6.042   -0.989  0.093   1.00 0.10 ? 2 DC A N1     1 
ATOM 44   C C2     . DC A 1 2 ? 5.016   -1.691  -0.548  1.00 0.09 ? 2 DC A C2     1 
ATOM 45   O O2     . DC A 1 2 ? 5.121   -2.862  -0.894  1.00 0.12 ? 2 DC A O2     1 
ATOM 46   N N3     . DC A 1 2 ? 3.853   -1.052  -0.802  1.00 0.08 ? 2 DC A N3     1 
ATOM 47   C C4     . DC A 1 2 ? 3.698   0.217   -0.447  1.00 0.07 ? 2 DC A C4     1 
ATOM 48   N N4     . DC A 1 2 ? 2.541   0.798   -0.654  1.00 0.07 ? 2 DC A N4     1 
ATOM 49   C C5     . DC A 1 2 ? 4.725   0.965   0.196   1.00 0.09 ? 2 DC A C5     1 
ATOM 50   C C6     . DC A 1 2 ? 5.877   0.324   0.445   1.00 0.11 ? 2 DC A C6     1 
ATOM 51   H "H5'"  . DC A 1 2 ? 8.329   -0.954  4.301   1.00 0.24 ? 2 DC A "H5'"  1 
ATOM 52   H "H5''" . DC A 1 2 ? 9.758   -0.065  3.764   1.00 0.22 ? 2 DC A "H5''" 1 
ATOM 53   H "H4'"  . DC A 1 2 ? 9.378   -1.976  2.336   1.00 0.18 ? 2 DC A "H4'"  1 
ATOM 54   H "H3'"  . DC A 1 2 ? 8.658   0.539   0.754   1.00 0.19 ? 2 DC A "H3'"  1 
ATOM 55   H "H2'"  . DC A 1 2 ? 8.640   -1.015  -1.088  1.00 0.21 ? 2 DC A "H2'"  1 
ATOM 56   H "H2''" . DC A 1 2 ? 9.142   -2.412  -0.147  1.00 0.17 ? 2 DC A "H2''" 1 
ATOM 57   H "H1'"  . DC A 1 2 ? 7.100   -2.784  0.269   1.00 0.16 ? 2 DC A "H1'"  1 
ATOM 58   H H41    . DC A 1 2 ? 1.720   0.372   -1.057  1.00 0.10 ? 2 DC A H41    1 
ATOM 59   H H42    . DC A 1 2 ? 2.451   1.764   -0.372  1.00 0.12 ? 2 DC A H42    1 
ATOM 60   H H5     . DC A 1 2 ? 4.580   2.009   0.474   1.00 0.13 ? 2 DC A H5     1 
ATOM 61   H H6     . DC A 1 2 ? 6.678   0.877   0.937   1.00 0.15 ? 2 DC A H6     1 
ATOM 62   P P      . DG A 1 3 ? 11.563  0.315   -0.358  1.00 0.16 ? 3 DG A P      1 
ATOM 63   O OP1    . DG A 1 3 ? 12.958  0.130   0.094   1.00 0.21 ? 3 DG A OP1    1 
ATOM 64   O OP2    . DG A 1 3 ? 11.104  1.633   -0.855  1.00 0.18 ? 3 DG A OP2    1 
ATOM 65   O "O5'"  . DG A 1 3 ? 11.279  -0.782  -1.493  1.00 0.20 ? 3 DG A "O5'"  1 
ATOM 66   C "C5'"  . DG A 1 3 ? 11.607  -2.177  -1.372  1.00 0.19 ? 3 DG A "C5'"  1 
ATOM 67   C "C4'"  . DG A 1 3 ? 10.926  -2.980  -2.485  1.00 0.17 ? 3 DG A "C4'"  1 
ATOM 68   O "O4'"  . DG A 1 3 ? 9.493   -2.845  -2.393  1.00 0.16 ? 3 DG A "O4'"  1 
ATOM 69   C "C3'"  . DG A 1 3 ? 11.282  -2.583  -3.915  1.00 0.18 ? 3 DG A "C3'"  1 
ATOM 70   O "O3'"  . DG A 1 3 ? 10.950  -3.516  -4.952  1.00 0.19 ? 3 DG A "O3'"  1 
ATOM 71   C "C2'"  . DG A 1 3 ? 10.298  -1.448  -4.042  1.00 0.17 ? 3 DG A "C2'"  1 
ATOM 72   C "C1'"  . DG A 1 3 ? 9.054   -2.188  -3.585  1.00 0.15 ? 3 DG A "C1'"  1 
ATOM 73   N N9     . DG A 1 3 ? 7.888   -1.293  -3.478  1.00 0.11 ? 3 DG A N9     1 
ATOM 74   C C8     . DG A 1 3 ? 7.792   0.005   -3.029  1.00 0.12 ? 3 DG A C8     1 
ATOM 75   N N7     . DG A 1 3 ? 6.622   0.519   -3.156  1.00 0.12 ? 3 DG A N7     1 
ATOM 76   C C5     . DG A 1 3 ? 5.872   -0.483  -3.722  1.00 0.10 ? 3 DG A C5     1 
ATOM 77   C C6     . DG A 1 3 ? 4.521   -0.468  -4.082  1.00 0.10 ? 3 DG A C6     1 
ATOM 78   O O6     . DG A 1 3 ? 3.765   0.489   -3.975  1.00 0.11 ? 3 DG A O6     1 
ATOM 79   N N1     . DG A 1 3 ? 4.122   -1.676  -4.624  1.00 0.09 ? 3 DG A N1     1 
ATOM 80   C C2     . DG A 1 3 ? 4.963   -2.760  -4.788  1.00 0.09 ? 3 DG A C2     1 
ATOM 81   N N2     . DG A 1 3 ? 4.459   -3.859  -5.324  1.00 0.10 ? 3 DG A N2     1 
ATOM 82   N N3     . DG A 1 3 ? 6.243   -2.774  -4.449  1.00 0.11 ? 3 DG A N3     1 
ATOM 83   C C4     . DG A 1 3 ? 6.632   -1.601  -3.921  1.00 0.10 ? 3 DG A C4     1 
ATOM 84   H "H5'"  . DG A 1 3 ? 11.288  -2.562  -0.403  1.00 0.25 ? 3 DG A "H5'"  1 
ATOM 85   H "H5''" . DG A 1 3 ? 12.688  -2.301  -1.458  1.00 0.24 ? 3 DG A "H5''" 1 
ATOM 86   H "H4'"  . DG A 1 3 ? 11.182  -4.037  -2.576  1.00 0.20 ? 3 DG A "H4'"  1 
ATOM 87   H "H3'"  . DG A 1 3 ? 12.326  -2.279  -3.984  1.00 0.23 ? 3 DG A "H3'"  1 
ATOM 88   H "H2'"  . DG A 1 3 ? 10.508  -0.607  -3.381  1.00 0.22 ? 3 DG A "H2'"  1 
ATOM 89   H "H2''" . DG A 1 3 ? 10.259  -1.226  -5.108  1.00 0.22 ? 3 DG A "H2''" 1 
ATOM 90   H "H1'"  . DG A 1 3 ? 8.920   -2.868  -4.427  1.00 0.16 ? 3 DG A "H1'"  1 
ATOM 91   H H8     . DG A 1 3 ? 8.555   0.644   -2.585  1.00 0.15 ? 3 DG A H8     1 
ATOM 92   H H1     . DG A 1 3 ? 3.156   -1.734  -4.914  1.00 0.11 ? 3 DG A H1     1 
ATOM 93   H H21    . DG A 1 3 ? 3.490   -3.870  -5.610  1.00 0.12 ? 3 DG A H21    1 
ATOM 94   H H22    . DG A 1 3 ? 5.066   -4.660  -5.428  1.00 0.16 ? 3 DG A H22    1 
ATOM 95   P P      . DG A 1 4 ? 11.529  -3.398  -6.453  1.00 0.21 ? 4 DG A P      1 
ATOM 96   O OP1    . DG A 1 4 ? 12.990  -3.614  -6.443  1.00 0.29 ? 4 DG A OP1    1 
ATOM 97   O OP2    . DG A 1 4 ? 10.946  -2.198  -7.093  1.00 0.26 ? 4 DG A OP2    1 
ATOM 98   O "O5'"  . DG A 1 4 ? 10.890  -4.674  -7.185  1.00 0.20 ? 4 DG A "O5'"  1 
ATOM 99   C "C5'"  . DG A 1 4 ? 10.431  -5.867  -6.536  1.00 0.21 ? 4 DG A "C5'"  1 
ATOM 100  C "C4'"  . DG A 1 4 ? 9.044   -6.235  -7.064  1.00 0.19 ? 4 DG A "C4'"  1 
ATOM 101  O "O4'"  . DG A 1 4 ? 8.065   -5.249  -6.698  1.00 0.17 ? 4 DG A "O4'"  1 
ATOM 102  C "C3'"  . DG A 1 4 ? 8.933   -6.324  -8.584  1.00 0.19 ? 4 DG A "C3'"  1 
ATOM 103  O "O3'"  . DG A 1 4 ? 7.833   -7.062  -9.133  1.00 0.19 ? 4 DG A "O3'"  1 
ATOM 104  C "C2'"  . DG A 1 4 ? 8.686   -4.850  -8.898  1.00 0.18 ? 4 DG A "C2'"  1 
ATOM 105  C "C1'"  . DG A 1 4 ? 7.566   -4.640  -7.896  1.00 0.16 ? 4 DG A "C1'"  1 
ATOM 106  N N9     . DG A 1 4 ? 7.167   -3.253  -7.639  1.00 0.14 ? 4 DG A N9     1 
ATOM 107  C C8     . DG A 1 4 ? 7.867   -2.213  -7.094  1.00 0.14 ? 4 DG A C8     1 
ATOM 108  N N7     . DG A 1 4 ? 7.182   -1.111  -7.008  1.00 0.13 ? 4 DG A N7     1 
ATOM 109  C C5     . DG A 1 4 ? 5.947   -1.446  -7.533  1.00 0.12 ? 4 DG A C5     1 
ATOM 110  C C6     . DG A 1 4 ? 4.786   -0.667  -7.707  1.00 0.11 ? 4 DG A C6     1 
ATOM 111  O O6     . DG A 1 4 ? 4.568   0.501   -7.450  1.00 0.12 ? 4 DG A O6     1 
ATOM 112  N N1     . DG A 1 4 ? 3.780   -1.377  -8.262  1.00 0.11 ? 4 DG A N1     1 
ATOM 113  C C2     . DG A 1 4 ? 3.846   -2.686  -8.624  1.00 0.11 ? 4 DG A C2     1 
ATOM 114  N N2     . DG A 1 4 ? 2.765   -3.212  -9.174  1.00 0.12 ? 4 DG A N2     1 
ATOM 115  N N3     . DG A 1 4 ? 4.921   -3.443  -8.472  1.00 0.12 ? 4 DG A N3     1 
ATOM 116  C C4     . DG A 1 4 ? 5.935   -2.754  -7.919  1.00 0.12 ? 4 DG A C4     1 
ATOM 117  H "H5'"  . DG A 1 4 ? 10.392  -5.751  -5.453  1.00 0.25 ? 4 DG A "H5'"  1 
ATOM 118  H "H5''" . DG A 1 4 ? 11.125  -6.670  -6.783  1.00 0.27 ? 4 DG A "H5''" 1 
ATOM 119  H "H4'"  . DG A 1 4 ? 8.711   -7.188  -6.653  1.00 0.24 ? 4 DG A "H4'"  1 
ATOM 120  H "H3'"  . DG A 1 4 ? 9.884   -6.672  -8.989  1.00 0.23 ? 4 DG A "H3'"  1 
ATOM 121  H "H2'"  . DG A 1 4 ? 9.566   -4.258  -8.644  1.00 0.21 ? 4 DG A "H2'"  1 
ATOM 122  H "H2''" . DG A 1 4 ? 8.361   -4.660  -9.919  1.00 0.22 ? 4 DG A "H2''" 1 
ATOM 123  H "H1'"  . DG A 1 4 ? 6.649   -5.085  -8.282  1.00 0.20 ? 4 DG A "H1'"  1 
ATOM 124  H H8     . DG A 1 4 ? 8.901   -2.273  -6.754  1.00 0.17 ? 4 DG A H8     1 
ATOM 125  H H1     . DG A 1 4 ? 2.937   -0.839  -8.396  1.00 0.13 ? 4 DG A H1     1 
ATOM 126  H H21    . DG A 1 4 ? 1.920   -2.679  -9.325  1.00 0.15 ? 4 DG A H21    1 
ATOM 127  H H22    . DG A 1 4 ? 2.796   -4.183  -9.454  1.00 0.16 ? 4 DG A H22    1 
ATOM 128  P P      . DT A 1 5 ? 8.174   -8.138  -10.271 1.00 0.20 ? 5 DT A P      1 
ATOM 129  O OP1    . DT A 1 5 ? 8.574   -9.398  -9.607  1.00 0.26 ? 5 DT A OP1    1 
ATOM 130  O OP2    . DT A 1 5 ? 9.095   -7.503  -11.233 1.00 0.25 ? 5 DT A OP2    1 
ATOM 131  O "O5'"  . DT A 1 5 ? 6.800   -8.398  -11.066 1.00 0.21 ? 5 DT A "O5'"  1 
ATOM 132  C "C5'"  . DT A 1 5 ? 5.924   -9.511  -10.848 1.00 0.25 ? 5 DT A "C5'"  1 
ATOM 133  C "C4'"  . DT A 1 5 ? 5.143   -9.415  -9.542  1.00 0.24 ? 5 DT A "C4'"  1 
ATOM 134  O "O4'"  . DT A 1 5 ? 5.931   -9.601  -8.349  1.00 0.23 ? 5 DT A "O4'"  1 
ATOM 135  C "C3'"  . DT A 1 5 ? 4.358   -8.126  -9.292  1.00 0.24 ? 5 DT A "C3'"  1 
ATOM 136  O "O3'"  . DT A 1 5 ? 3.058   -8.339  -8.771  1.00 0.33 ? 5 DT A "O3'"  1 
ATOM 137  C "C2'"  . DT A 1 5 ? 5.148   -7.539  -8.135  1.00 0.21 ? 5 DT A "C2'"  1 
ATOM 138  C "C1'"  . DT A 1 5 ? 5.346   -8.799  -7.313  1.00 0.20 ? 5 DT A "C1'"  1 
ATOM 139  N N1     . DT A 1 5 ? 6.205   -8.660  -6.119  1.00 0.18 ? 5 DT A N1     1 
ATOM 140  C C2     . DT A 1 5 ? 6.952   -9.746  -5.665  1.00 0.21 ? 5 DT A C2     1 
ATOM 141  O O2     . DT A 1 5 ? 6.975   -10.861 -6.179  1.00 0.25 ? 5 DT A O2     1 
ATOM 142  N N3     . DT A 1 5 ? 7.703   -9.498  -4.543  1.00 0.22 ? 5 DT A N3     1 
ATOM 143  C C4     . DT A 1 5 ? 7.785   -8.316  -3.848  1.00 0.21 ? 5 DT A C4     1 
ATOM 144  O O4     . DT A 1 5 ? 8.501   -8.244  -2.856  1.00 0.24 ? 5 DT A O4     1 
ATOM 145  C C5     . DT A 1 5 ? 6.987   -7.250  -4.378  1.00 0.18 ? 5 DT A C5     1 
ATOM 146  C C7     . DT A 1 5 ? 6.989   -5.884  -3.692  1.00 0.22 ? 5 DT A C7     1 
ATOM 147  C C6     . DT A 1 5 ? 6.241   -7.452  -5.471  1.00 0.17 ? 5 DT A C6     1 
ATOM 148  H "H5'"  . DT A 1 5 ? 6.486   -10.444 -10.859 1.00 0.31 ? 5 DT A "H5'"  1 
ATOM 149  H "H5''" . DT A 1 5 ? 5.210   -9.528  -11.670 1.00 0.35 ? 5 DT A "H5''" 1 
ATOM 150  H "H4'"  . DT A 1 5 ? 4.400   -10.214 -9.555  1.00 0.33 ? 5 DT A "H4'"  1 
ATOM 151  H "H3'"  . DT A 1 5 ? 4.264   -7.376  -10.078 1.00 0.24 ? 5 DT A "H3'"  1 
ATOM 152  H "H2'"  . DT A 1 5 ? 6.206   -7.302  -8.253  1.00 0.22 ? 5 DT A "H2'"  1 
ATOM 153  H "H2''" . DT A 1 5 ? 4.593   -6.762  -7.610  1.00 0.29 ? 5 DT A "H2''" 1 
ATOM 154  H "H1'"  . DT A 1 5 ? 4.389   -8.998  -6.830  1.00 0.29 ? 5 DT A "H1'"  1 
ATOM 155  H H3     . DT A 1 5 ? 8.252   -10.267 -4.187  1.00 0.27 ? 5 DT A H3     1 
ATOM 156  H H71    . DT A 1 5 ? 7.610   -5.941  -2.799  1.00 0.23 ? 5 DT A H71    1 
ATOM 157  H H72    . DT A 1 5 ? 7.376   -5.153  -4.402  1.00 0.27 ? 5 DT A H72    1 
ATOM 158  H H73    . DT A 1 5 ? 5.957   -5.642  -3.439  1.00 0.29 ? 5 DT A H73    1 
ATOM 159  H H6     . DT A 1 5 ? 5.624   -6.645  -5.868  1.00 0.20 ? 5 DT A H6     1 
ATOM 160  P P      . DG A 1 6 ? 1.728   -8.084  -9.604  1.00 0.14 ? 6 DG A P      1 
ATOM 161  O OP1    . DG A 1 6 ? 1.398   -9.299  -10.380 1.00 0.34 ? 6 DG A OP1    1 
ATOM 162  O OP2    . DG A 1 6 ? 1.814   -6.747  -10.253 1.00 0.29 ? 6 DG A OP2    1 
ATOM 163  O "O5'"  . DG A 1 6 ? 0.810   -8.014  -8.284  1.00 0.15 ? 6 DG A "O5'"  1 
ATOM 164  C "C5'"  . DG A 1 6 ? -0.584  -8.357  -8.236  1.00 0.17 ? 6 DG A "C5'"  1 
ATOM 165  C "C4'"  . DG A 1 6 ? -1.467  -7.125  -8.380  1.00 0.14 ? 6 DG A "C4'"  1 
ATOM 166  O "O4'"  . DG A 1 6 ? -1.133  -6.227  -7.314  1.00 0.13 ? 6 DG A "O4'"  1 
ATOM 167  C "C3'"  . DG A 1 6 ? -1.311  -6.320  -9.689  1.00 0.13 ? 6 DG A "C3'"  1 
ATOM 168  O "O3'"  . DG A 1 6 ? -2.382  -5.504  -10.199 1.00 0.19 ? 6 DG A "O3'"  1 
ATOM 169  C "C2'"  . DG A 1 6 ? -0.301  -5.327  -9.156  1.00 0.11 ? 6 DG A "C2'"  1 
ATOM 170  C "C1'"  . DG A 1 6 ? -1.009  -4.926  -7.863  1.00 0.11 ? 6 DG A "C1'"  1 
ATOM 171  N N9     . DG A 1 6 ? -0.117  -4.063  -7.074  1.00 0.10 ? 6 DG A N9     1 
ATOM 172  C C8     . DG A 1 6 ? 1.148   -4.312  -6.632  1.00 0.12 ? 6 DG A C8     1 
ATOM 173  N N7     . DG A 1 6 ? 1.699   -3.292  -6.001  1.00 0.12 ? 6 DG A N7     1 
ATOM 174  C C5     . DG A 1 6 ? 0.696   -2.315  -6.044  1.00 0.09 ? 6 DG A C5     1 
ATOM 175  C C6     . DG A 1 6 ? 0.672   -0.987  -5.537  1.00 0.09 ? 6 DG A C6     1 
ATOM 176  O O6     . DG A 1 6 ? 1.577   -0.421  -4.937  1.00 0.10 ? 6 DG A O6     1 
ATOM 177  N N1     . DG A 1 6 ? -0.536  -0.345  -5.800  1.00 0.07 ? 6 DG A N1     1 
ATOM 178  C C2     . DG A 1 6 ? -1.577  -0.924  -6.461  1.00 0.08 ? 6 DG A C2     1 
ATOM 179  N N2     . DG A 1 6 ? -2.659  -0.210  -6.638  1.00 0.10 ? 6 DG A N2     1 
ATOM 180  N N3     . DG A 1 6 ? -1.565  -2.155  -6.936  1.00 0.08 ? 6 DG A N3     1 
ATOM 181  C C4     . DG A 1 6 ? -0.405  -2.791  -6.694  1.00 0.08 ? 6 DG A C4     1 
ATOM 182  H "H5'"  . DG A 1 6 ? -0.793  -8.824  -7.273  1.00 0.24 ? 6 DG A "H5'"  1 
ATOM 183  H "H5''" . DG A 1 6 ? -0.827  -9.067  -9.027  1.00 0.23 ? 6 DG A "H5''" 1 
ATOM 184  H "H4'"  . DG A 1 6 ? -2.500  -7.311  -8.089  1.00 0.21 ? 6 DG A "H4'"  1 
ATOM 185  H "H3'"  . DG A 1 6 ? -0.927  -6.948  -10.492 1.00 0.19 ? 6 DG A "H3'"  1 
ATOM 186  H "H2'"  . DG A 1 6 ? 0.654   -5.799  -8.927  1.00 0.19 ? 6 DG A "H2'"  1 
ATOM 187  H "H2''" . DG A 1 6 ? -0.110  -4.505  -9.846  1.00 0.20 ? 6 DG A "H2''" 1 
ATOM 188  H "H1'"  . DG A 1 6 ? -1.976  -4.461  -8.055  1.00 0.17 ? 6 DG A "H1'"  1 
ATOM 189  H H8     . DG A 1 6 ? 1.480   -5.317  -6.889  1.00 0.14 ? 6 DG A H8     1 
ATOM 190  H H1     . DG A 1 6 ? -0.642  0.616   -5.506  1.00 0.08 ? 6 DG A H1     1 
ATOM 191  H H21    . DG A 1 6 ? -2.799  0.718   -6.263  1.00 0.12 ? 6 DG A H21    1 
ATOM 192  H H22    . DG A 1 6 ? -3.379  -0.644  -7.199  1.00 0.16 ? 6 DG A H22    1 
ATOM 193  P P      . DG A 1 7 ? -3.946  -5.862  -10.096 1.00 0.15 ? 7 DG A P      1 
ATOM 194  O OP1    . DG A 1 7 ? -4.093  -7.246  -9.588  1.00 0.24 ? 7 DG A OP1    1 
ATOM 195  O OP2    . DG A 1 7 ? -4.573  -5.503  -11.383 1.00 0.20 ? 7 DG A OP2    1 
ATOM 196  O "O5'"  . DG A 1 7 ? -4.411  -4.819  -8.949  1.00 0.22 ? 7 DG A "O5'"  1 
ATOM 197  C "C5'"  . DG A 1 7 ? -5.472  -3.848  -9.053  1.00 0.19 ? 7 DG A "C5'"  1 
ATOM 198  C "C4'"  . DG A 1 7 ? -5.209  -2.620  -9.954  1.00 0.13 ? 7 DG A "C4'"  1 
ATOM 199  O "O4'"  . DG A 1 7 ? -4.100  -1.812  -9.505  1.00 0.14 ? 7 DG A "O4'"  1 
ATOM 200  C "C3'"  . DG A 1 7 ? -4.993  -2.761  -11.466 1.00 0.14 ? 7 DG A "C3'"  1 
ATOM 201  O "O3'"  . DG A 1 7 ? -5.625  -1.722  -12.232 1.00 0.17 ? 7 DG A "O3'"  1 
ATOM 202  C "C2'"  . DG A 1 7 ? -3.470  -2.658  -11.511 1.00 0.13 ? 7 DG A "C2'"  1 
ATOM 203  C "C1'"  . DG A 1 7 ? -3.288  -1.446  -10.639 1.00 0.11 ? 7 DG A "C1'"  1 
ATOM 204  N N9     . DG A 1 7 ? -1.905  -1.212  -10.181 1.00 0.10 ? 7 DG A N9     1 
ATOM 205  C C8     . DG A 1 7 ? -0.868  -2.089  -10.174 1.00 0.11 ? 7 DG A C8     1 
ATOM 206  N N7     . DG A 1 7 ? 0.244   -1.635  -9.679  1.00 0.12 ? 7 DG A N7     1 
ATOM 207  C C5     . DG A 1 7 ? -0.090  -0.332  -9.331  1.00 0.10 ? 7 DG A C5     1 
ATOM 208  C C6     . DG A 1 7 ? 0.704   0.679   -8.744  1.00 0.11 ? 7 DG A C6     1 
ATOM 209  O O6     . DG A 1 7 ? 1.878   0.641   -8.408  1.00 0.12 ? 7 DG A O6     1 
ATOM 210  N N1     . DG A 1 7 ? -0.011  1.830   -8.568  1.00 0.10 ? 7 DG A N1     1 
ATOM 211  C C2     . DG A 1 7 ? -1.316  2.012   -8.905  1.00 0.10 ? 7 DG A C2     1 
ATOM 212  N N2     . DG A 1 7 ? -1.825  3.215   -8.703  1.00 0.11 ? 7 DG A N2     1 
ATOM 213  N N3     . DG A 1 7 ? -2.089  1.086   -9.452  1.00 0.10 ? 7 DG A N3     1 
ATOM 214  C C4     . DG A 1 7 ? -1.403  -0.066  -9.638  1.00 0.10 ? 7 DG A C4     1 
ATOM 215  H "H5'"  . DG A 1 7 ? -5.655  -3.462  -8.051  1.00 0.30 ? 7 DG A "H5'"  1 
ATOM 216  H "H5''" . DG A 1 7 ? -6.380  -4.343  -9.399  1.00 0.29 ? 7 DG A "H5''" 1 
ATOM 217  H "H4'"  . DG A 1 7 ? -6.097  -1.994  -9.857  1.00 0.18 ? 7 DG A "H4'"  1 
ATOM 218  H "H3'"  . DG A 1 7 ? -5.366  -3.725  -11.814 1.00 0.22 ? 7 DG A "H3'"  1 
ATOM 219  H "H2'"  . DG A 1 7 ? -2.963  -3.408  -10.904 1.00 0.18 ? 7 DG A "H2'"  1 
ATOM 220  H "H2''" . DG A 1 7 ? -3.041  -2.541  -12.506 1.00 0.20 ? 7 DG A "H2''" 1 
ATOM 221  H "H1'"  . DG A 1 7 ? -3.686  -0.660  -11.281 1.00 0.17 ? 7 DG A "H1'"  1 
ATOM 222  H H8     . DG A 1 7 ? -0.985  -3.086  -10.599 1.00 0.13 ? 7 DG A H8     1 
ATOM 223  H H1     . DG A 1 7 ? 0.458   2.618   -8.145  1.00 0.11 ? 7 DG A H1     1 
ATOM 224  H H21    . DG A 1 7 ? -1.330  3.979   -8.264  1.00 0.19 ? 7 DG A H21    1 
ATOM 225  H H22    . DG A 1 7 ? -2.771  3.376   -9.019  1.00 0.20 ? 7 DG A H22    1 
ATOM 226  P P      . DA A 1 8 ? -5.150  -1.052  -13.616 1.00 0.19 ? 8 DA A P      1 
ATOM 227  O OP1    . DA A 1 8 ? -6.364  -0.867  -14.442 1.00 0.28 ? 8 DA A OP1    1 
ATOM 228  O OP2    . DA A 1 8 ? -4.001  -1.811  -14.171 1.00 0.23 ? 8 DA A OP2    1 
ATOM 229  O "O5'"  . DA A 1 8 ? -4.669  0.401   -13.107 1.00 0.21 ? 8 DA A "O5'"  1 
ATOM 230  C "C5'"  . DA A 1 8 ? -5.519  1.558   -13.230 1.00 0.23 ? 8 DA A "C5'"  1 
ATOM 231  C "C4'"  . DA A 1 8 ? -4.718  2.851   -13.344 1.00 0.20 ? 8 DA A "C4'"  1 
ATOM 232  O "O4'"  . DA A 1 8 ? -3.978  3.040   -12.134 1.00 0.18 ? 8 DA A "O4'"  1 
ATOM 233  C "C3'"  . DA A 1 8 ? -3.620  2.893   -14.416 1.00 0.19 ? 8 DA A "C3'"  1 
ATOM 234  O "O3'"  . DA A 1 8 ? -3.934  3.044   -15.802 1.00 0.24 ? 8 DA A "O3'"  1 
ATOM 235  C "C2'"  . DA A 1 8 ? -2.906  4.132   -13.928 1.00 0.16 ? 8 DA A "C2'"  1 
ATOM 236  C "C1'"  . DA A 1 8 ? -2.768  3.721   -12.470 1.00 0.15 ? 8 DA A "C1'"  1 
ATOM 237  N N9     . DA A 1 8 ? -1.594  2.902   -12.190 1.00 0.12 ? 8 DA A N9     1 
ATOM 238  C C8     . DA A 1 8 ? -1.386  1.557   -12.343 1.00 0.12 ? 8 DA A C8     1 
ATOM 239  N N7     . DA A 1 8 ? -0.175  1.188   -12.005 1.00 0.12 ? 8 DA A N7     1 
ATOM 240  C C5     . DA A 1 8 ? 0.448   2.365   -11.603 1.00 0.11 ? 8 DA A C5     1 
ATOM 241  C C6     . DA A 1 8 ? 1.738   2.670   -11.126 1.00 0.12 ? 8 DA A C6     1 
ATOM 242  N N6     . DA A 1 8 ? 2.707   1.773   -10.963 1.00 0.13 ? 8 DA A N6     1 
ATOM 243  N N1     . DA A 1 8 ? 1.993   3.953   -10.824 1.00 0.13 ? 8 DA A N1     1 
ATOM 244  C C2     . DA A 1 8 ? 1.039   4.866   -10.987 1.00 0.14 ? 8 DA A C2     1 
ATOM 245  N N3     . DA A 1 8 ? -0.196  4.697   -11.426 1.00 0.14 ? 8 DA A N3     1 
ATOM 246  C C4     . DA A 1 8 ? -0.422  3.405   -11.716 1.00 0.11 ? 8 DA A C4     1 
ATOM 247  H "H5'"  . DA A 1 8 ? -6.190  1.627   -12.373 1.00 0.30 ? 8 DA A "H5'"  1 
ATOM 248  H "H5''" . DA A 1 8 ? -6.123  1.458   -14.132 1.00 0.31 ? 8 DA A "H5''" 1 
ATOM 249  H "H4'"  . DA A 1 8 ? -5.400  3.687   -13.501 1.00 0.26 ? 8 DA A "H4'"  1 
ATOM 250  H "H3'"  . DA A 1 8 ? -2.970  2.026   -14.304 1.00 0.21 ? 8 DA A "H3'"  1 
ATOM 251  H "H2'"  . DA A 1 8 ? -1.946  4.331   -14.406 1.00 0.23 ? 8 DA A "H2'"  1 
ATOM 252  H "H2''" . DA A 1 8 ? -3.579  4.984   -14.029 1.00 0.22 ? 8 DA A "H2''" 1 
ATOM 253  H "H1'"  . DA A 1 8 ? -2.480  4.594   -11.882 1.00 0.21 ? 8 DA A "H1'"  1 
ATOM 254  H H8     . DA A 1 8 ? -2.063  0.776   -12.691 1.00 0.14 ? 8 DA A H8     1 
ATOM 255  H H61    . DA A 1 8 ? 3.606   2.077   -10.618 1.00 0.19 ? 8 DA A H61    1 
ATOM 256  H H62    . DA A 1 8 ? 2.518   0.808   -11.194 1.00 0.20 ? 8 DA A H62    1 
ATOM 257  H H2     . DA A 1 8 ? 1.311   5.887   -10.719 1.00 0.17 ? 8 DA A H2     1 
ATOM 258  P P      . DT A 1 9 ? -4.856  1.973   -16.557 1.00 0.29 ? 9 DT A P      1 
ATOM 259  O OP1    . DT A 1 9 ? -4.574  2.094   -18.006 1.00 0.34 ? 9 DT A OP1    1 
ATOM 260  O OP2    . DT A 1 9 ? -6.248  2.111   -16.074 1.00 0.33 ? 9 DT A OP2    1 
ATOM 261  O "O5'"  . DT A 1 9 ? -4.260  0.558   -16.056 1.00 0.27 ? 9 DT A "O5'"  1 
ATOM 262  C "C5'"  . DT A 1 9 ? -3.130  -0.102  -16.649 1.00 0.29 ? 9 DT A "C5'"  1 
ATOM 263  C "C4'"  . DT A 1 9 ? -1.782  0.290   -16.032 1.00 0.26 ? 9 DT A "C4'"  1 
ATOM 264  O "O4'"  . DT A 1 9 ? -1.714  -0.117  -14.654 1.00 0.19 ? 9 DT A "O4'"  1 
ATOM 265  C "C3'"  . DT A 1 9 ? -0.572  -0.417  -16.635 1.00 0.29 ? 9 DT A "C3'"  1 
ATOM 266  O "O3'"  . DT A 1 9 ? -0.249  0.058   -17.949 1.00 0.38 ? 9 DT A "O3'"  1 
ATOM 267  C "C2'"  . DT A 1 9 ? 0.429   -0.075  -15.542 1.00 0.25 ? 9 DT A "C2'"  1 
ATOM 268  C "C1'"  . DT A 1 9 ? -0.371  -0.533  -14.333 1.00 0.19 ? 9 DT A "C1'"  1 
ATOM 269  N N1     . DT A 1 9 ? -0.352  -1.974  -13.939 1.00 0.19 ? 9 DT A N1     1 
ATOM 270  C C2     . DT A 1 9 ? 0.614   -2.450  -13.053 1.00 0.22 ? 9 DT A C2     1 
ATOM 271  O O2     . DT A 1 9 ? 1.486   -1.726  -12.579 1.00 0.25 ? 9 DT A O2     1 
ATOM 272  N N3     . DT A 1 9 ? 0.527   -3.795  -12.733 1.00 0.27 ? 9 DT A N3     1 
ATOM 273  C C4     . DT A 1 9 ? -0.420  -4.685  -13.206 1.00 0.30 ? 9 DT A C4     1 
ATOM 274  O O4     . DT A 1 9 ? -0.392  -5.860  -12.848 1.00 0.36 ? 9 DT A O4     1 
ATOM 275  C C5     . DT A 1 9 ? -1.376  -4.091  -14.115 1.00 0.27 ? 9 DT A C5     1 
ATOM 276  C C7     . DT A 1 9 ? -2.512  -4.900  -14.716 1.00 0.35 ? 9 DT A C7     1 
ATOM 277  C C6     . DT A 1 9 ? -1.304  -2.796  -14.440 1.00 0.22 ? 9 DT A C6     1 
ATOM 278  H "H5'"  . DT A 1 9 ? -3.104  0.114   -17.717 1.00 0.33 ? 9 DT A "H5'"  1 
ATOM 279  H "H5''" . DT A 1 9 ? -3.272  -1.176  -16.520 1.00 0.34 ? 9 DT A "H5''" 1 
ATOM 280  H "H4'"  . DT A 1 9 ? -1.645  1.368   -16.111 1.00 0.29 ? 9 DT A "H4'"  1 
ATOM 281  H "H3'"  . DT A 1 9 ? -0.718  -1.497  -16.669 1.00 0.32 ? 9 DT A "H3'"  1 
ATOM 282  H "HO3'" . DT A 1 9 ? -1.057  0.018   -18.466 1.00 0.62 ? 9 DT A "HO3'" 1 
ATOM 283  H "H2'"  . DT A 1 9 ? 1.171   -0.805  -15.217 1.00 0.27 ? 9 DT A "H2'"  1 
ATOM 284  H "H2''" . DT A 1 9 ? 0.699   0.979   -15.493 1.00 0.32 ? 9 DT A "H2''" 1 
ATOM 285  H "H1'"  . DT A 1 9 ? -0.126  0.033   -13.435 1.00 0.18 ? 9 DT A "H1'"  1 
ATOM 286  H H3     . DT A 1 9 ? 1.206   -4.183  -12.096 1.00 0.34 ? 9 DT A H3     1 
ATOM 287  H H71    . DT A 1 9 ? -2.444  -4.794  -15.798 1.00 0.51 ? 9 DT A H71    1 
ATOM 288  H H72    . DT A 1 9 ? -2.487  -5.914  -14.316 1.00 0.43 ? 9 DT A H72    1 
ATOM 289  H H73    . DT A 1 9 ? -3.389  -4.358  -14.364 1.00 0.43 ? 9 DT A H73    1 
ATOM 290  H H6     . DT A 1 9 ? -1.957  -2.283  -15.146 1.00 0.23 ? 9 DT A H6     1 
ATOM 291  O "O5'"  . DG B 1 1 ? -4.044  -5.905  -5.728  1.00 0.12 ? 1 DG B "O5'"  1 
ATOM 292  C "C5'"  . DG B 1 1 ? -4.819  -4.739  -5.413  1.00 0.10 ? 1 DG B "C5'"  1 
ATOM 293  C "C4'"  . DG B 1 1 ? -5.654  -4.956  -4.146  1.00 0.10 ? 1 DG B "C4'"  1 
ATOM 294  O "O4'"  . DG B 1 1 ? -4.929  -5.580  -3.073  1.00 0.11 ? 1 DG B "O4'"  1 
ATOM 295  C "C3'"  . DG B 1 1 ? -6.404  -3.791  -3.483  1.00 0.10 ? 1 DG B "C3'"  1 
ATOM 296  O "O3'"  . DG B 1 1 ? -7.643  -3.362  -4.044  1.00 0.09 ? 1 DG B "O3'"  1 
ATOM 297  C "C2'"  . DG B 1 1 ? -6.693  -4.394  -2.127  1.00 0.11 ? 1 DG B "C2'"  1 
ATOM 298  C "C1'"  . DG B 1 1 ? -5.299  -4.952  -1.846  1.00 0.11 ? 1 DG B "C1'"  1 
ATOM 299  N N9     . DG B 1 1 ? -4.229  -4.157  -1.211  1.00 0.09 ? 1 DG B N9     1 
ATOM 300  C C8     . DG B 1 1 ? -2.975  -4.580  -0.883  1.00 0.10 ? 1 DG B C8     1 
ATOM 301  N N7     . DG B 1 1 ? -2.253  -3.704  -0.278  1.00 0.10 ? 1 DG B N7     1 
ATOM 302  C C5     . DG B 1 1 ? -3.077  -2.595  -0.190  1.00 0.09 ? 1 DG B C5     1 
ATOM 303  C C6     . DG B 1 1 ? -2.835  -1.316  0.375   1.00 0.09 ? 1 DG B C6     1 
ATOM 304  O O6     . DG B 1 1 ? -1.831  -0.892  0.935   1.00 0.10 ? 1 DG B O6     1 
ATOM 305  N N1     . DG B 1 1 ? -3.921  -0.490  0.258   1.00 0.09 ? 1 DG B N1     1 
ATOM 306  C C2     . DG B 1 1 ? -5.100  -0.847  -0.333  1.00 0.09 ? 1 DG B C2     1 
ATOM 307  N N2     . DG B 1 1 ? -6.051  0.065   -0.346  1.00 0.10 ? 1 DG B N2     1 
ATOM 308  N N3     . DG B 1 1 ? -5.345  -2.035  -0.870  1.00 0.09 ? 1 DG B N3     1 
ATOM 309  C C4     . DG B 1 1 ? -4.289  -2.863  -0.763  1.00 0.09 ? 1 DG B C4     1 
ATOM 310  H "H5'"  . DG B 1 1 ? -5.516  -4.548  -6.229  1.00 0.16 ? 1 DG B "H5'"  1 
ATOM 311  H "H5''" . DG B 1 1 ? -4.165  -3.869  -5.358  1.00 0.17 ? 1 DG B "H5''" 1 
ATOM 312  H "H4'"  . DG B 1 1 ? -6.431  -5.659  -4.443  1.00 0.14 ? 1 DG B "H4'"  1 
ATOM 313  H "H3'"  . DG B 1 1 ? -5.724  -2.954  -3.327  1.00 0.16 ? 1 DG B "H3'"  1 
ATOM 314  H "H2'"  . DG B 1 1 ? -7.011  -3.670  -1.376  1.00 0.18 ? 1 DG B "H2'"  1 
ATOM 315  H "H2''" . DG B 1 1 ? -7.421  -5.197  -2.230  1.00 0.17 ? 1 DG B "H2''" 1 
ATOM 316  H "H1'"  . DG B 1 1 ? -5.454  -5.772  -1.146  1.00 0.17 ? 1 DG B "H1'"  1 
ATOM 317  H H8     . DG B 1 1 ? -2.594  -5.574  -1.116  1.00 0.14 ? 1 DG B H8     1 
ATOM 318  H H1     . DG B 1 1 ? -3.801  0.440   0.634   1.00 0.12 ? 1 DG B H1     1 
ATOM 319  H H21    . DG B 1 1 ? -5.917  0.951   0.121   1.00 0.12 ? 1 DG B H21    1 
ATOM 320  H H22    . DG B 1 1 ? -6.899  -0.160  -0.844  1.00 0.14 ? 1 DG B H22    1 
ATOM 321  H "HO5'" . DG B 1 1 ? -3.559  -6.167  -4.942  1.00 0.17 ? 1 DG B "HO5'" 1 
ATOM 322  P P      . DC B 1 2 ? -8.009  -1.819  -4.299  1.00 0.10 ? 2 DC B P      1 
ATOM 323  O OP1    . DC B 1 2 ? -9.311  -1.786  -4.998  1.00 0.16 ? 2 DC B OP1    1 
ATOM 324  O OP2    . DC B 1 2 ? -6.834  -1.179  -4.939  1.00 0.16 ? 2 DC B OP2    1 
ATOM 325  O "O5'"  . DC B 1 2 ? -8.200  -1.142  -2.821  1.00 0.13 ? 2 DC B "O5'"  1 
ATOM 326  C "C5'"  . DC B 1 2 ? -9.046  0.012   -2.604  1.00 0.15 ? 2 DC B "C5'"  1 
ATOM 327  C "C4'"  . DC B 1 2 ? -8.443  1.369   -3.023  1.00 0.13 ? 2 DC B "C4'"  1 
ATOM 328  O "O4'"  . DC B 1 2 ? -7.289  1.678   -2.232  1.00 0.14 ? 2 DC B "O4'"  1 
ATOM 329  C "C3'"  . DC B 1 2 ? -7.950  1.521   -4.465  1.00 0.14 ? 2 DC B "C3'"  1 
ATOM 330  O "O3'"  . DC B 1 2 ? -9.009  1.634   -5.433  1.00 0.18 ? 2 DC B "O3'"  1 
ATOM 331  C "C2'"  . DC B 1 2 ? -7.162  2.810   -4.270  1.00 0.13 ? 2 DC B "C2'"  1 
ATOM 332  C "C1'"  . DC B 1 2 ? -6.396  2.527   -2.975  1.00 0.12 ? 2 DC B "C1'"  1 
ATOM 333  N N1     . DC B 1 2 ? -5.067  1.876   -2.879  1.00 0.10 ? 2 DC B N1     1 
ATOM 334  C C2     . DC B 1 2 ? -4.009  2.609   -2.332  1.00 0.10 ? 2 DC B C2     1 
ATOM 335  O O2     . DC B 1 2 ? -4.110  3.784   -2.001  1.00 0.12 ? 2 DC B O2     1 
ATOM 336  N N3     . DC B 1 2 ? -2.817  1.997   -2.161  1.00 0.08 ? 2 DC B N3     1 
ATOM 337  C C4     . DC B 1 2 ? -2.664  0.726   -2.510  1.00 0.07 ? 2 DC B C4     1 
ATOM 338  N N4     . DC B 1 2 ? -1.512  0.147   -2.282  1.00 0.06 ? 2 DC B N4     1 
ATOM 339  C C5     . DC B 1 2 ? -3.715  -0.046  -3.080  1.00 0.09 ? 2 DC B C5     1 
ATOM 340  C C6     . DC B 1 2 ? -4.897  0.569   -3.247  1.00 0.10 ? 2 DC B C6     1 
ATOM 341  H "H5'"  . DC B 1 2 ? -9.297  0.068   -1.544  1.00 0.23 ? 2 DC B "H5'"  1 
ATOM 342  H "H5''" . DC B 1 2 ? -9.969  -0.132  -3.166  1.00 0.19 ? 2 DC B "H5''" 1 
ATOM 343  H "H4'"  . DC B 1 2 ? -9.200  2.135   -2.854  1.00 0.13 ? 2 DC B "H4'"  1 
ATOM 344  H "H3'"  . DC B 1 2 ? -7.255  0.735   -4.757  1.00 0.15 ? 2 DC B "H3'"  1 
ATOM 345  H "H2'"  . DC B 1 2 ? -6.518  3.061   -5.113  1.00 0.17 ? 2 DC B "H2'"  1 
ATOM 346  H "H2''" . DC B 1 2 ? -7.880  3.609   -4.084  1.00 0.18 ? 2 DC B "H2''" 1 
ATOM 347  H "H1'"  . DC B 1 2 ? -6.346  3.476   -2.442  1.00 0.18 ? 2 DC B "H1'"  1 
ATOM 348  H H41    . DC B 1 2 ? -0.728  0.663   -1.908  1.00 0.12 ? 2 DC B H41    1 
ATOM 349  H H42    . DC B 1 2 ? -1.396  -0.837  -2.477  1.00 0.12 ? 2 DC B H42    1 
ATOM 350  H H5     . DC B 1 2 ? -3.566  -1.087  -3.365  1.00 0.13 ? 2 DC B H5     1 
ATOM 351  H H6     . DC B 1 2 ? -5.716  -0.003  -3.683  1.00 0.14 ? 2 DC B H6     1 
ATOM 352  P P      . DG B 1 3 ? -8.985  2.033   -7.004  1.00 0.14 ? 3 DG B P      1 
ATOM 353  O OP1    . DG B 1 3 ? -10.393 2.205   -7.420  1.00 0.19 ? 3 DG B OP1    1 
ATOM 354  O OP2    . DG B 1 3 ? -8.092  1.110   -7.744  1.00 0.17 ? 3 DG B OP2    1 
ATOM 355  O "O5'"  . DG B 1 3 ? -8.309  3.487   -6.988  1.00 0.17 ? 3 DG B "O5'"  1 
ATOM 356  C "C5'"  . DG B 1 3 ? -8.898  4.645   -6.372  1.00 0.18 ? 3 DG B "C5'"  1 
ATOM 357  C "C4'"  . DG B 1 3 ? -7.869  5.774   -6.263  1.00 0.16 ? 3 DG B "C4'"  1 
ATOM 358  O "O4'"  . DG B 1 3 ? -6.746  5.349   -5.460  1.00 0.15 ? 3 DG B "O4'"  1 
ATOM 359  C "C3'"  . DG B 1 3 ? -7.256  6.254   -7.582  1.00 0.15 ? 3 DG B "C3'"  1 
ATOM 360  O "O3'"  . DG B 1 3 ? -6.569  7.511   -7.562  1.00 0.17 ? 3 DG B "O3'"  1 
ATOM 361  C "C2'"  . DG B 1 3 ? -6.188  5.190   -7.696  1.00 0.14 ? 3 DG B "C2'"  1 
ATOM 362  C "C1'"  . DG B 1 3 ? -5.591  5.346   -6.303  1.00 0.13 ? 3 DG B "C1'"  1 
ATOM 363  N N9     . DG B 1 3 ? -4.556  4.330   -6.037  1.00 0.11 ? 3 DG B N9     1 
ATOM 364  C C8     . DG B 1 3 ? -4.499  2.996   -6.375  1.00 0.10 ? 3 DG B C8     1 
ATOM 365  N N7     . DG B 1 3 ? -3.396  2.422   -6.054  1.00 0.10 ? 3 DG B N7     1 
ATOM 366  C C5     . DG B 1 3 ? -2.657  3.415   -5.460  1.00 0.09 ? 3 DG B C5     1 
ATOM 367  C C6     . DG B 1 3 ? -1.368  3.345   -4.922  1.00 0.09 ? 3 DG B C6     1 
ATOM 368  O O6     . DG B 1 3 ? -0.649  2.353   -4.923  1.00 0.11 ? 3 DG B O6     1 
ATOM 369  N N1     . DG B 1 3 ? -0.962  4.561   -4.408  1.00 0.09 ? 3 DG B N1     1 
ATOM 370  C C2     . DG B 1 3 ? -1.737  5.703   -4.427  1.00 0.10 ? 3 DG B C2     1 
ATOM 371  N N2     . DG B 1 3 ? -1.230  6.807   -3.905  1.00 0.12 ? 3 DG B N2     1 
ATOM 372  N N3     . DG B 1 3 ? -2.958  5.772   -4.938  1.00 0.11 ? 3 DG B N3     1 
ATOM 373  C C4     . DG B 1 3 ? -3.356  4.588   -5.438  1.00 0.10 ? 3 DG B C4     1 
ATOM 374  H "H5'"  . DG B 1 3 ? -9.280  4.403   -5.381  1.00 0.24 ? 3 DG B "H5'"  1 
ATOM 375  H "H5''" . DG B 1 3 ? -9.728  4.990   -6.988  1.00 0.25 ? 3 DG B "H5''" 1 
ATOM 376  H "H4'"  . DG B 1 3 ? -8.343  6.623   -5.772  1.00 0.22 ? 3 DG B "H4'"  1 
ATOM 377  H "H3'"  . DG B 1 3 ? -7.997  6.230   -8.382  1.00 0.20 ? 3 DG B "H3'"  1 
ATOM 378  H "H2'"  . DG B 1 3 ? -6.644  4.209   -7.827  1.00 0.20 ? 3 DG B "H2'"  1 
ATOM 379  H "H2''" . DG B 1 3 ? -5.454  5.384   -8.479  1.00 0.21 ? 3 DG B "H2''" 1 
ATOM 380  H "H1'"  . DG B 1 3 ? -5.124  6.330   -6.241  1.00 0.20 ? 3 DG B "H1'"  1 
ATOM 381  H H8     . DG B 1 3 ? -5.248  2.372   -6.864  1.00 0.12 ? 3 DG B H8     1 
ATOM 382  H H1     . DG B 1 3 ? -0.042  4.600   -3.993  1.00 0.12 ? 3 DG B H1     1 
ATOM 383  H H21    . DG B 1 3 ? -0.294  6.790   -3.525  1.00 0.16 ? 3 DG B H21    1 
ATOM 384  H H22    . DG B 1 3 ? -1.802  7.639   -3.900  1.00 0.17 ? 3 DG B H22    1 
ATOM 385  P P      . DG B 1 4 ? -6.152  8.301   -8.906  1.00 0.19 ? 4 DG B P      1 
ATOM 386  O OP1    . DG B 1 4 ? -7.366  8.742   -9.622  1.00 0.26 ? 4 DG B OP1    1 
ATOM 387  O OP2    . DG B 1 4 ? -5.101  7.529   -9.603  1.00 0.24 ? 4 DG B OP2    1 
ATOM 388  O "O5'"  . DG B 1 4 ? -5.457  9.629   -8.337  1.00 0.19 ? 4 DG B "O5'"  1 
ATOM 389  C "C5'"  . DG B 1 4 ? -5.680  10.201  -7.042  1.00 0.20 ? 4 DG B "C5'"  1 
ATOM 390  C "C4'"  . DG B 1 4 ? -4.338  10.532  -6.390  1.00 0.19 ? 4 DG B "C4'"  1 
ATOM 391  O "O4'"  . DG B 1 4 ? -3.582  9.340   -6.113  1.00 0.17 ? 4 DG B "O4'"  1 
ATOM 392  C "C3'"  . DG B 1 4 ? -3.394  11.379  -7.243  1.00 0.20 ? 4 DG B "C3'"  1 
ATOM 393  O "O3'"  . DG B 1 4 ? -2.336  12.079  -6.575  1.00 0.23 ? 4 DG B "O3'"  1 
ATOM 394  C "C2'"  . DG B 1 4 ? -2.748  10.268  -8.068  1.00 0.18 ? 4 DG B "C2'"  1 
ATOM 395  C "C1'"  . DG B 1 4 ? -2.385  9.370   -6.900  1.00 0.16 ? 4 DG B "C1'"  1 
ATOM 396  N N9     . DG B 1 4 ? -1.959  8.005   -7.234  1.00 0.13 ? 4 DG B N9     1 
ATOM 397  C C8     . DG B 1 4 ? -2.641  6.980   -7.833  1.00 0.13 ? 4 DG B C8     1 
ATOM 398  N N7     . DG B 1 4 ? -1.940  5.893   -7.962  1.00 0.12 ? 4 DG B N7     1 
ATOM 399  C C5     . DG B 1 4 ? -0.714  6.221   -7.413  1.00 0.11 ? 4 DG B C5     1 
ATOM 400  C C6     . DG B 1 4 ? 0.457   5.451   -7.265  1.00 0.11 ? 4 DG B C6     1 
ATOM 401  O O6     . DG B 1 4 ? 0.698   4.303   -7.587  1.00 0.11 ? 4 DG B O6     1 
ATOM 402  N N1     . DG B 1 4 ? 1.448   6.149   -6.671  1.00 0.12 ? 4 DG B N1     1 
ATOM 403  C C2     . DG B 1 4 ? 1.363   7.441   -6.254  1.00 0.12 ? 4 DG B C2     1 
ATOM 404  N N2     . DG B 1 4 ? 2.445   7.968   -5.709  1.00 0.13 ? 4 DG B N2     1 
ATOM 405  N N3     . DG B 1 4 ? 0.278   8.188   -6.378  1.00 0.13 ? 4 DG B N3     1 
ATOM 406  C C4     . DG B 1 4 ? -0.723  7.509   -6.969  1.00 0.12 ? 4 DG B C4     1 
ATOM 407  H "H5'"  . DG B 1 4 ? -6.247  9.533   -6.395  1.00 0.26 ? 4 DG B "H5'"  1 
ATOM 408  H "H5''" . DG B 1 4 ? -6.241  11.126  -7.177  1.00 0.26 ? 4 DG B "H5''" 1 
ATOM 409  H "H4'"  . DG B 1 4 ? -4.530  11.056  -5.454  1.00 0.24 ? 4 DG B "H4'"  1 
ATOM 410  H "H3'"  . DG B 1 4 ? -3.987  12.053  -7.861  1.00 0.26 ? 4 DG B "H3'"  1 
ATOM 411  H "H2'"  . DG B 1 4 ? -3.487  9.802   -8.719  1.00 0.23 ? 4 DG B "H2'"  1 
ATOM 412  H "H2''" . DG B 1 4 ? -1.869  10.584  -8.628  1.00 0.24 ? 4 DG B "H2''" 1 
ATOM 413  H "H1'"  . DG B 1 4 ? -1.588  9.845   -6.329  1.00 0.20 ? 4 DG B "H1'"  1 
ATOM 414  H H8     . DG B 1 4 ? -3.672  7.031   -8.182  1.00 0.16 ? 4 DG B H8     1 
ATOM 415  H H1     . DG B 1 4 ? 2.296   5.614   -6.554  1.00 0.13 ? 4 DG B H1     1 
ATOM 416  H H21    . DG B 1 4 ? 3.304   7.449   -5.593  1.00 0.14 ? 4 DG B H21    1 
ATOM 417  H H22    . DG B 1 4 ? 2.403   8.931   -5.404  1.00 0.17 ? 4 DG B H22    1 
ATOM 418  P P      . DT B 1 5 ? -2.155  13.631  -6.928  1.00 0.23 ? 5 DT B P      1 
ATOM 419  O OP1    . DT B 1 5 ? -3.086  14.408  -6.081  1.00 0.30 ? 5 DT B OP1    1 
ATOM 420  O OP2    . DT B 1 5 ? -2.225  13.772  -8.397  1.00 0.26 ? 5 DT B OP2    1 
ATOM 421  O "O5'"  . DT B 1 5 ? -0.649  14.013  -6.511  1.00 0.27 ? 5 DT B "O5'"  1 
ATOM 422  C "C5'"  . DT B 1 5 ? -0.278  14.667  -5.290  1.00 0.31 ? 5 DT B "C5'"  1 
ATOM 423  C "C4'"  . DT B 1 5 ? -0.384  13.762  -4.066  1.00 0.29 ? 5 DT B "C4'"  1 
ATOM 424  O "O4'"  . DT B 1 5 ? -1.729  13.438  -3.668  1.00 0.27 ? 5 DT B "O4'"  1 
ATOM 425  C "C3'"  . DT B 1 5 ? 0.339   12.418  -4.132  1.00 0.29 ? 5 DT B "C3'"  1 
ATOM 426  O "O3'"  . DT B 1 5 ? 1.041   12.083  -2.948  1.00 0.37 ? 5 DT B "O3'"  1 
ATOM 427  C "C2'"  . DT B 1 5 ? -0.843  11.466  -4.161  1.00 0.25 ? 5 DT B "C2'"  1 
ATOM 428  C "C1'"  . DT B 1 5 ? -1.705  12.128  -3.094  1.00 0.24 ? 5 DT B "C1'"  1 
ATOM 429  N N1     . DT B 1 5 ? -3.050  11.541  -2.902  1.00 0.20 ? 5 DT B N1     1 
ATOM 430  C C2     . DT B 1 5 ? -4.106  12.344  -2.475  1.00 0.23 ? 5 DT B C2     1 
ATOM 431  O O2     . DT B 1 5 ? -4.036  13.547  -2.234  1.00 0.27 ? 5 DT B O2     1 
ATOM 432  N N3     . DT B 1 5 ? -5.303  11.690  -2.325  1.00 0.23 ? 5 DT B N3     1 
ATOM 433  C C4     . DT B 1 5 ? -5.550  10.357  -2.548  1.00 0.21 ? 5 DT B C4     1 
ATOM 434  O O4     . DT B 1 5 ? -6.677  9.909   -2.368  1.00 0.24 ? 5 DT B O4     1 
ATOM 435  C C5     . DT B 1 5 ? -4.413  9.601   -2.985  1.00 0.19 ? 5 DT B C5     1 
ATOM 436  C C7     . DT B 1 5 ? -4.559  8.102   -3.264  1.00 0.22 ? 5 DT B C7     1 
ATOM 437  C C6     . DT B 1 5 ? -3.230  10.201  -3.144  1.00 0.19 ? 5 DT B C6     1 
ATOM 438  H "H5'"  . DT B 1 5 ? -0.892  15.554  -5.133  1.00 0.41 ? 5 DT B "H5'"  1 
ATOM 439  H "H5''" . DT B 1 5 ? 0.761   14.980  -5.393  1.00 0.35 ? 5 DT B "H5''" 1 
ATOM 440  H "H4'"  . DT B 1 5 ? 0.069   14.299  -3.233  1.00 0.40 ? 5 DT B "H4'"  1 
ATOM 441  H "H3'"  . DT B 1 5 ? 0.969   12.337  -5.018  1.00 0.33 ? 5 DT B "H3'"  1 
ATOM 442  H "H2'"  . DT B 1 5 ? -1.333  11.487  -5.135  1.00 0.28 ? 5 DT B "H2'"  1 
ATOM 443  H "H2''" . DT B 1 5 ? -0.542  10.456  -3.885  1.00 0.35 ? 5 DT B "H2''" 1 
ATOM 444  H "H1'"  . DT B 1 5 ? -1.184  12.140  -2.137  1.00 0.35 ? 5 DT B "H1'"  1 
ATOM 445  H H3     . DT B 1 5 ? -6.088  12.244  -2.013  1.00 0.27 ? 5 DT B H3     1 
ATOM 446  H H71    . DT B 1 5 ? -3.874  7.531   -2.635  1.00 0.34 ? 5 DT B H71    1 
ATOM 447  H H72    . DT B 1 5 ? -5.578  7.792   -3.031  1.00 0.31 ? 5 DT B H72    1 
ATOM 448  H H73    . DT B 1 5 ? -4.356  7.889   -4.313  1.00 0.32 ? 5 DT B H73    1 
ATOM 449  H H6     . DT B 1 5 ? -2.395  9.583   -3.476  1.00 0.22 ? 5 DT B H6     1 
ATOM 450  P P      . DG B 1 6 ? 2.627   12.063  -2.848  1.00 0.16 ? 6 DG B P      1 
ATOM 451  O OP1    . DG B 1 6 ? 3.112   13.421  -2.515  1.00 0.31 ? 6 DG B OP1    1 
ATOM 452  O OP2    . DG B 1 6 ? 3.174   11.304  -4.004  1.00 0.32 ? 6 DG B OP2    1 
ATOM 453  O "O5'"  . DG B 1 6 ? 2.620   11.149  -1.523  1.00 0.18 ? 6 DG B "O5'"  1 
ATOM 454  C "C5'"  . DG B 1 6 ? 3.643   11.156  -0.516  1.00 0.20 ? 6 DG B "C5'"  1 
ATOM 455  C "C4'"  . DG B 1 6 ? 4.661   10.045  -0.742  1.00 0.17 ? 6 DG B "C4'"  1 
ATOM 456  O "O4'"  . DG B 1 6 ? 3.948   8.799   -0.728  1.00 0.17 ? 6 DG B "O4'"  1 
ATOM 457  C "C3'"  . DG B 1 6 ? 5.429   10.084  -2.082  1.00 0.18 ? 6 DG B "C3'"  1 
ATOM 458  O "O3'"  . DG B 1 6 ? 6.727   9.474   -2.217  1.00 0.23 ? 6 DG B "O3'"  1 
ATOM 459  C "C2'"  . DG B 1 6 ? 4.499   9.163   -2.840  1.00 0.15 ? 6 DG B "C2'"  1 
ATOM 460  C "C1'"  . DG B 1 6 ? 4.399   8.024   -1.827  1.00 0.15 ? 6 DG B "C1'"  1 
ATOM 461  N N9     . DG B 1 6 ? 3.392   7.056   -2.288  1.00 0.12 ? 6 DG B N9     1 
ATOM 462  C C8     . DG B 1 6 ? 2.078   7.258   -2.604  1.00 0.13 ? 6 DG B C8     1 
ATOM 463  N N7     . DG B 1 6 ? 1.470   6.183   -3.050  1.00 0.12 ? 6 DG B N7     1 
ATOM 464  C C5     . DG B 1 6 ? 2.474   5.210   -3.012  1.00 0.10 ? 6 DG B C5     1 
ATOM 465  C C6     . DG B 1 6 ? 2.446   3.833   -3.371  1.00 0.09 ? 6 DG B C6     1 
ATOM 466  O O6     . DG B 1 6 ? 1.483   3.215   -3.804  1.00 0.10 ? 6 DG B O6     1 
ATOM 467  N N1     . DG B 1 6 ? 3.681   3.216   -3.181  1.00 0.08 ? 6 DG B N1     1 
ATOM 468  C C2     . DG B 1 6 ? 4.785   3.854   -2.702  1.00 0.10 ? 6 DG B C2     1 
ATOM 469  N N2     . DG B 1 6 ? 5.883   3.153   -2.567  1.00 0.12 ? 6 DG B N2     1 
ATOM 470  N N3     . DG B 1 6 ? 4.821   5.130   -2.367  1.00 0.11 ? 6 DG B N3     1 
ATOM 471  C C4     . DG B 1 6 ? 3.639   5.745   -2.546  1.00 0.11 ? 6 DG B C4     1 
ATOM 472  H "H5'"  . DG B 1 6 ? 3.174   11.004  0.457   1.00 0.30 ? 6 DG B "H5'"  1 
ATOM 473  H "H5''" . DG B 1 6 ? 4.157   12.117  -0.508  1.00 0.28 ? 6 DG B "H5''" 1 
ATOM 474  H "H4'"  . DG B 1 6 ? 5.376   10.052  0.081   1.00 0.24 ? 6 DG B "H4'"  1 
ATOM 475  H "H3'"  . DG B 1 6 ? 5.466   11.097  -2.483  1.00 0.22 ? 6 DG B "H3'"  1 
ATOM 476  H "H2'"  . DG B 1 6 ? 3.514   9.607   -2.988  1.00 0.19 ? 6 DG B "H2'"  1 
ATOM 477  H "H2''" . DG B 1 6 ? 4.880   8.882   -3.821  1.00 0.19 ? 6 DG B "H2''" 1 
ATOM 478  H "H1'"  . DG B 1 6 ? 5.368   7.561   -1.643  1.00 0.18 ? 6 DG B "H1'"  1 
ATOM 479  H H8     . DG B 1 6 ? 1.582   8.223   -2.493  1.00 0.19 ? 6 DG B H8     1 
ATOM 480  H H1     . DG B 1 6 ? 3.773   2.244   -3.437  1.00 0.10 ? 6 DG B H1     1 
ATOM 481  H H21    . DG B 1 6 ? 5.946   2.155   -2.712  1.00 0.14 ? 6 DG B H21    1 
ATOM 482  H H22    . DG B 1 6 ? 6.703   3.680   -2.305  1.00 0.18 ? 6 DG B H22    1 
ATOM 483  P P      . DG B 1 7 ? 7.853   9.435   -1.071  1.00 0.19 ? 7 DG B P      1 
ATOM 484  O OP1    . DG B 1 7 ? 7.426   10.296  0.056   1.00 0.26 ? 7 DG B OP1    1 
ATOM 485  O OP2    . DG B 1 7 ? 9.157   9.693   -1.714  1.00 0.24 ? 7 DG B OP2    1 
ATOM 486  O "O5'"  . DG B 1 7 ? 7.760   7.882   -0.623  1.00 0.23 ? 7 DG B "O5'"  1 
ATOM 487  C "C5'"  . DG B 1 7 ? 8.847   6.934   -0.588  1.00 0.21 ? 7 DG B "C5'"  1 
ATOM 488  C "C4'"  . DG B 1 7 ? 9.375   6.429   -1.949  1.00 0.17 ? 7 DG B "C4'"  1 
ATOM 489  O "O4'"  . DG B 1 7 ? 8.379   5.724   -2.721  1.00 0.16 ? 7 DG B "O4'"  1 
ATOM 490  C "C3'"  . DG B 1 7 ? 10.042  7.375   -2.957  1.00 0.21 ? 7 DG B "C3'"  1 
ATOM 491  O "O3'"  . DG B 1 7 ? 11.176  6.794   -3.622  1.00 0.26 ? 7 DG B "O3'"  1 
ATOM 492  C "C2'"  . DG B 1 7 ? 8.868   7.594   -3.908  1.00 0.20 ? 7 DG B "C2'"  1 
ATOM 493  C "C1'"  . DG B 1 7 ? 8.448   6.153   -4.096  1.00 0.17 ? 7 DG B "C1'"  1 
ATOM 494  N N9     . DG B 1 7 ? 7.123   5.976   -4.717  1.00 0.14 ? 7 DG B N9     1 
ATOM 495  C C8     . DG B 1 7 ? 6.128   6.894   -4.847  1.00 0.15 ? 7 DG B C8     1 
ATOM 496  N N7     . DG B 1 7 ? 5.039   6.459   -5.409  1.00 0.15 ? 7 DG B N7     1 
ATOM 497  C C5     . DG B 1 7 ? 5.346   5.130   -5.679  1.00 0.12 ? 7 DG B C5     1 
ATOM 498  C C6     . DG B 1 7 ? 4.561   4.127   -6.289  1.00 0.12 ? 7 DG B C6     1 
ATOM 499  O O6     . DG B 1 7 ? 3.422   4.197   -6.727  1.00 0.12 ? 7 DG B O6     1 
ATOM 500  N N1     . DG B 1 7 ? 5.244   2.945   -6.368  1.00 0.11 ? 7 DG B N1     1 
ATOM 501  C C2     . DG B 1 7 ? 6.513   2.731   -5.930  1.00 0.12 ? 7 DG B C2     1 
ATOM 502  N N2     . DG B 1 7 ? 7.024   1.530   -6.138  1.00 0.13 ? 7 DG B N2     1 
ATOM 503  N N3     . DG B 1 7 ? 7.273   3.648   -5.351  1.00 0.13 ? 7 DG B N3     1 
ATOM 504  C C4     . DG B 1 7 ? 6.620   4.830   -5.260  1.00 0.13 ? 7 DG B C4     1 
ATOM 505  H "H5'"  . DG B 1 7 ? 8.492   6.054   -0.051  1.00 0.29 ? 7 DG B "H5'"  1 
ATOM 506  H "H5''" . DG B 1 7 ? 9.680   7.361   -0.030  1.00 0.27 ? 7 DG B "H5''" 1 
ATOM 507  H "H4'"  . DG B 1 7 ? 10.144  5.694   -1.707  1.00 0.24 ? 7 DG B "H4'"  1 
ATOM 508  H "H3'"  . DG B 1 7 ? 10.365  8.290   -2.460  1.00 0.26 ? 7 DG B "H3'"  1 
ATOM 509  H "H2'"  . DG B 1 7 ? 8.081   8.173   -3.424  1.00 0.24 ? 7 DG B "H2'"  1 
ATOM 510  H "H2''" . DG B 1 7 ? 9.156   8.052   -4.855  1.00 0.27 ? 7 DG B "H2''" 1 
ATOM 511  H "H1'"  . DG B 1 7 ? 9.211   5.598   -4.640  1.00 0.22 ? 7 DG B "H1'"  1 
ATOM 512  H H8     . DG B 1 7 ? 6.262   7.920   -4.503  1.00 0.15 ? 7 DG B H8     1 
ATOM 513  H H1     . DG B 1 7 ? 4.791   2.145   -6.787  1.00 0.12 ? 7 DG B H1     1 
ATOM 514  H H21    . DG B 1 7 ? 6.516   0.756   -6.543  1.00 0.16 ? 7 DG B H21    1 
ATOM 515  H H22    . DG B 1 7 ? 7.989   1.385   -5.879  1.00 0.19 ? 7 DG B H22    1 
ATOM 516  P P      . DA B 1 8 ? 11.710  7.045   -5.118  1.00 0.32 ? 8 DA B P      1 
ATOM 517  O OP1    . DA B 1 8 ? 13.188  7.099   -5.043  1.00 0.42 ? 8 DA B OP1    1 
ATOM 518  O OP2    . DA B 1 8 ? 10.970  8.176   -5.732  1.00 0.34 ? 8 DA B OP2    1 
ATOM 519  O "O5'"  . DA B 1 8 ? 11.301  5.656   -5.830  1.00 0.31 ? 8 DA B "O5'"  1 
ATOM 520  C "C5'"  . DA B 1 8 ? 12.262  4.601   -6.025  1.00 0.34 ? 8 DA B "C5'"  1 
ATOM 521  C "C4'"  . DA B 1 8 ? 11.925  3.729   -7.230  1.00 0.30 ? 8 DA B "C4'"  1 
ATOM 522  O "O4'"  . DA B 1 8 ? 10.676  3.077   -6.985  1.00 0.25 ? 8 DA B "O4'"  1 
ATOM 523  C "C3'"  . DA B 1 8 ? 11.667  4.453   -8.558  1.00 0.31 ? 8 DA B "C3'"  1 
ATOM 524  O "O3'"  . DA B 1 8 ? 12.739  4.995   -9.335  1.00 0.39 ? 8 DA B "O3'"  1 
ATOM 525  C "C2'"  . DA B 1 8 ? 11.048  3.294   -9.305  1.00 0.26 ? 8 DA B "C2'"  1 
ATOM 526  C "C1'"  . DA B 1 8 ? 10.027  2.897   -8.245  1.00 0.22 ? 8 DA B "C1'"  1 
ATOM 527  N N9     . DA B 1 8 ? 8.775   3.651   -8.314  1.00 0.18 ? 8 DA B N9     1 
ATOM 528  C C8     . DA B 1 8 ? 8.450   4.886   -7.830  1.00 0.19 ? 8 DA B C8     1 
ATOM 529  N N7     . DA B 1 8 ? 7.222   5.245   -8.113  1.00 0.18 ? 8 DA B N7     1 
ATOM 530  C C5     . DA B 1 8 ? 6.710   4.168   -8.830  1.00 0.16 ? 8 DA B C5     1 
ATOM 531  C C6     . DA B 1 8 ? 5.460   3.899   -9.425  1.00 0.15 ? 8 DA B C6     1 
ATOM 532  N N6     . DA B 1 8 ? 4.428   4.738   -9.409  1.00 0.17 ? 8 DA B N6     1 
ATOM 533  N N1     . DA B 1 8 ? 5.320   2.719   -10.050 1.00 0.14 ? 8 DA B N1     1 
ATOM 534  C C2     . DA B 1 8 ? 6.342   1.869   -10.083 1.00 0.16 ? 8 DA B C2     1 
ATOM 535  N N3     . DA B 1 8 ? 7.550   2.013   -9.567  1.00 0.17 ? 8 DA B N3     1 
ATOM 536  C C4     . DA B 1 8 ? 7.660   3.200   -8.947  1.00 0.16 ? 8 DA B C4     1 
ATOM 537  H "H5'"  . DA B 1 8 ? 12.322  3.975   -5.134  1.00 0.36 ? 8 DA B "H5'"  1 
ATOM 538  H "H5''" . DA B 1 8 ? 13.243  5.044   -6.198  1.00 0.42 ? 8 DA B "H5''" 1 
ATOM 539  H "H4'"  . DA B 1 8 ? 12.714  2.990   -7.374  1.00 0.37 ? 8 DA B "H4'"  1 
ATOM 540  H "H3'"  . DA B 1 8 ? 10.924  5.237   -8.411  1.00 0.31 ? 8 DA B "H3'"  1 
ATOM 541  H "H2'"  . DA B 1 8 ? 10.585  3.555   -10.257 1.00 0.30 ? 8 DA B "H2'"  1 
ATOM 542  H "H2''" . DA B 1 8 ? 11.796  2.514   -9.439  1.00 0.30 ? 8 DA B "H2''" 1 
ATOM 543  H "H1'"  . DA B 1 8 ? 9.806   1.835   -8.358  1.00 0.28 ? 8 DA B "H1'"  1 
ATOM 544  H H8     . DA B 1 8 ? 9.150   5.494   -7.257  1.00 0.23 ? 8 DA B H8     1 
ATOM 545  H H61    . DA B 1 8 ? 3.568   4.471   -9.866  1.00 0.19 ? 8 DA B H61    1 
ATOM 546  H H62    . DA B 1 8 ? 4.535   5.627   -8.941  1.00 0.20 ? 8 DA B H62    1 
ATOM 547  H H2     . DA B 1 8 ? 6.159   0.928   -10.602 1.00 0.17 ? 8 DA B H2     1 
ATOM 548  P P      . DT B 1 9 ? 13.712  6.112   -8.727  1.00 0.46 ? 9 DT B P      1 
ATOM 549  O OP1    . DT B 1 9 ? 14.337  6.819   -9.867  1.00 0.53 ? 9 DT B OP1    1 
ATOM 550  O OP2    . DT B 1 9 ? 14.574  5.491   -7.696  1.00 0.51 ? 9 DT B OP2    1 
ATOM 551  O "O5'"  . DT B 1 9 ? 12.690  7.139   -8.012  1.00 0.43 ? 9 DT B "O5'"  1 
ATOM 552  C "C5'"  . DT B 1 9 ? 12.004  8.205   -8.690  1.00 0.44 ? 9 DT B "C5'"  1 
ATOM 553  C "C4'"  . DT B 1 9 ? 10.645  7.801   -9.274  1.00 0.41 ? 9 DT B "C4'"  1 
ATOM 554  O "O4'"  . DT B 1 9 ? 9.726   7.433   -8.229  1.00 0.34 ? 9 DT B "O4'"  1 
ATOM 555  C "C3'"  . DT B 1 9 ? 9.892   8.926   -9.979  1.00 0.43 ? 9 DT B "C3'"  1 
ATOM 556  O "O3'"  . DT B 1 9 ? 10.473  9.275   -11.245 1.00 0.53 ? 9 DT B "O3'"  1 
ATOM 557  C "C2'"  . DT B 1 9 ? 8.529   8.258   -10.045 1.00 0.38 ? 9 DT B "C2'"  1 
ATOM 558  C "C1'"  . DT B 1 9 ? 8.390   7.861   -8.580  1.00 0.31 ? 9 DT B "C1'"  1 
ATOM 559  N N1     . DT B 1 9 ? 7.891   8.855   -7.587  1.00 0.32 ? 9 DT B N1     1 
ATOM 560  C C2     . DT B 1 9 ? 6.524   8.967   -7.332  1.00 0.32 ? 9 DT B C2     1 
ATOM 561  O O2     . DT B 1 9 ? 5.687   8.274   -7.908  1.00 0.32 ? 9 DT B O2     1 
ATOM 562  N N3     . DT B 1 9 ? 6.164   9.904   -6.378  1.00 0.36 ? 9 DT B N3     1 
ATOM 563  C C4     . DT B 1 9 ? 7.027   10.720  -5.671  1.00 0.39 ? 9 DT B C4     1 
ATOM 564  O O4     . DT B 1 9 ? 6.586   11.517  -4.847  1.00 0.44 ? 9 DT B O4     1 
ATOM 565  C C5     . DT B 1 9 ? 8.421   10.524  -6.008  1.00 0.38 ? 9 DT B C5     1 
ATOM 566  C C7     . DT B 1 9 ? 9.524   11.314  -5.314  1.00 0.46 ? 9 DT B C7     1 
ATOM 567  C C6     . DT B 1 9 ? 8.791   9.630   -6.927  1.00 0.35 ? 9 DT B C6     1 
ATOM 568  H "H5'"  . DT B 1 9 ? 12.634  8.587   -9.492  1.00 0.53 ? 9 DT B "H5'"  1 
ATOM 569  H "H5''" . DT B 1 9 ? 11.845  9.005   -7.967  1.00 0.50 ? 9 DT B "H5''" 1 
ATOM 570  H "H4'"  . DT B 1 9 ? 10.781  6.969   -9.965  1.00 0.43 ? 9 DT B "H4'"  1 
ATOM 571  H "H3'"  . DT B 1 9 ? 9.832   9.813   -9.348  1.00 0.45 ? 9 DT B "H3'"  1 
ATOM 572  H "HO3'" . DT B 1 9 ? 11.407  9.433   -11.088 1.00 0.63 ? 9 DT B "HO3'" 1 
ATOM 573  H "H2'"  . DT B 1 9 ? 7.720   8.910   -10.373 1.00 0.43 ? 9 DT B "H2'"  1 
ATOM 574  H "H2''" . DT B 1 9 ? 8.595   7.377   -10.683 1.00 0.39 ? 9 DT B "H2''" 1 
ATOM 575  H "H1'"  . DT B 1 9 ? 7.697   7.019   -8.557  1.00 0.34 ? 9 DT B "H1'"  1 
ATOM 576  H H3     . DT B 1 9 ? 5.184   10.018  -6.160  1.00 0.39 ? 9 DT B H3     1 
ATOM 577  H H71    . DT B 1 9 ? 9.089   11.994  -4.582  1.00 0.51 ? 9 DT B H71    1 
ATOM 578  H H72    . DT B 1 9 ? 10.196  10.623  -4.806  1.00 0.52 ? 9 DT B H72    1 
ATOM 579  H H73    . DT B 1 9 ? 10.086  11.888  -6.050  1.00 0.57 ? 9 DT B H73    1 
ATOM 580  H H6     . DT B 1 9 ? 9.856   9.531   -7.137  1.00 0.39 ? 9 DT B H6     1 
ATOM 581  O "O5'"  . DG C 1 1 ? -4.332  -7.924  -1.618  1.00 0.12 ? 1 DG C "O5'"  1 
ATOM 582  C "C5'"  . DG C 1 1 ? -2.924  -8.042  -1.377  1.00 0.11 ? 1 DG C "C5'"  1 
ATOM 583  C "C4'"  . DG C 1 1 ? -2.124  -7.884  -2.675  1.00 0.11 ? 1 DG C "C4'"  1 
ATOM 584  O "O4'"  . DG C 1 1 ? -2.567  -6.793  -3.500  1.00 0.10 ? 1 DG C "O4'"  1 
ATOM 585  C "C3'"  . DG C 1 1 ? -0.593  -7.761  -2.654  1.00 0.10 ? 1 DG C "C3'"  1 
ATOM 586  O "O3'"  . DG C 1 1 ? 0.190   -8.942  -2.493  1.00 0.11 ? 1 DG C "O3'"  1 
ATOM 587  C "C2'"  . DG C 1 1 ? -0.347  -7.227  -4.047  1.00 0.11 ? 1 DG C "C2'"  1 
ATOM 588  C "C1'"  . DG C 1 1 ? -1.421  -6.140  -4.046  1.00 0.10 ? 1 DG C "C1'"  1 
ATOM 589  N N9     . DG C 1 1 ? -1.183  -4.776  -3.533  1.00 0.10 ? 1 DG C N9     1 
ATOM 590  C C8     . DG C 1 1 ? -2.062  -3.736  -3.532  1.00 0.10 ? 1 DG C C8     1 
ATOM 591  N N7     . DG C 1 1 ? -1.584  -2.629  -3.084  1.00 0.10 ? 1 DG C N7     1 
ATOM 592  C C5     . DG C 1 1 ? -0.277  -2.941  -2.748  1.00 0.09 ? 1 DG C C5     1 
ATOM 593  C C6     . DG C 1 1 ? 0.750   -2.127  -2.201  1.00 0.09 ? 1 DG C C6     1 
ATOM 594  O O6     . DG C 1 1 ? 0.723   -0.938  -1.903  1.00 0.10 ? 1 DG C O6     1 
ATOM 595  N N1     . DG C 1 1 ? 1.913   -2.824  -2.015  1.00 0.09 ? 1 DG C N1     1 
ATOM 596  C C2     . DG C 1 1 ? 2.075   -4.147  -2.317  1.00 0.10 ? 1 DG C C2     1 
ATOM 597  N N2     . DG C 1 1 ? 3.268   -4.660  -2.094  1.00 0.10 ? 1 DG C N2     1 
ATOM 598  N N3     . DG C 1 1 ? 1.127   -4.927  -2.826  1.00 0.10 ? 1 DG C N3     1 
ATOM 599  C C4     . DG C 1 1 ? -0.024  -4.257  -3.018  1.00 0.09 ? 1 DG C C4     1 
ATOM 600  H "H5'"  . DG C 1 1 ? -2.714  -9.039  -0.988  1.00 0.17 ? 1 DG C "H5'"  1 
ATOM 601  H "H5''" . DG C 1 1 ? -2.626  -7.338  -0.600  1.00 0.17 ? 1 DG C "H5''" 1 
ATOM 602  H "H4'"  . DG C 1 1 ? -2.326  -8.796  -3.236  1.00 0.17 ? 1 DG C "H4'"  1 
ATOM 603  H "H3'"  . DG C 1 1 ? -0.296  -6.984  -1.951  1.00 0.15 ? 1 DG C "H3'"  1 
ATOM 604  H "H2'"  . DG C 1 1 ? 0.654   -6.822  -4.197  1.00 0.17 ? 1 DG C "H2'"  1 
ATOM 605  H "H2''" . DG C 1 1 ? -0.572  -8.000  -4.782  1.00 0.18 ? 1 DG C "H2''" 1 
ATOM 606  H "H1'"  . DG C 1 1 ? -1.664  -5.979  -5.096  1.00 0.16 ? 1 DG C "H1'"  1 
ATOM 607  H H8     . DG C 1 1 ? -3.095  -3.815  -3.869  1.00 0.13 ? 1 DG C H8     1 
ATOM 608  H H1     . DG C 1 1 ? 2.676   -2.296  -1.617  1.00 0.12 ? 1 DG C H1     1 
ATOM 609  H H21    . DG C 1 1 ? 4.025   -4.072  -1.777  1.00 0.13 ? 1 DG C H21    1 
ATOM 610  H H22    . DG C 1 1 ? 3.379   -5.652  -2.242  1.00 0.15 ? 1 DG C H22    1 
ATOM 611  H "HO5'" . DG C 1 1 ? -4.487  -7.116  -2.113  1.00 0.14 ? 1 DG C "HO5'" 1 
ATOM 612  P P      . DC C 1 2 ? 1.428   -9.046  -1.473  1.00 0.12 ? 2 DC C P      1 
ATOM 613  O OP1    . DC C 1 2 ? 1.902   -10.447 -1.501  1.00 0.18 ? 2 DC C OP1    1 
ATOM 614  O OP2    . DC C 1 2 ? 0.995   -8.461  -0.182  1.00 0.16 ? 2 DC C OP2    1 
ATOM 615  O "O5'"  . DC C 1 2 ? 2.607   -8.091  -2.083  1.00 0.14 ? 2 DC C "O5'"  1 
ATOM 616  C "C5'"  . DC C 1 2 ? 4.009   -8.326  -1.813  1.00 0.15 ? 2 DC C "C5'"  1 
ATOM 617  C "C4'"  . DC C 1 2 ? 4.508   -7.866  -0.427  1.00 0.13 ? 2 DC C "C4'"  1 
ATOM 618  O "O4'"  . DC C 1 2 ? 4.403   -6.443  -0.297  1.00 0.13 ? 2 DC C "O4'"  1 
ATOM 619  C "C3'"  . DC C 1 2 ? 3.784   -8.401  0.812   1.00 0.15 ? 2 DC C "C3'"  1 
ATOM 620  O "O3'"  . DC C 1 2 ? 4.077   -9.779  1.107   1.00 0.19 ? 2 DC C "O3'"  1 
ATOM 621  C "C2'"  . DC C 1 2 ? 4.368   -7.423  1.822   1.00 0.14 ? 2 DC C "C2'"  1 
ATOM 622  C "C1'"  . DC C 1 2 ? 4.242   -6.086  1.087   1.00 0.13 ? 2 DC C "C1'"  1 
ATOM 623  N N1     . DC C 1 2 ? 3.064   -5.186  1.124   1.00 0.11 ? 2 DC C N1     1 
ATOM 624  C C2     . DC C 1 2 ? 3.228   -3.900  1.649   1.00 0.10 ? 2 DC C C2     1 
ATOM 625  O O2     . DC C 1 2 ? 4.276   -3.512  2.150   1.00 0.12 ? 2 DC C O2     1 
ATOM 626  N N3     . DC C 1 2 ? 2.183   -3.045  1.608   1.00 0.09 ? 2 DC C N3     1 
ATOM 627  C C4     . DC C 1 2 ? 1.028   -3.427  1.079   1.00 0.08 ? 2 DC C C4     1 
ATOM 628  N N4     . DC C 1 2 ? 0.051   -2.558  1.005   1.00 0.07 ? 2 DC C N4     1 
ATOM 629  C C5     . DC C 1 2 ? 0.822   -4.730  0.545   1.00 0.09 ? 2 DC C C5     1 
ATOM 630  C C6     . DC C 1 2 ? 1.865   -5.576  0.589   1.00 0.11 ? 2 DC C C6     1 
ATOM 631  H "H5'"  . DC C 1 2 ? 4.604   -7.816  -2.571  1.00 0.23 ? 2 DC C "H5'"  1 
ATOM 632  H "H5''" . DC C 1 2 ? 4.197   -9.397  -1.897  1.00 0.21 ? 2 DC C "H5''" 1 
ATOM 633  H "H4'"  . DC C 1 2 ? 5.557   -8.150  -0.341  1.00 0.21 ? 2 DC C "H4'"  1 
ATOM 634  H "H3'"  . DC C 1 2 ? 2.706   -8.246  0.768   1.00 0.18 ? 2 DC C "H3'"  1 
ATOM 635  H "H2'"  . DC C 1 2 ? 3.867   -7.440  2.789   1.00 0.24 ? 2 DC C "H2'"  1 
ATOM 636  H "H2''" . DC C 1 2 ? 5.427   -7.661  1.934   1.00 0.19 ? 2 DC C "H2''" 1 
ATOM 637  H "H1'"  . DC C 1 2 ? 5.118   -5.503  1.369   1.00 0.20 ? 2 DC C "H1'"  1 
ATOM 638  H H41    . DC C 1 2 ? 0.136   -1.630  1.393   1.00 0.10 ? 2 DC C H41    1 
ATOM 639  H H42    . DC C 1 2 ? -0.808  -2.824  0.545   1.00 0.11 ? 2 DC C H42    1 
ATOM 640  H H5     . DC C 1 2 ? -0.137  -5.027  0.120   1.00 0.12 ? 2 DC C H5     1 
ATOM 641  H H6     . DC C 1 2 ? 1.729   -6.580  0.188   1.00 0.15 ? 2 DC C H6     1 
ATOM 642  P P      . DG C 1 3 ? 3.742   -10.689 2.406   1.00 0.16 ? 3 DG C P      1 
ATOM 643  O OP1    . DG C 1 3 ? 4.488   -11.954 2.240   1.00 0.19 ? 3 DG C OP1    1 
ATOM 644  O OP2    . DG C 1 3 ? 2.280   -10.706 2.646   1.00 0.18 ? 3 DG C OP2    1 
ATOM 645  O "O5'"  . DG C 1 3 ? 4.442   -9.873  3.596   1.00 0.18 ? 3 DG C "O5'"  1 
ATOM 646  C "C5'"  . DG C 1 3 ? 5.860   -9.662  3.708   1.00 0.18 ? 3 DG C "C5'"  1 
ATOM 647  C "C4'"  . DG C 1 3 ? 6.160   -8.597  4.766   1.00 0.16 ? 3 DG C "C4'"  1 
ATOM 648  O "O4'"  . DG C 1 3 ? 5.539   -7.344  4.402   1.00 0.15 ? 3 DG C "O4'"  1 
ATOM 649  C "C3'"  . DG C 1 3 ? 5.659   -8.896  6.181   1.00 0.16 ? 3 DG C "C3'"  1 
ATOM 650  O "O3'"  . DG C 1 3 ? 6.208   -8.112  7.246   1.00 0.18 ? 3 DG C "O3'"  1 
ATOM 651  C "C2'"  . DG C 1 3 ? 4.239   -8.411  5.987   1.00 0.16 ? 3 DG C "C2'"  1 
ATOM 652  C "C1'"  . DG C 1 3 ? 4.566   -7.041  5.406   1.00 0.13 ? 3 DG C "C1'"  1 
ATOM 653  N N9     . DG C 1 3 ? 3.349   -6.326  4.980   1.00 0.11 ? 3 DG C N9     1 
ATOM 654  C C8     . DG C 1 3 ? 2.207   -6.785  4.365   1.00 0.11 ? 3 DG C C8     1 
ATOM 655  N N7     . DG C 1 3 ? 1.298   -5.890  4.215   1.00 0.10 ? 3 DG C N7     1 
ATOM 656  C C5     . DG C 1 3 ? 1.848   -4.753  4.754   1.00 0.09 ? 3 DG C C5     1 
ATOM 657  C C6     . DG C 1 3 ? 1.291   -3.474  4.858   1.00 0.09 ? 3 DG C C6     1 
ATOM 658  O O6     . DG C 1 3 ? 0.164   -3.157  4.500   1.00 0.11 ? 3 DG C O6     1 
ATOM 659  N N1     . DG C 1 3 ? 2.160   -2.586  5.463   1.00 0.09 ? 3 DG C N1     1 
ATOM 660  C C2     . DG C 1 3 ? 3.422   -2.925  5.909   1.00 0.09 ? 3 DG C C2     1 
ATOM 661  N N2     . DG C 1 3 ? 4.155   -1.982  6.474   1.00 0.10 ? 3 DG C N2     1 
ATOM 662  N N3     . DG C 1 3 ? 3.951   -4.137  5.812   1.00 0.10 ? 3 DG C N3     1 
ATOM 663  C C4     . DG C 1 3 ? 3.107   -5.003  5.223   1.00 0.10 ? 3 DG C C4     1 
ATOM 664  H "H5'"  . DG C 1 3 ? 6.281   -9.355  2.750   1.00 0.22 ? 3 DG C "H5'"  1 
ATOM 665  H "H5''" . DG C 1 3 ? 6.334   -10.596 4.011   1.00 0.26 ? 3 DG C "H5''" 1 
ATOM 666  H "H4'"  . DG C 1 3 ? 7.239   -8.449  4.803   1.00 0.24 ? 3 DG C "H4'"  1 
ATOM 667  H "H3'"  . DG C 1 3 ? 5.739   -9.961  6.402   1.00 0.25 ? 3 DG C "H3'"  1 
ATOM 668  H "H2'"  . DG C 1 3 ? 3.720   -9.038  5.264   1.00 0.21 ? 3 DG C "H2'"  1 
ATOM 669  H "H2''" . DG C 1 3 ? 3.669   -8.335  6.914   1.00 0.23 ? 3 DG C "H2''" 1 
ATOM 670  H "H1'"  . DG C 1 3 ? 5.053   -6.449  6.181   1.00 0.21 ? 3 DG C "H1'"  1 
ATOM 671  H H8     . DG C 1 3 ? 1.970   -7.781  3.991   1.00 0.12 ? 3 DG C H8     1 
ATOM 672  H H1     . DG C 1 3 ? 1.840   -1.634  5.574   1.00 0.11 ? 3 DG C H1     1 
ATOM 673  H H21    . DG C 1 3 ? 3.771   -1.054  6.580   1.00 0.12 ? 3 DG C H21    1 
ATOM 674  H H22    . DG C 1 3 ? 5.086   -2.223  6.782   1.00 0.16 ? 3 DG C H22    1 
ATOM 675  P P      . DG C 1 4 ? 6.033   -8.504  8.802   1.00 0.20 ? 4 DG C P      1 
ATOM 676  O OP1    . DG C 1 4 ? 6.751   -9.764  9.083   1.00 0.25 ? 4 DG C OP1    1 
ATOM 677  O OP2    . DG C 1 4 ? 4.610   -8.344  9.173   1.00 0.25 ? 4 DG C OP2    1 
ATOM 678  O "O5'"  . DG C 1 4 ? 6.844   -7.344  9.556   1.00 0.18 ? 4 DG C "O5'"  1 
ATOM 679  C "C5'"  . DG C 1 4 ? 7.894   -6.552  8.986   1.00 0.19 ? 4 DG C "C5'"  1 
ATOM 680  C "C4'"  . DG C 1 4 ? 7.646   -5.076  9.294   1.00 0.18 ? 4 DG C "C4'"  1 
ATOM 681  O "O4'"  . DG C 1 4 ? 6.459   -4.595  8.640   1.00 0.16 ? 4 DG C "O4'"  1 
ATOM 682  C "C3'"  . DG C 1 4 ? 7.412   -4.752  10.769  1.00 0.18 ? 4 DG C "C3'"  1 
ATOM 683  O "O3'"  . DG C 1 4 ? 7.599   -3.396  11.195  1.00 0.19 ? 4 DG C "O3'"  1 
ATOM 684  C "C2'"  . DG C 1 4 ? 5.915   -5.045  10.848  1.00 0.17 ? 4 DG C "C2'"  1 
ATOM 685  C "C1'"  . DG C 1 4 ? 5.509   -4.217  9.643   1.00 0.14 ? 4 DG C "C1'"  1 
ATOM 686  N N9     . DG C 1 4 ? 4.140   -4.409  9.150   1.00 0.12 ? 4 DG C N9     1 
ATOM 687  C C8     . DG C 1 4 ? 3.532   -5.513  8.617   1.00 0.13 ? 4 DG C C8     1 
ATOM 688  N N7     . DG C 1 4 ? 2.294   -5.313  8.275   1.00 0.12 ? 4 DG C N7     1 
ATOM 689  C C5     . DG C 1 4 ? 2.068   -3.990  8.604   1.00 0.10 ? 4 DG C C5     1 
ATOM 690  C C6     . DG C 1 4 ? 0.911   -3.198  8.469   1.00 0.09 ? 4 DG C C6     1 
ATOM 691  O O6     . DG C 1 4 ? -0.191  -3.471  8.035   1.00 0.10 ? 4 DG C O6     1 
ATOM 692  N N1     . DG C 1 4 ? 1.106   -1.938  8.914   1.00 0.10 ? 4 DG C N1     1 
ATOM 693  C C2     . DG C 1 4 ? 2.265   -1.458  9.440   1.00 0.10 ? 4 DG C C2     1 
ATOM 694  N N2     . DG C 1 4 ? 2.265   -0.199  9.845   1.00 0.11 ? 4 DG C N2     1 
ATOM 695  N N3     . DG C 1 4 ? 3.367   -2.176  9.580   1.00 0.11 ? 4 DG C N3     1 
ATOM 696  C C4     . DG C 1 4 ? 3.194   -3.436  9.139   1.00 0.11 ? 4 DG C C4     1 
ATOM 697  H "H5'"  . DG C 1 4 ? 7.970   -6.693  7.908   1.00 0.21 ? 4 DG C "H5'"  1 
ATOM 698  H "H5''" . DG C 1 4 ? 8.832   -6.854  9.451   1.00 0.25 ? 4 DG C "H5''" 1 
ATOM 699  H "H4'"  . DG C 1 4 ? 8.503   -4.502  8.942   1.00 0.22 ? 4 DG C "H4'"  1 
ATOM 700  H "H3'"  . DG C 1 4 ? 7.995   -5.443  11.378  1.00 0.23 ? 4 DG C "H3'"  1 
ATOM 701  H "H2'"  . DG C 1 4 ? 5.729   -6.107  10.688  1.00 0.20 ? 4 DG C "H2'"  1 
ATOM 702  H "H2''" . DG C 1 4 ? 5.441   -4.692  11.764  1.00 0.21 ? 4 DG C "H2''" 1 
ATOM 703  H "H1'"  . DG C 1 4 ? 5.640   -3.162  9.886   1.00 0.21 ? 4 DG C "H1'"  1 
ATOM 704  H H8     . DG C 1 4 ? 4.013   -6.481  8.480   1.00 0.15 ? 4 DG C H8     1 
ATOM 705  H H1     . DG C 1 4 ? 0.288   -1.352  8.825   1.00 0.12 ? 4 DG C H1     1 
ATOM 706  H H21    . DG C 1 4 ? 1.449   0.393   9.774   1.00 0.12 ? 4 DG C H21    1 
ATOM 707  H H22    . DG C 1 4 ? 3.115   0.174   10.242  1.00 0.15 ? 4 DG C H22    1 
ATOM 708  P P      . DT C 1 5 ? 8.502   -3.161  12.499  1.00 0.20 ? 5 DT C P      1 
ATOM 709  O OP1    . DT C 1 5 ? 9.919   -3.133  12.078  1.00 0.27 ? 5 DT C OP1    1 
ATOM 710  O OP2    . DT C 1 5 ? 8.071   -4.129  13.528  1.00 0.23 ? 5 DT C OP2    1 
ATOM 711  O "O5'"  . DT C 1 5 ? 8.108   -1.704  13.059  1.00 0.23 ? 5 DT C "O5'"  1 
ATOM 712  C "C5'"  . DT C 1 5 ? 8.860   -0.506  12.822  1.00 0.27 ? 5 DT C "C5'"  1 
ATOM 713  C "C4'"  . DT C 1 5 ? 8.732   0.013   11.394  1.00 0.25 ? 5 DT C "C4'"  1 
ATOM 714  O "O4'"  . DT C 1 5 ? 9.396   -0.788  10.397  1.00 0.23 ? 5 DT C "O4'"  1 
ATOM 715  C "C3'"  . DT C 1 5 ? 7.317   0.215   10.853  1.00 0.25 ? 5 DT C "C3'"  1 
ATOM 716  O "O3'"  . DT C 1 5 ? 7.143   1.422   10.133  1.00 0.34 ? 5 DT C "O3'"  1 
ATOM 717  C "C2'"  . DT C 1 5 ? 7.263   -0.874  9.797   1.00 0.23 ? 5 DT C "C2'"  1 
ATOM 718  C "C1'"  . DT C 1 5 ? 8.644   -0.678  9.184   1.00 0.20 ? 5 DT C "C1'"  1 
ATOM 719  N N1     . DT C 1 5 ? 9.034   -1.667  8.155   1.00 0.18 ? 5 DT C N1     1 
ATOM 720  C C2     . DT C 1 5 ? 10.377  -1.997  7.980   1.00 0.20 ? 5 DT C C2     1 
ATOM 721  O O2     . DT C 1 5 ? 11.316  -1.534  8.622   1.00 0.24 ? 5 DT C O2     1 
ATOM 722  N N3     . DT C 1 5 ? 10.619  -2.918  6.991   1.00 0.20 ? 5 DT C N3     1 
ATOM 723  C C4     . DT C 1 5 ? 9.690   -3.526  6.183   1.00 0.19 ? 5 DT C C4     1 
ATOM 724  O O4     . DT C 1 5 ? 10.057  -4.333  5.336   1.00 0.22 ? 5 DT C O4     1 
ATOM 725  C C5     . DT C 1 5 ? 8.333   -3.133  6.426   1.00 0.18 ? 5 DT C C5     1 
ATOM 726  C C7     . DT C 1 5 ? 7.204   -3.739  5.586   1.00 0.22 ? 5 DT C C7     1 
ATOM 727  C C6     . DT C 1 5 ? 8.055   -2.239  7.381   1.00 0.17 ? 5 DT C C6     1 
ATOM 728  H "H5'"  . DT C 1 5 ? 9.913   -0.668  13.050  1.00 0.31 ? 5 DT C "H5'"  1 
ATOM 729  H "H5''" . DT C 1 5 ? 8.474   0.257   13.498  1.00 0.35 ? 5 DT C "H5''" 1 
ATOM 730  H "H4'"  . DT C 1 5 ? 9.200   0.998   11.368  1.00 0.36 ? 5 DT C "H4'"  1 
ATOM 731  H "H3'"  . DT C 1 5 ? 6.562   0.089   11.629  1.00 0.29 ? 5 DT C "H3'"  1 
ATOM 732  H "H2'"  . DT C 1 5 ? 7.169   -1.856  10.258  1.00 0.25 ? 5 DT C "H2'"  1 
ATOM 733  H "H2''" . DT C 1 5 ? 6.461   -0.690  9.081   1.00 0.37 ? 5 DT C "H2''" 1 
ATOM 734  H "H1'"  . DT C 1 5 ? 8.737   0.325   8.766   1.00 0.35 ? 5 DT C "H1'"  1 
ATOM 735  H H3     . DT C 1 5 ? 11.584  -3.175  6.838   1.00 0.23 ? 5 DT C H3     1 
ATOM 736  H H71    . DT C 1 5 ? 6.525   -4.311  6.218   1.00 0.26 ? 5 DT C H71    1 
ATOM 737  H H72    . DT C 1 5 ? 7.634   -4.402  4.836   1.00 0.29 ? 5 DT C H72    1 
ATOM 738  H H73    . DT C 1 5 ? 6.650   -2.951  5.073   1.00 0.26 ? 5 DT C H73    1 
ATOM 739  H H6     . DT C 1 5 ? 7.007   -1.972  7.526   1.00 0.19 ? 5 DT C H6     1 
ATOM 740  P P      . DG C 1 6 ? 6.288   2.648   10.673  1.00 0.12 ? 6 DG C P      1 
ATOM 741  O OP1    . DG C 1 6 ? 7.146   3.507   11.519  1.00 0.31 ? 6 DG C OP1    1 
ATOM 742  O OP2    . DG C 1 6 ? 4.975   2.144   11.158  1.00 0.29 ? 6 DG C OP2    1 
ATOM 743  O "O5'"  . DG C 1 6 ? 6.137   3.303   9.211   1.00 0.15 ? 6 DG C "O5'"  1 
ATOM 744  C "C5'"  . DG C 1 6 ? 5.967   4.705   8.952   1.00 0.17 ? 6 DG C "C5'"  1 
ATOM 745  C "C4'"  . DG C 1 6 ? 4.498   5.072   8.783   1.00 0.14 ? 6 DG C "C4'"  1 
ATOM 746  O "O4'"  . DG C 1 6 ? 3.985   4.291   7.691   1.00 0.13 ? 6 DG C "O4'"  1 
ATOM 747  C "C3'"  . DG C 1 6 ? 3.578   4.780   9.989   1.00 0.14 ? 6 DG C "C3'"  1 
ATOM 748  O "O3'"  . DG C 1 6 ? 2.357   5.516   10.192  1.00 0.20 ? 6 DG C "O3'"  1 
ATOM 749  C "C2'"  . DG C 1 6 ? 3.121   3.412   9.530   1.00 0.11 ? 6 DG C "C2'"  1 
ATOM 750  C "C1'"  . DG C 1 6 ? 2.736   3.750   8.092   1.00 0.12 ? 6 DG C "C1'"  1 
ATOM 751  N N9     . DG C 1 6 ? 2.404   2.508   7.377   1.00 0.10 ? 6 DG C N9     1 
ATOM 752  C C8     . DG C 1 6 ? 3.158   1.382   7.202   1.00 0.11 ? 6 DG C C8     1 
ATOM 753  N N7     . DG C 1 6 ? 2.533   0.419   6.564   1.00 0.11 ? 6 DG C N7     1 
ATOM 754  C C5     . DG C 1 6 ? 1.274   0.974   6.305   1.00 0.08 ? 6 DG C C5     1 
ATOM 755  C C6     . DG C 1 6 ? 0.139   0.430   5.644   1.00 0.07 ? 6 DG C C6     1 
ATOM 756  O O6     . DG C 1 6 ? 0.049   -0.688  5.152   1.00 0.09 ? 6 DG C O6     1 
ATOM 757  N N1     . DG C 1 6 ? -0.925  1.329   5.603   1.00 0.07 ? 6 DG C N1     1 
ATOM 758  C C2     . DG C 1 6 ? -0.883  2.583   6.131   1.00 0.07 ? 6 DG C C2     1 
ATOM 759  N N2     . DG C 1 6 ? -1.955  3.328   6.019   1.00 0.10 ? 6 DG C N2     1 
ATOM 760  N N3     . DG C 1 6 ? 0.164   3.096   6.746   1.00 0.09 ? 6 DG C N3     1 
ATOM 761  C C4     . DG C 1 6 ? 1.202   2.244   6.799   1.00 0.08 ? 6 DG C C4     1 
ATOM 762  H "H5'"  . DG C 1 6 ? 6.496   4.956   8.033   1.00 0.22 ? 6 DG C "H5'"  1 
ATOM 763  H "H5''" . DG C 1 6 ? 6.390   5.292   9.768   1.00 0.24 ? 6 DG C "H5''" 1 
ATOM 764  H "H4'"  . DG C 1 6 ? 4.424   6.128   8.526   1.00 0.20 ? 6 DG C "H4'"  1 
ATOM 765  H "H3'"  . DG C 1 6 ? 4.144   4.763   10.921  1.00 0.19 ? 6 DG C "H3'"  1 
ATOM 766  H "H2'"  . DG C 1 6 ? 3.937   2.689   9.529   1.00 0.15 ? 6 DG C "H2'"  1 
ATOM 767  H "H2''" . DG C 1 6 ? 2.320   3.000   10.143  1.00 0.16 ? 6 DG C "H2''" 1 
ATOM 768  H "H1'"  . DG C 1 6 ? 1.931   4.483   8.047   1.00 0.14 ? 6 DG C "H1'"  1 
ATOM 769  H H8     . DG C 1 6 ? 4.185   1.294   7.557   1.00 0.13 ? 6 DG C H8     1 
ATOM 770  H H1     . DG C 1 6 ? -1.793  1.027   5.181   1.00 0.09 ? 6 DG C H1     1 
ATOM 771  H H21    . DG C 1 6 ? -2.778  3.070   5.493   1.00 0.13 ? 6 DG C H21    1 
ATOM 772  H H22    . DG C 1 6 ? -1.921  4.210   6.509   1.00 0.14 ? 6 DG C H22    1 
ATOM 773  P P      . DG C 1 7 ? 2.149   7.073   9.853   1.00 0.17 ? 7 DG C P      1 
ATOM 774  O OP1    . DG C 1 7 ? 3.459   7.670   9.500   1.00 0.25 ? 7 DG C OP1    1 
ATOM 775  O OP2    . DG C 1 7 ? 1.365   7.672   10.952  1.00 0.21 ? 7 DG C OP2    1 
ATOM 776  O "O5'"  . DG C 1 7 ? 1.236   6.964   8.521   1.00 0.23 ? 7 DG C "O5'"  1 
ATOM 777  C "C5'"  . DG C 1 7 ? -0.051  7.583   8.312   1.00 0.21 ? 7 DG C "C5'"  1 
ATOM 778  C "C4'"  . DG C 1 7 ? -1.247  6.987   9.088   1.00 0.17 ? 7 DG C "C4'"  1 
ATOM 779  O "O4'"  . DG C 1 7 ? -1.512  5.608   8.752   1.00 0.16 ? 7 DG C "O4'"  1 
ATOM 780  C "C3'"  . DG C 1 7 ? -1.314  7.028   10.620  1.00 0.19 ? 7 DG C "C3'"  1 
ATOM 781  O "O3'"  . DG C 1 7 ? -2.629  7.308   11.126  1.00 0.24 ? 7 DG C "O3'"  1 
ATOM 782  C "C2'"  . DG C 1 7 ? -0.873  5.598   10.929  1.00 0.17 ? 7 DG C "C2'"  1 
ATOM 783  C "C1'"  . DG C 1 7 ? -1.772  4.863   9.959   1.00 0.15 ? 7 DG C "C1'"  1 
ATOM 784  N N9     . DG C 1 7 ? -1.408  3.451   9.736   1.00 0.13 ? 7 DG C N9     1 
ATOM 785  C C8     . DG C 1 7 ? -0.232  2.832   10.024  1.00 0.14 ? 7 DG C C8     1 
ATOM 786  N N7     . DG C 1 7 ? -0.167  1.578   9.688   1.00 0.13 ? 7 DG C N7     1 
ATOM 787  C C5     . DG C 1 7 ? -1.419  1.348   9.129   1.00 0.12 ? 7 DG C C5     1 
ATOM 788  C C6     . DG C 1 7 ? -1.958  0.164   8.576   1.00 0.11 ? 7 DG C C6     1 
ATOM 789  O O6     . DG C 1 7 ? -1.447  -0.940  8.465   1.00 0.13 ? 7 DG C O6     1 
ATOM 790  N N1     . DG C 1 7 ? -3.237  0.363   8.134   1.00 0.12 ? 7 DG C N1     1 
ATOM 791  C C2     . DG C 1 7 ? -3.927  1.533   8.203   1.00 0.12 ? 7 DG C C2     1 
ATOM 792  N N2     . DG C 1 7 ? -5.175  1.519   7.766   1.00 0.13 ? 7 DG C N2     1 
ATOM 793  N N3     . DG C 1 7 ? -3.450  2.659   8.711   1.00 0.13 ? 7 DG C N3     1 
ATOM 794  C C4     . DG C 1 7 ? -2.183  2.489   9.157   1.00 0.13 ? 7 DG C C4     1 
ATOM 795  H "H5'"  . DG C 1 7 ? -0.290  7.481   7.254   1.00 0.26 ? 7 DG C "H5'"  1 
ATOM 796  H "H5''" . DG C 1 7 ? 0.018   8.646   8.546   1.00 0.27 ? 7 DG C "H5''" 1 
ATOM 797  H "H4'"  . DG C 1 7 ? -2.118  7.551   8.756   1.00 0.24 ? 7 DG C "H4'"  1 
ATOM 798  H "H3'"  . DG C 1 7 ? -0.627  7.780   11.010  1.00 0.24 ? 7 DG C "H3'"  1 
ATOM 799  H "H2'"  . DG C 1 7 ? 0.178   5.458   10.676  1.00 0.20 ? 7 DG C "H2'"  1 
ATOM 800  H "H2''" . DG C 1 7 ? -1.067  5.297   11.957  1.00 0.23 ? 7 DG C "H2''" 1 
ATOM 801  H "H1'"  . DG C 1 7 ? -2.816  4.955   10.257  1.00 0.24 ? 7 DG C "H1'"  1 
ATOM 802  H H8     . DG C 1 7 ? 0.580   3.371   10.511  1.00 0.17 ? 7 DG C H8     1 
ATOM 803  H H1     . DG C 1 7 ? -3.737  -0.408  7.717   1.00 0.13 ? 7 DG C H1     1 
ATOM 804  H H21    . DG C 1 7 ? -5.620  0.723   7.334   1.00 0.16 ? 7 DG C H21    1 
ATOM 805  H H22    . DG C 1 7 ? -5.714  2.365   7.884   1.00 0.19 ? 7 DG C H22    1 
ATOM 806  P P      . DA C 1 8 ? -3.327  6.789   12.480  1.00 0.29 ? 8 DA C P      1 
ATOM 807  O OP1    . DA C 1 8 ? -4.077  7.934   13.044  1.00 0.37 ? 8 DA C OP1    1 
ATOM 808  O OP2    . DA C 1 8 ? -2.324  6.091   13.323  1.00 0.31 ? 8 DA C OP2    1 
ATOM 809  O "O5'"  . DA C 1 8 ? -4.398  5.736   11.893  1.00 0.28 ? 8 DA C "O5'"  1 
ATOM 810  C "C5'"  . DA C 1 8 ? -5.782  6.092   11.716  1.00 0.30 ? 8 DA C "C5'"  1 
ATOM 811  C "C4'"  . DA C 1 8 ? -6.706  4.882   11.815  1.00 0.27 ? 8 DA C "C4'"  1 
ATOM 812  O "O4'"  . DA C 1 8 ? -6.396  3.984   10.748  1.00 0.22 ? 8 DA C "O4'"  1 
ATOM 813  C "C3'"  . DA C 1 8 ? -6.549  3.990   13.055  1.00 0.29 ? 8 DA C "C3'"  1 
ATOM 814  O "O3'"  . DA C 1 8 ? -7.050  4.391   14.333  1.00 0.37 ? 8 DA C "O3'"  1 
ATOM 815  C "C2'"  . DA C 1 8 ? -7.348  2.807   12.556  1.00 0.24 ? 8 DA C "C2'"  1 
ATOM 816  C "C1'"  . DA C 1 8 ? -6.659  2.656   11.205  1.00 0.19 ? 8 DA C "C1'"  1 
ATOM 817  N N9     . DA C 1 8 ? -5.438  1.853   11.247  1.00 0.16 ? 8 DA C N9     1 
ATOM 818  C C8     . DA C 1 8 ? -4.161  2.189   11.598  1.00 0.17 ? 8 DA C C8     1 
ATOM 819  N N7     . DA C 1 8 ? -3.326  1.180   11.537  1.00 0.16 ? 8 DA C N7     1 
ATOM 820  C C5     . DA C 1 8 ? -4.113  0.113   11.112  1.00 0.14 ? 8 DA C C5     1 
ATOM 821  C C6     . DA C 1 8 ? -3.849  -1.245  10.842  1.00 0.14 ? 8 DA C C6     1 
ATOM 822  N N6     . DA C 1 8 ? -2.653  -1.814  10.970  1.00 0.16 ? 8 DA C N6     1 
ATOM 823  N N1     . DA C 1 8 ? -4.881  -2.001  10.438  1.00 0.13 ? 8 DA C N1     1 
ATOM 824  C C2     . DA C 1 8 ? -6.087  -1.452  10.312  1.00 0.14 ? 8 DA C C2     1 
ATOM 825  N N3     . DA C 1 8 ? -6.449  -0.202  10.536  1.00 0.15 ? 8 DA C N3     1 
ATOM 826  C C4     . DA C 1 8 ? -5.397  0.531   10.938  1.00 0.15 ? 8 DA C C4     1 
ATOM 827  H "H5'"  . DA C 1 8 ? -5.928  6.576   10.750  1.00 0.34 ? 8 DA C "H5'"  1 
ATOM 828  H "H5''" . DA C 1 8 ? -6.069  6.795   12.499  1.00 0.39 ? 8 DA C "H5''" 1 
ATOM 829  H "H4'"  . DA C 1 8 ? -7.743  5.210   11.743  1.00 0.35 ? 8 DA C "H4'"  1 
ATOM 830  H "H3'"  . DA C 1 8 ? -5.503  3.706   13.173  1.00 0.28 ? 8 DA C "H3'"  1 
ATOM 831  H "H2'"  . DA C 1 8 ? -7.271  1.909   13.169  1.00 0.29 ? 8 DA C "H2'"  1 
ATOM 832  H "H2''" . DA C 1 8 ? -8.388  3.105   12.433  1.00 0.30 ? 8 DA C "H2''" 1 
ATOM 833  H "H1'"  . DA C 1 8 ? -7.361  2.196   10.509  1.00 0.22 ? 8 DA C "H1'"  1 
ATOM 834  H H8     . DA C 1 8 ? -3.880  3.202   11.886  1.00 0.19 ? 8 DA C H8     1 
ATOM 835  H H61    . DA C 1 8 ? -2.552  -2.797  10.760  1.00 0.21 ? 8 DA C H61    1 
ATOM 836  H H62    . DA C 1 8 ? -1.876  -1.246  11.279  1.00 0.23 ? 8 DA C H62    1 
ATOM 837  H H2     . DA C 1 8 ? -6.880  -2.120  9.975   1.00 0.17 ? 8 DA C H2     1 
ATOM 838  P P      . DT C 1 9 ? -6.530  5.735   15.033  1.00 0.43 ? 9 DT C P      1 
ATOM 839  O OP1    . DT C 1 9 ? -6.804  5.609   16.483  1.00 0.49 ? 9 DT C OP1    1 
ATOM 840  O OP2    . DT C 1 9 ? -7.063  6.901   14.292  1.00 0.46 ? 9 DT C OP2    1 
ATOM 841  O "O5'"  . DT C 1 9 ? -4.930  5.663   14.825  1.00 0.41 ? 9 DT C "O5'"  1 
ATOM 842  C "C5'"  . DT C 1 9 ? -4.030  4.949   15.690  1.00 0.42 ? 9 DT C "C5'"  1 
ATOM 843  C "C4'"  . DT C 1 9 ? -3.801  3.489   15.283  1.00 0.39 ? 9 DT C "C4'"  1 
ATOM 844  O "O4'"  . DT C 1 9 ? -3.153  3.409   14.000  1.00 0.31 ? 9 DT C "O4'"  1 
ATOM 845  C "C3'"  . DT C 1 9 ? -2.832  2.720   16.178  1.00 0.41 ? 9 DT C "C3'"  1 
ATOM 846  O "O3'"  . DT C 1 9 ? -3.392  2.406   17.461  1.00 0.51 ? 9 DT C "O3'"  1 
ATOM 847  C "C2'"  . DT C 1 9 ? -2.593  1.535   15.257  1.00 0.36 ? 9 DT C "C2'"  1 
ATOM 848  C "C1'"  . DT C 1 9 ? -2.234  2.293   13.984  1.00 0.29 ? 9 DT C "C1'"  1 
ATOM 849  N N1     . DT C 1 9 ? -0.840  2.778   13.778  1.00 0.29 ? 9 DT C N1     1 
ATOM 850  C C2     . DT C 1 9 ? 0.100   1.961   13.148  1.00 0.30 ? 9 DT C C2     1 
ATOM 851  O O2     . DT C 1 9 ? -0.169  0.829   12.753  1.00 0.31 ? 9 DT C O2     1 
ATOM 852  N N3     . DT C 1 9 ? 1.360   2.512   12.984  1.00 0.33 ? 9 DT C N3     1 
ATOM 853  C C4     . DT C 1 9 ? 1.757   3.774   13.382  1.00 0.35 ? 9 DT C C4     1 
ATOM 854  O O4     . DT C 1 9 ? 2.910   4.151   13.182  1.00 0.41 ? 9 DT C O4     1 
ATOM 855  C C5     . DT C 1 9 ? 0.708   4.540   14.023  1.00 0.34 ? 9 DT C C5     1 
ATOM 856  C C7     . DT C 1 9 ? 0.947   5.964   14.506  1.00 0.41 ? 9 DT C C7     1 
ATOM 857  C C6     . DT C 1 9 ? -0.513  4.029   14.193  1.00 0.31 ? 9 DT C C6     1 
ATOM 858  H "H5'"  . DT C 1 9 ? -4.412  4.976   16.711  1.00 0.45 ? 9 DT C "H5'"  1 
ATOM 859  H "H5''" . DT C 1 9 ? -3.072  5.469   15.668  1.00 0.45 ? 9 DT C "H5''" 1 
ATOM 860  H "H4'"  . DT C 1 9 ? -4.758  2.966   15.253  1.00 0.41 ? 9 DT C "H4'"  1 
ATOM 861  H "H3'"  . DT C 1 9 ? -1.902  3.272   16.312  1.00 0.44 ? 9 DT C "H3'"  1 
ATOM 862  H "HO3'" . DT C 1 9 ? -3.734  3.226   17.825  1.00 1.04 ? 9 DT C "HO3'" 1 
ATOM 863  H "H2'"  . DT C 1 9 ? -1.792  0.868   15.578  1.00 0.42 ? 9 DT C "H2'"  1 
ATOM 864  H "H2''" . DT C 1 9 ? -3.526  0.984   15.136  1.00 0.38 ? 9 DT C "H2''" 1 
ATOM 865  H "H1'"  . DT C 1 9 ? -2.459  1.621   13.156  1.00 0.27 ? 9 DT C "H1'"  1 
ATOM 866  H H3     . DT C 1 9 ? 2.074   1.956   12.532  1.00 0.38 ? 9 DT C H3     1 
ATOM 867  H H71    . DT C 1 9 ? 1.973   6.262   14.289  1.00 0.47 ? 9 DT C H71    1 
ATOM 868  H H72    . DT C 1 9 ? 0.263   6.639   13.991  1.00 0.43 ? 9 DT C H72    1 
ATOM 869  H H73    . DT C 1 9 ? 0.774   6.025   15.581  1.00 0.50 ? 9 DT C H73    1 
ATOM 870  H H6     . DT C 1 9 ? -1.258  4.655   14.685  1.00 0.34 ? 9 DT C H6     1 
ATOM 871  O "O5'"  . DG D 1 1 ? 2.940   6.649   5.589   1.00 0.12 ? 1 DG D "O5'"  1 
ATOM 872  C "C5'"  . DG D 1 1 ? 1.653   6.880   4.997   1.00 0.11 ? 1 DG D "C5'"  1 
ATOM 873  C "C4'"  . DG D 1 1 ? 1.785   7.573   3.637   1.00 0.11 ? 1 DG D "C4'"  1 
ATOM 874  O "O4'"  . DG D 1 1 ? 2.810   7.013   2.799   1.00 0.10 ? 1 DG D "O4'"  1 
ATOM 875  C "C3'"  . DG D 1 1 ? 0.571   7.739   2.711   1.00 0.11 ? 1 DG D "C3'"  1 
ATOM 876  O "O3'"  . DG D 1 1 ? -0.363  8.782   2.981   1.00 0.12 ? 1 DG D "O3'"  1 
ATOM 877  C "C2'"  . DG D 1 1 ? 1.269   8.065   1.410   1.00 0.12 ? 1 DG D "C2'"  1 
ATOM 878  C "C1'"  . DG D 1 1 ? 2.327   6.964   1.457   1.00 0.10 ? 1 DG D "C1'"  1 
ATOM 879  N N9     . DG D 1 1 ? 2.091   5.603   0.933   1.00 0.09 ? 1 DG D N9     1 
ATOM 880  C C8     . DG D 1 1 ? 2.984   4.575   0.892   1.00 0.09 ? 1 DG D C8     1 
ATOM 881  N N7     . DG D 1 1 ? 2.547   3.505   0.325   1.00 0.09 ? 1 DG D N7     1 
ATOM 882  C C5     . DG D 1 1 ? 1.253   3.831   -0.046  1.00 0.09 ? 1 DG D C5     1 
ATOM 883  C C6     . DG D 1 1 ? 0.269   3.055   -0.712  1.00 0.09 ? 1 DG D C6     1 
ATOM 884  O O6     . DG D 1 1 ? 0.338   1.904   -1.128  1.00 0.10 ? 1 DG D O6     1 
ATOM 885  N N1     . DG D 1 1 ? -0.895  3.751   -0.895  1.00 0.09 ? 1 DG D N1     1 
ATOM 886  C C2     . DG D 1 1 ? -1.094  5.042   -0.489  1.00 0.09 ? 1 DG D C2     1 
ATOM 887  N N2     . DG D 1 1 ? -2.270  5.569   -0.761  1.00 0.10 ? 1 DG D N2     1 
ATOM 888  N N3     . DG D 1 1 ? -0.188  5.782   0.138   1.00 0.10 ? 1 DG D N3     1 
ATOM 889  C C4     . DG D 1 1 ? 0.965   5.114   0.326   1.00 0.09 ? 1 DG D C4     1 
ATOM 890  H "H5'"  . DG D 1 1 ? 1.069   7.531   5.647   1.00 0.17 ? 1 DG D "H5'"  1 
ATOM 891  H "H5''" . DG D 1 1 ? 1.122   5.930   4.932   1.00 0.17 ? 1 DG D "H5''" 1 
ATOM 892  H "H4'"  . DG D 1 1 ? 2.102   8.588   3.874   1.00 0.15 ? 1 DG D "H4'"  1 
ATOM 893  H "H3'"  . DG D 1 1 ? 0.074   6.778   2.578   1.00 0.15 ? 1 DG D "H3'"  1 
ATOM 894  H "H2'"  . DG D 1 1 ? 0.629   7.992   0.530   1.00 0.18 ? 1 DG D "H2'"  1 
ATOM 895  H "H2''" . DG D 1 1 ? 1.729   9.051   1.478   1.00 0.19 ? 1 DG D "H2''" 1 
ATOM 896  H "H1'"  . DG D 1 1 ? 3.159   7.331   0.857   1.00 0.16 ? 1 DG D "H1'"  1 
ATOM 897  H H8     . DG D 1 1 ? 3.988   4.631   1.312   1.00 0.14 ? 1 DG D H8     1 
ATOM 898  H H1     . DG D 1 1 ? -1.638  3.244   -1.355  1.00 0.11 ? 1 DG D H1     1 
ATOM 899  H H21    . DG D 1 1 ? -2.950  5.053   -1.302  1.00 0.12 ? 1 DG D H21    1 
ATOM 900  H H22    . DG D 1 1 ? -2.455  6.494   -0.401  1.00 0.15 ? 1 DG D H22    1 
ATOM 901  H "HO5'" . DG D 1 1 ? 3.494   6.214   4.938   1.00 0.13 ? 1 DG D "HO5'" 1 
ATOM 902  P P      . DC D 1 2 ? -1.955  8.563   2.973   1.00 0.13 ? 2 DC D P      1 
ATOM 903  O OP1    . DC D 1 2 ? -2.575  9.831   3.415   1.00 0.21 ? 2 DC D OP1    1 
ATOM 904  O OP2    . DC D 1 2 ? -2.240  7.321   3.732   1.00 0.16 ? 2 DC D OP2    1 
ATOM 905  O "O5'"  . DC D 1 2 ? -2.375  8.301   1.414   1.00 0.15 ? 2 DC D "O5'"  1 
ATOM 906  C "C5'"  . DC D 1 2 ? -3.693  8.613   0.906   1.00 0.16 ? 2 DC D "C5'"  1 
ATOM 907  C "C4'"  . DC D 1 2 ? -4.801  7.596   1.258   1.00 0.14 ? 2 DC D "C4'"  1 
ATOM 908  O "O4'"  . DC D 1 2 ? -4.531  6.324   0.657   1.00 0.15 ? 2 DC D "O4'"  1 
ATOM 909  C "C3'"  . DC D 1 2 ? -5.028  7.263   2.734   1.00 0.15 ? 2 DC D "C3'"  1 
ATOM 910  O "O3'"  . DC D 1 2 ? -5.683  8.310   3.473   1.00 0.19 ? 2 DC D "O3'"  1 
ATOM 911  C "C2'"  . DC D 1 2 ? -5.894  6.028   2.529   1.00 0.13 ? 2 DC D "C2'"  1 
ATOM 912  C "C1'"  . DC D 1 2 ? -5.128  5.274   1.439   1.00 0.13 ? 2 DC D "C1'"  1 
ATOM 913  N N1     . DC D 1 2 ? -4.042  4.290   1.666   1.00 0.11 ? 2 DC D N1     1 
ATOM 914  C C2     . DC D 1 2 ? -4.239  2.976   1.233   1.00 0.10 ? 2 DC D C2     1 
ATOM 915  O O2     . DC D 1 2 ? -5.292  2.581   0.747   1.00 0.12 ? 2 DC D O2     1 
ATOM 916  N N3     . DC D 1 2 ? -3.225  2.093   1.358   1.00 0.09 ? 2 DC D N3     1 
ATOM 917  C C4     . DC D 1 2 ? -2.067  2.476   1.883   1.00 0.08 ? 2 DC D C4     1 
ATOM 918  N N4     . DC D 1 2 ? -1.084  1.612   1.941   1.00 0.08 ? 2 DC D N4     1 
ATOM 919  C C5     . DC D 1 2 ? -1.836  3.802   2.343   1.00 0.09 ? 2 DC D C5     1 
ATOM 920  C C6     . DC D 1 2 ? -2.850  4.675   2.217   1.00 0.11 ? 2 DC D C6     1 
ATOM 921  H "H5'"  . DC D 1 2 ? -3.642  8.691   -0.179  1.00 0.24 ? 2 DC D "H5'"  1 
ATOM 922  H "H5''" . DC D 1 2 ? -3.991  9.583   1.304   1.00 0.23 ? 2 DC D "H5''" 1 
ATOM 923  H "H4'"  . DC D 1 2 ? -5.740  7.980   0.860   1.00 0.17 ? 2 DC D "H4'"  1 
ATOM 924  H "H3'"  . DC D 1 2 ? -4.113  6.959   3.243   1.00 0.18 ? 2 DC D "H3'"  1 
ATOM 925  H "H2'"  . DC D 1 2 ? -6.050  5.445   3.436   1.00 0.16 ? 2 DC D "H2'"  1 
ATOM 926  H "H2''" . DC D 1 2 ? -6.848  6.361   2.119   1.00 0.17 ? 2 DC D "H2''" 1 
ATOM 927  H "H1'"  . DC D 1 2 ? -5.884  4.802   0.811   1.00 0.17 ? 2 DC D "H1'"  1 
ATOM 928  H H41    . DC D 1 2 ? -1.204  0.651   1.654   1.00 0.13 ? 2 DC D H41    1 
ATOM 929  H H42    . DC D 1 2 ? -0.184  1.919   2.278   1.00 0.12 ? 2 DC D H42    1 
ATOM 930  H H5     . DC D 1 2 ? -0.880  4.096   2.777   1.00 0.14 ? 2 DC D H5     1 
ATOM 931  H H6     . DC D 1 2 ? -2.695  5.697   2.564   1.00 0.14 ? 2 DC D H6     1 
ATOM 932  P P      . DG D 1 3 ? -6.324  8.329   4.961   1.00 0.15 ? 3 DG D P      1 
ATOM 933  O OP1    . DG D 1 3 ? -7.058  9.606   5.091   1.00 0.19 ? 3 DG D OP1    1 
ATOM 934  O OP2    . DG D 1 3 ? -5.295  7.951   5.958   1.00 0.17 ? 3 DG D OP2    1 
ATOM 935  O "O5'"  . DG D 1 3 ? -7.416  7.157   4.888   1.00 0.18 ? 3 DG D "O5'"  1 
ATOM 936  C "C5'"  . DG D 1 3 ? -8.574  7.182   4.039   1.00 0.18 ? 3 DG D "C5'"  1 
ATOM 937  C "C4'"  . DG D 1 3 ? -9.225  5.796   3.980   1.00 0.16 ? 3 DG D "C4'"  1 
ATOM 938  O "O4'"  . DG D 1 3 ? -8.291  4.830   3.451   1.00 0.14 ? 3 DG D "O4'"  1 
ATOM 939  C "C3'"  . DG D 1 3 ? -9.689  5.215   5.319   1.00 0.17 ? 3 DG D "C3'"  1 
ATOM 940  O "O3'"  . DG D 1 3 ? -10.593 4.106   5.269   1.00 0.18 ? 3 DG D "O3'"  1 
ATOM 941  C "C2'"  . DG D 1 3 ? -8.354  4.652   5.754   1.00 0.16 ? 3 DG D "C2'"  1 
ATOM 942  C "C1'"  . DG D 1 3 ? -8.033  3.875   4.484   1.00 0.13 ? 3 DG D "C1'"  1 
ATOM 943  N N9     . DG D 1 3 ? -6.685  3.279   4.537   1.00 0.11 ? 3 DG D N9     1 
ATOM 944  C C8     . DG D 1 3 ? -5.503  3.773   5.042   1.00 0.11 ? 3 DG D C8     1 
ATOM 945  N N7     . DG D 1 3 ? -4.526  2.940   4.999   1.00 0.10 ? 3 DG D N7     1 
ATOM 946  C C5     . DG D 1 3 ? -5.068  1.812   4.431   1.00 0.09 ? 3 DG D C5     1 
ATOM 947  C C6     . DG D 1 3 ? -4.448  0.590   4.149   1.00 0.09 ? 3 DG D C6     1 
ATOM 948  O O6     . DG D 1 3 ? -3.283  0.307   4.401   1.00 0.10 ? 3 DG D O6     1 
ATOM 949  N N1     . DG D 1 3 ? -5.326  -0.306  3.570   1.00 0.08 ? 3 DG D N1     1 
ATOM 950  C C2     . DG D 1 3 ? -6.652  -0.025  3.308   1.00 0.09 ? 3 DG D C2     1 
ATOM 951  N N2     . DG D 1 3 ? -7.390  -0.973  2.754   1.00 0.09 ? 3 DG D N2     1 
ATOM 952  N N3     . DG D 1 3 ? -7.241  1.131   3.576   1.00 0.09 ? 3 DG D N3     1 
ATOM 953  C C4     . DG D 1 3 ? -6.387  2.005   4.139   1.00 0.09 ? 3 DG D C4     1 
ATOM 954  H "H5'"  . DG D 1 3 ? -8.308  7.502   3.031   1.00 0.23 ? 3 DG D "H5'"  1 
ATOM 955  H "H5''" . DG D 1 3 ? -9.298  7.888   4.447   1.00 0.23 ? 3 DG D "H5''" 1 
ATOM 956  H "H4'"  . DG D 1 3 ? -10.083 5.851   3.309   1.00 0.24 ? 3 DG D "H4'"  1 
ATOM 957  H "H3'"  . DG D 1 3 ? -10.074 6.001   5.968   1.00 0.23 ? 3 DG D "H3'"  1 
ATOM 958  H "H2'"  . DG D 1 3 ? -7.639  5.458   5.921   1.00 0.23 ? 3 DG D "H2'"  1 
ATOM 959  H "H2''" . DG D 1 3 ? -8.414  4.001   6.627   1.00 0.25 ? 3 DG D "H2''" 1 
ATOM 960  H "H1'"  . DG D 1 3 ? -8.757  3.065   4.387   1.00 0.20 ? 3 DG D "H1'"  1 
ATOM 961  H H8     . DG D 1 3 ? -5.284  4.755   5.460   1.00 0.13 ? 3 DG D H8     1 
ATOM 962  H H1     . DG D 1 3 ? -4.960  -1.216  3.327   1.00 0.11 ? 3 DG D H1     1 
ATOM 963  H H21    . DG D 1 3 ? -6.972  -1.872  2.555   1.00 0.13 ? 3 DG D H21    1 
ATOM 964  H H22    . DG D 1 3 ? -8.355  -0.763  2.543   1.00 0.15 ? 3 DG D H22    1 
ATOM 965  P P      . DG D 1 4 ? -11.415 3.588   6.558   1.00 0.20 ? 4 DG D P      1 
ATOM 966  O OP1    . DG D 1 4 ? -12.380 4.622   6.983   1.00 0.28 ? 4 DG D OP1    1 
ATOM 967  O OP2    . DG D 1 4 ? -10.460 3.002   7.524   1.00 0.25 ? 4 DG D OP2    1 
ATOM 968  O "O5'"  . DG D 1 4 ? -12.282 2.377   5.965   1.00 0.20 ? 4 DG D "O5'"  1 
ATOM 969  C "C5'"  . DG D 1 4 ? -12.651 2.206   4.591   1.00 0.21 ? 4 DG D "C5'"  1 
ATOM 970  C "C4'"  . DG D 1 4 ? -12.359 0.771   4.158   1.00 0.18 ? 4 DG D "C4'"  1 
ATOM 971  O "O4'"  . DG D 1 4 ? -10.949 0.495   4.170   1.00 0.17 ? 4 DG D "O4'"  1 
ATOM 972  C "C3'"  . DG D 1 4 ? -12.957 -0.312  5.055   1.00 0.19 ? 4 DG D "C3'"  1 
ATOM 973  O "O3'"  . DG D 1 4 ? -13.103 -1.630  4.510   1.00 0.20 ? 4 DG D "O3'"  1 
ATOM 974  C "C2'"  . DG D 1 4 ? -11.859 -0.383  6.114   1.00 0.19 ? 4 DG D "C2'"  1 
ATOM 975  C "C1'"  . DG D 1 4 ? -10.693 -0.518  5.152   1.00 0.16 ? 4 DG D "C1'"  1 
ATOM 976  N N9     . DG D 1 4 ? -9.353  -0.351  5.724   1.00 0.15 ? 4 DG D N9     1 
ATOM 977  C C8     . DG D 1 4 ? -8.763  0.736   6.310   1.00 0.15 ? 4 DG D C8     1 
ATOM 978  N N7     . DG D 1 4 ? -7.539  0.521   6.697   1.00 0.14 ? 4 DG D N7     1 
ATOM 979  C C5     . DG D 1 4 ? -7.305  -0.794  6.344   1.00 0.13 ? 4 DG D C5     1 
ATOM 980  C C6     . DG D 1 4 ? -6.158  -1.596  6.505   1.00 0.13 ? 4 DG D C6     1 
ATOM 981  O O6     . DG D 1 4 ? -5.079  -1.342  7.004   1.00 0.13 ? 4 DG D O6     1 
ATOM 982  N N1     . DG D 1 4 ? -6.339  -2.840  6.019   1.00 0.13 ? 4 DG D N1     1 
ATOM 983  C C2     . DG D 1 4 ? -7.477  -3.304  5.438   1.00 0.13 ? 4 DG D C2     1 
ATOM 984  N N2     . DG D 1 4 ? -7.479  -4.564  5.037   1.00 0.14 ? 4 DG D N2     1 
ATOM 985  N N3     . DG D 1 4 ? -8.570  -2.577  5.270   1.00 0.14 ? 4 DG D N3     1 
ATOM 986  C C4     . DG D 1 4 ? -8.411  -1.329  5.748   1.00 0.14 ? 4 DG D C4     1 
ATOM 987  H "H5'"  . DG D 1 4 ? -12.121 2.901   3.939   1.00 0.25 ? 4 DG D "H5'"  1 
ATOM 988  H "H5''" . DG D 1 4 ? -13.722 2.387   4.506   1.00 0.28 ? 4 DG D "H5''" 1 
ATOM 989  H "H4'"  . DG D 1 4 ? -12.738 0.633   3.145   1.00 0.23 ? 4 DG D "H4'"  1 
ATOM 990  H "H3'"  . DG D 1 4 ? -13.897 0.051   5.468   1.00 0.26 ? 4 DG D "H3'"  1 
ATOM 991  H "H2'"  . DG D 1 4 ? -11.812 0.551   6.674   1.00 0.22 ? 4 DG D "H2'"  1 
ATOM 992  H "H2''" . DG D 1 4 ? -11.938 -1.241  6.781   1.00 0.21 ? 4 DG D "H2''" 1 
ATOM 993  H "H1'"  . DG D 1 4 ? -10.743 -1.499  4.680   1.00 0.20 ? 4 DG D "H1'"  1 
ATOM 994  H H8     . DG D 1 4 ? -9.246  1.703   6.454   1.00 0.17 ? 4 DG D H8     1 
ATOM 995  H H1     . DG D 1 4 ? -5.526  -3.432  6.124   1.00 0.14 ? 4 DG D H1     1 
ATOM 996  H H21    . DG D 1 4 ? -6.678  -5.168  5.150   1.00 0.16 ? 4 DG D H21    1 
ATOM 997  H H22    . DG D 1 4 ? -8.318  -4.926  4.607   1.00 0.17 ? 4 DG D H22    1 
ATOM 998  P P      . DT D 1 5 ? -14.526 -2.341  4.696   1.00 0.19 ? 5 DT D P      1 
ATOM 999  O OP1    . DT D 1 5 ? -15.414 -1.885  3.605   1.00 0.25 ? 5 DT D OP1    1 
ATOM 1000 O OP2    . DT D 1 5 ? -14.947 -2.151  6.099   1.00 0.26 ? 5 DT D OP2    1 
ATOM 1001 O "O5'"  . DT D 1 5 ? -14.265 -3.919  4.514   1.00 0.22 ? 5 DT D "O5'"  1 
ATOM 1002 C "C5'"  . DT D 1 5 ? -14.511 -4.656  3.310   1.00 0.25 ? 5 DT D "C5'"  1 
ATOM 1003 C "C4'"  . DT D 1 5 ? -13.498 -4.366  2.208   1.00 0.24 ? 5 DT D "C4'"  1 
ATOM 1004 O "O4'"  . DT D 1 5 ? -13.605 -3.057  1.616   1.00 0.21 ? 5 DT D "O4'"  1 
ATOM 1005 C "C3'"  . DT D 1 5 ? -12.021 -4.511  2.569   1.00 0.25 ? 5 DT D "C3'"  1 
ATOM 1006 O "O3'"  . DT D 1 5 ? -11.249 -5.174  1.583   1.00 0.35 ? 5 DT D "O3'"  1 
ATOM 1007 C "C2'"  . DT D 1 5 ? -11.572 -3.062  2.501   1.00 0.23 ? 5 DT D "C2'"  1 
ATOM 1008 C "C1'"  . DT D 1 5 ? -12.291 -2.653  1.221   1.00 0.20 ? 5 DT D "C1'"  1 
ATOM 1009 N N1     . DT D 1 5 ? -12.195 -1.220  0.863   1.00 0.17 ? 5 DT D N1     1 
ATOM 1010 C C2     . DT D 1 5 ? -13.228 -0.609  0.156   1.00 0.19 ? 5 DT D C2     1 
ATOM 1011 O O2     . DT D 1 5 ? -14.263 -1.158  -0.215  1.00 0.22 ? 5 DT D O2     1 
ATOM 1012 N N3     . DT D 1 5 ? -13.025 0.719   -0.127  1.00 0.20 ? 5 DT D N3     1 
ATOM 1013 C C4     . DT D 1 5 ? -11.931 1.478   0.211   1.00 0.19 ? 5 DT D C4     1 
ATOM 1014 O O4     . DT D 1 5 ? -11.888 2.659   -0.113  1.00 0.23 ? 5 DT D O4     1 
ATOM 1015 C C5     . DT D 1 5 ? -10.914 0.775   0.936   1.00 0.18 ? 5 DT D C5     1 
ATOM 1016 C C7     . DT D 1 5 ? -9.642  1.511   1.365   1.00 0.23 ? 5 DT D C7     1 
ATOM 1017 C C6     . DT D 1 5 ? -11.073 -0.518  1.231   1.00 0.18 ? 5 DT D C6     1 
ATOM 1018 H "H5'"  . DT D 1 5 ? -15.514 -4.447  2.936   1.00 0.34 ? 5 DT D "H5'"  1 
ATOM 1019 H "H5''" . DT D 1 5 ? -14.450 -5.715  3.560   1.00 0.33 ? 5 DT D "H5''" 1 
ATOM 1020 H "H4'"  . DT D 1 5 ? -13.677 -5.087  1.410   1.00 0.33 ? 5 DT D "H4'"  1 
ATOM 1021 H "H3'"  . DT D 1 5 ? -11.883 -4.950  3.557   1.00 0.30 ? 5 DT D "H3'"  1 
ATOM 1022 H "H2'"  . DT D 1 5 ? -11.941 -2.502  3.359   1.00 0.29 ? 5 DT D "H2'"  1 
ATOM 1023 H "H2''" . DT D 1 5 ? -10.488 -2.989  2.411   1.00 0.34 ? 5 DT D "H2''" 1 
ATOM 1024 H "H1'"  . DT D 1 5 ? -11.942 -3.253  0.380   1.00 0.29 ? 5 DT D "H1'"  1 
ATOM 1025 H H3     . DT D 1 5 ? -13.757 1.190   -0.641  1.00 0.23 ? 5 DT D H3     1 
ATOM 1026 H H71    . DT D 1 5 ? -8.761  1.023   0.946   1.00 0.34 ? 5 DT D H71    1 
ATOM 1027 H H72    . DT D 1 5 ? -9.677  2.535   0.993   1.00 0.34 ? 5 DT D H72    1 
ATOM 1028 H H73    . DT D 1 5 ? -9.565  1.534   2.453   1.00 0.38 ? 5 DT D H73    1 
ATOM 1029 H H6     . DT D 1 5 ? -10.271 -1.008  1.783   1.00 0.22 ? 5 DT D H6     1 
ATOM 1030 P P      . DG D 1 6 ? -10.650 -6.633  1.774   1.00 0.14 ? 6 DG D P      1 
ATOM 1031 O OP1    . DG D 1 6 ? -11.663 -7.633  1.370   1.00 0.36 ? 6 DG D OP1    1 
ATOM 1032 O OP2    . DG D 1 6 ? -9.969  -6.706  3.095   1.00 0.28 ? 6 DG D OP2    1 
ATOM 1033 O "O5'"  . DG D 1 6 ? -9.573  -6.441  0.593   1.00 0.16 ? 6 DG D "O5'"  1 
ATOM 1034 C "C5'"  . DG D 1 6 ? -9.033  -7.506  -0.205  1.00 0.18 ? 6 DG D "C5'"  1 
ATOM 1035 C "C4'"  . DG D 1 6 ? -7.694  -7.992  0.337   1.00 0.15 ? 6 DG D "C4'"  1 
ATOM 1036 O "O4'"  . DG D 1 6 ? -6.803  -6.865  0.346   1.00 0.14 ? 6 DG D "O4'"  1 
ATOM 1037 C "C3'"  . DG D 1 6 ? -7.702  -8.546  1.778   1.00 0.14 ? 6 DG D "C3'"  1 
ATOM 1038 O "O3'"  . DG D 1 6 ? -6.707  -9.489  2.220   1.00 0.20 ? 6 DG D "O3'"  1 
ATOM 1039 C "C2'"  . DG D 1 6 ? -7.324  -7.251  2.462   1.00 0.11 ? 6 DG D "C2'"  1 
ATOM 1040 C "C1'"  . DG D 1 6 ? -6.132  -6.851  1.596   1.00 0.11 ? 6 DG D "C1'"  1 
ATOM 1041 N N9     . DG D 1 6 ? -5.684  -5.506  1.983   1.00 0.11 ? 6 DG D N9     1 
ATOM 1042 C C8     . DG D 1 6 ? -6.393  -4.338  2.029   1.00 0.12 ? 6 DG D C8     1 
ATOM 1043 N N7     . DG D 1 6 ? -5.705  -3.317  2.485   1.00 0.11 ? 6 DG D N7     1 
ATOM 1044 C C5     . DG D 1 6 ? -4.448  -3.874  2.751   1.00 0.09 ? 6 DG D C5     1 
ATOM 1045 C C6     . DG D 1 6 ? -3.262  -3.283  3.266   1.00 0.09 ? 6 DG D C6     1 
ATOM 1046 O O6     . DG D 1 6 ? -3.114  -2.112  3.590   1.00 0.11 ? 6 DG D O6     1 
ATOM 1047 N N1     . DG D 1 6 ? -2.223  -4.204  3.380   1.00 0.08 ? 6 DG D N1     1 
ATOM 1048 C C2     . DG D 1 6 ? -2.328  -5.518  3.034   1.00 0.09 ? 6 DG D C2     1 
ATOM 1049 N N2     . DG D 1 6 ? -1.271  -6.276  3.188   1.00 0.12 ? 6 DG D N2     1 
ATOM 1050 N N3     . DG D 1 6 ? -3.425  -6.076  2.557   1.00 0.10 ? 6 DG D N3     1 
ATOM 1051 C C4     . DG D 1 6 ? -4.441  -5.203  2.441   1.00 0.09 ? 6 DG D C4     1 
ATOM 1052 H "H5'"  . DG D 1 6 ? -8.884  -7.138  -1.221  1.00 0.26 ? 6 DG D "H5'"  1 
ATOM 1053 H "H5''" . DG D 1 6 ? -9.730  -8.343  -0.237  1.00 0.24 ? 6 DG D "H5''" 1 
ATOM 1054 H "H4'"  . DG D 1 6 ? -7.295  -8.750  -0.337  1.00 0.19 ? 6 DG D "H4'"  1 
ATOM 1055 H "H3'"  . DG D 1 6 ? -8.690  -8.915  2.052   1.00 0.20 ? 6 DG D "H3'"  1 
ATOM 1056 H "H2'"  . DG D 1 6 ? -8.108  -6.499  2.374   1.00 0.14 ? 6 DG D "H2'"  1 
ATOM 1057 H "H2''" . DG D 1 6 ? -7.109  -7.375  3.524   1.00 0.19 ? 6 DG D "H2''" 1 
ATOM 1058 H "H1'"  . DG D 1 6 ? -5.328  -7.586  1.645   1.00 0.16 ? 6 DG D "H1'"  1 
ATOM 1059 H H8     . DG D 1 6 ? -7.434  -4.262  1.713   1.00 0.14 ? 6 DG D H8     1 
ATOM 1060 H H1     . DG D 1 6 ? -1.344  -3.891  3.765   1.00 0.10 ? 6 DG D H1     1 
ATOM 1061 H H21    . DG D 1 6 ? -0.361  -5.938  3.462   1.00 0.13 ? 6 DG D H21    1 
ATOM 1062 H H22    . DG D 1 6 ? -1.419  -7.261  3.016   1.00 0.18 ? 6 DG D H22    1 
ATOM 1063 P P      . DG D 1 7 ? -6.062  -10.647 1.311   1.00 0.17 ? 7 DG D P      1 
ATOM 1064 O OP1    . DG D 1 7 ? -6.798  -10.720 0.027   1.00 0.25 ? 7 DG D OP1    1 
ATOM 1065 O OP2    . DG D 1 7 ? -5.954  -11.863 2.143   1.00 0.23 ? 7 DG D OP2    1 
ATOM 1066 O "O5'"  . DG D 1 7 ? -4.590  -10.028 1.048   1.00 0.22 ? 7 DG D "O5'"  1 
ATOM 1067 C "C5'"  . DG D 1 7 ? -3.329  -10.669 1.328   1.00 0.20 ? 7 DG D "C5'"  1 
ATOM 1068 C "C4'"  . DG D 1 7 ? -2.924  -10.797 2.814   1.00 0.14 ? 7 DG D "C4'"  1 
ATOM 1069 O "O4'"  . DG D 1 7 ? -2.772  -9.522  3.473   1.00 0.15 ? 7 DG D "O4'"  1 
ATOM 1070 C "C3'"  . DG D 1 7 ? -3.740  -11.643 3.801   1.00 0.13 ? 7 DG D "C3'"  1 
ATOM 1071 O "O3'"  . DG D 1 7 ? -2.925  -12.381 4.728   1.00 0.16 ? 7 DG D "O3'"  1 
ATOM 1072 C "C2'"  . DG D 1 7 ? -4.529  -10.533 4.490   1.00 0.13 ? 7 DG D "C2'"  1 
ATOM 1073 C "C1'"  . DG D 1 7 ? -3.392  -9.579  4.775   1.00 0.12 ? 7 DG D "C1'"  1 
ATOM 1074 N N9     . DG D 1 7 ? -3.812  -8.220  5.162   1.00 0.11 ? 7 DG D N9     1 
ATOM 1075 C C8     . DG D 1 7 ? -5.030  -7.639  4.995   1.00 0.11 ? 7 DG D C8     1 
ATOM 1076 N N7     . DG D 1 7 ? -5.119  -6.407  5.401   1.00 0.12 ? 7 DG D N7     1 
ATOM 1077 C C5     . DG D 1 7 ? -3.841  -6.152  5.882   1.00 0.11 ? 7 DG D C5     1 
ATOM 1078 C C6     . DG D 1 7 ? -3.310  -4.976  6.459   1.00 0.10 ? 7 DG D C6     1 
ATOM 1079 O O6     . DG D 1 7 ? -3.858  -3.905  6.673   1.00 0.11 ? 7 DG D O6     1 
ATOM 1080 N N1     . DG D 1 7 ? -1.999  -5.146  6.806   1.00 0.10 ? 7 DG D N1     1 
ATOM 1081 C C2     . DG D 1 7 ? -1.272  -6.282  6.635   1.00 0.10 ? 7 DG D C2     1 
ATOM 1082 N N2     . DG D 1 7 ? -0.028  -6.270  7.078   1.00 0.12 ? 7 DG D N2     1 
ATOM 1083 N N3     . DG D 1 7 ? -1.738  -7.398  6.095   1.00 0.11 ? 7 DG D N3     1 
ATOM 1084 C C4     . DG D 1 7 ? -3.038  -7.258  5.742   1.00 0.11 ? 7 DG D C4     1 
ATOM 1085 H "H5'"  . DG D 1 7 ? -2.551  -10.076 0.848   1.00 0.25 ? 7 DG D "H5'"  1 
ATOM 1086 H "H5''" . DG D 1 7 ? -3.323  -11.664 0.882   1.00 0.26 ? 7 DG D "H5''" 1 
ATOM 1087 H "H4'"  . DG D 1 7 ? -1.935  -11.253 2.807   1.00 0.20 ? 7 DG D "H4'"  1 
ATOM 1088 H "H3'"  . DG D 1 7 ? -4.374  -12.347 3.262   1.00 0.21 ? 7 DG D "H3'"  1 
ATOM 1089 H "H2'"  . DG D 1 7 ? -5.252  -10.091 3.803   1.00 0.18 ? 7 DG D "H2'"  1 
ATOM 1090 H "H2''" . DG D 1 7 ? -5.019  -10.855 5.409   1.00 0.17 ? 7 DG D "H2''" 1 
ATOM 1091 H "H1'"  . DG D 1 7 ? -2.710  -10.002 5.513   1.00 0.16 ? 7 DG D "H1'"  1 
ATOM 1092 H H8     . DG D 1 7 ? -5.860  -8.194  4.558   1.00 0.14 ? 7 DG D H8     1 
ATOM 1093 H H1     . DG D 1 7 ? -1.502  -4.376  7.232   1.00 0.12 ? 7 DG D H1     1 
ATOM 1094 H H21    . DG D 1 7 ? 0.431   -5.463  7.476   1.00 0.16 ? 7 DG D H21    1 
ATOM 1095 H H22    . DG D 1 7 ? 0.491   -7.135  7.019   1.00 0.16 ? 7 DG D H22    1 
ATOM 1096 P P      . DA D 1 8 ? -3.237  -12.784 6.254   1.00 0.17 ? 8 DA D P      1 
ATOM 1097 O OP1    . DA D 1 8 ? -2.750  -14.169 6.441   1.00 0.24 ? 8 DA D OP1    1 
ATOM 1098 O OP2    . DA D 1 8 ? -4.648  -12.458 6.578   1.00 0.20 ? 8 DA D OP2    1 
ATOM 1099 O "O5'"  . DA D 1 8 ? -2.237  -11.796 7.045   1.00 0.21 ? 8 DA D "O5'"  1 
ATOM 1100 C "C5'"  . DA D 1 8 ? -0.964  -12.252 7.538   1.00 0.22 ? 8 DA D "C5'"  1 
ATOM 1101 C "C4'"  . DA D 1 8 ? -0.504  -11.466 8.761   1.00 0.20 ? 8 DA D "C4'"  1 
ATOM 1102 O "O4'"  . DA D 1 8 ? -0.305  -10.103 8.377   1.00 0.20 ? 8 DA D "O4'"  1 
ATOM 1103 C "C3'"  . DA D 1 8 ? -1.501  -11.341 9.921   1.00 0.19 ? 8 DA D "C3'"  1 
ATOM 1104 O "O3'"  . DA D 1 8 ? -1.758  -12.433 10.807  1.00 0.24 ? 8 DA D "O3'"  1 
ATOM 1105 C "C2'"  . DA D 1 8 ? -0.792  -10.242 10.680  1.00 0.17 ? 8 DA D "C2'"  1 
ATOM 1106 C "C1'"  . DA D 1 8 ? -0.599  -9.284  9.510   1.00 0.16 ? 8 DA D "C1'"  1 
ATOM 1107 N N9     . DA D 1 8 ? -1.747  -8.414  9.257   1.00 0.14 ? 8 DA D N9     1 
ATOM 1108 C C8     . DA D 1 8 ? -2.907  -8.643  8.573   1.00 0.13 ? 8 DA D C8     1 
ATOM 1109 N N7     . DA D 1 8 ? -3.724  -7.618  8.584   1.00 0.13 ? 8 DA D N7     1 
ATOM 1110 C C5     . DA D 1 8 ? -3.047  -6.652  9.323   1.00 0.12 ? 8 DA D C5     1 
ATOM 1111 C C6     . DA D 1 8 ? -3.351  -5.332  9.711   1.00 0.12 ? 8 DA D C6     1 
ATOM 1112 N N6     . DA D 1 8 ? -4.485  -4.705  9.405   1.00 0.13 ? 8 DA D N6     1 
ATOM 1113 N N1     . DA D 1 8 ? -2.433  -4.679  10.440  1.00 0.13 ? 8 DA D N1     1 
ATOM 1114 C C2     . DA D 1 8 ? -1.297  -5.291  10.763  1.00 0.13 ? 8 DA D C2     1 
ATOM 1115 N N3     . DA D 1 8 ? -0.906  -6.516  10.460  1.00 0.13 ? 8 DA D N3     1 
ATOM 1116 C C4     . DA D 1 8 ? -1.844  -7.143  9.729   1.00 0.13 ? 8 DA D C4     1 
ATOM 1117 H "H5'"  . DA D 1 8 ? -0.207  -12.179 6.758   1.00 0.29 ? 8 DA D "H5'"  1 
ATOM 1118 H "H5''" . DA D 1 8 ? -1.054  -13.300 7.831   1.00 0.29 ? 8 DA D "H5''" 1 
ATOM 1119 H "H4'"  . DA D 1 8 ? 0.427   -11.891 9.137   1.00 0.28 ? 8 DA D "H4'"  1 
ATOM 1120 H "H3'"  . DA D 1 8 ? -2.456  -10.974 9.546   1.00 0.20 ? 8 DA D "H3'"  1 
ATOM 1121 H "H2'"  . DA D 1 8 ? -1.369  -9.800  11.493  1.00 0.23 ? 8 DA D "H2'"  1 
ATOM 1122 H "H2''" . DA D 1 8 ? 0.164   -10.616 11.043  1.00 0.25 ? 8 DA D "H2''" 1 
ATOM 1123 H "H1'"  . DA D 1 8 ? 0.277   -8.666  9.711   1.00 0.24 ? 8 DA D "H1'"  1 
ATOM 1124 H H8     . DA D 1 8 ? -3.111  -9.586  8.066   1.00 0.16 ? 8 DA D H8     1 
ATOM 1125 H H61    . DA D 1 8 ? -4.627  -3.758  9.727   1.00 0.18 ? 8 DA D H61    1 
ATOM 1126 H H62    . DA D 1 8 ? -5.178  -5.196  8.858   1.00 0.17 ? 8 DA D H62    1 
ATOM 1127 H H2     . DA D 1 8 ? -0.592  -4.704  11.352  1.00 0.17 ? 8 DA D H2     1 
ATOM 1128 P P      . DT D 1 9 ? -2.328  -13.825 10.252  1.00 0.26 ? 9 DT D P      1 
ATOM 1129 O OP1    . DT D 1 9 ? -2.961  -14.525 11.391  1.00 0.32 ? 9 DT D OP1    1 
ATOM 1130 O OP2    . DT D 1 9 ? -1.264  -14.506 9.478   1.00 0.30 ? 9 DT D OP2    1 
ATOM 1131 O "O5'"  . DT D 1 9 ? -3.502  -13.363 9.243   1.00 0.24 ? 9 DT D "O5'"  1 
ATOM 1132 C "C5'"  . DT D 1 9 ? -4.847  -13.056 9.648   1.00 0.26 ? 9 DT D "C5'"  1 
ATOM 1133 C "C4'"  . DT D 1 9 ? -5.064  -11.585 10.022  1.00 0.23 ? 9 DT D "C4'"  1 
ATOM 1134 O "O4'"  . DT D 1 9 ? -4.862  -10.729 8.881   1.00 0.18 ? 9 DT D "O4'"  1 
ATOM 1135 C "C3'"  . DT D 1 9 ? -6.491  -11.234 10.436  1.00 0.25 ? 9 DT D "C3'"  1 
ATOM 1136 O "O3'"  . DT D 1 9 ? -6.835  -11.744 11.731  1.00 0.34 ? 9 DT D "O3'"  1 
ATOM 1137 C "C2'"  . DT D 1 9 ? -6.373  -9.722  10.333  1.00 0.23 ? 9 DT D "C2'"  1 
ATOM 1138 C "C1'"  . DT D 1 9 ? -5.792  -9.624  8.928   1.00 0.16 ? 9 DT D "C1'"  1 
ATOM 1139 N N1     . DT D 1 9 ? -6.701  -9.664  7.747   1.00 0.17 ? 9 DT D N1     1 
ATOM 1140 C C2     . DT D 1 9 ? -7.242  -8.484  7.237   1.00 0.19 ? 9 DT D C2     1 
ATOM 1141 O O2     . DT D 1 9 ? -7.008  -7.384  7.732   1.00 0.22 ? 9 DT D O2     1 
ATOM 1142 N N3     . DT D 1 9 ? -8.056  -8.626  6.125   1.00 0.23 ? 9 DT D N3     1 
ATOM 1143 C C4     . DT D 1 9 ? -8.369  -9.813  5.492   1.00 0.25 ? 9 DT D C4     1 
ATOM 1144 O O4     . DT D 1 9 ? -9.108  -9.812  4.509   1.00 0.33 ? 9 DT D O4     1 
ATOM 1145 C C5     . DT D 1 9 ? -7.758  -10.977 6.096   1.00 0.24 ? 9 DT D C5     1 
ATOM 1146 C C7     . DT D 1 9 ? -7.964  -12.373 5.522   1.00 0.32 ? 9 DT D C7     1 
ATOM 1147 C C6     . DT D 1 9 ? -6.972  -10.864 7.170   1.00 0.20 ? 9 DT D C6     1 
ATOM 1148 H "H5'"  . DT D 1 9 ? -5.121  -13.677 10.500  1.00 0.31 ? 9 DT D "H5'"  1 
ATOM 1149 H "H5''" . DT D 1 9 ? -5.506  -13.302 8.815   1.00 0.27 ? 9 DT D "H5''" 1 
ATOM 1150 H "H4'"  . DT D 1 9 ? -4.375  -11.310 10.820  1.00 0.28 ? 9 DT D "H4'"  1 
ATOM 1151 H "H3'"  . DT D 1 9 ? -7.211  -11.595 9.701   1.00 0.28 ? 9 DT D "H3'"  1 
ATOM 1152 H "HO3'" . DT D 1 9 ? -6.209  -11.381 12.362  1.00 1.06 ? 9 DT D "HO3'" 1 
ATOM 1153 H "H2'"  . DT D 1 9 ? -7.319  -9.187  10.426  1.00 0.29 ? 9 DT D "H2'"  1 
ATOM 1154 H "H2''" . DT D 1 9 ? -5.657  -9.368  11.076  1.00 0.28 ? 9 DT D "H2''" 1 
ATOM 1155 H "H1'"  . DT D 1 9 ? -5.262  -8.672  8.883   1.00 0.21 ? 9 DT D "H1'"  1 
ATOM 1156 H H3     . DT D 1 9 ? -8.470  -7.798  5.719   1.00 0.29 ? 9 DT D H3     1 
ATOM 1157 H H71    . DT D 1 9 ? -8.607  -12.320 4.643   1.00 0.46 ? 9 DT D H71    1 
ATOM 1158 H H72    . DT D 1 9 ? -8.429  -13.016 6.270   1.00 0.46 ? 9 DT D H72    1 
ATOM 1159 H H73    . DT D 1 9 ? -6.999  -12.791 5.236   1.00 0.49 ? 9 DT D H73    1 
ATOM 1160 H H6     . DT D 1 9 ? -6.542  -11.779 7.581   1.00 0.24 ? 9 DT D H6     1 
# 
